data_1PUZ
#
_entry.id   1PUZ
#
_entity_poly.entity_id   1
_entity_poly.type   'polypeptide(L)'
_entity_poly.pdbx_seq_one_letter_code
;MMVFDDIAKRKIRFQTRRGLLELDLIFGRFMEKEFEHLSDKELSEFSEILEFQDQELLALINGHSETDKGHLIPMLEKIR
RA
;
_entity_poly.pdbx_strand_id   A
#
# COMPACT_ATOMS: atom_id res chain seq x y z
N MET A 1 9.39 -6.53 12.82
CA MET A 1 10.84 -6.54 12.86
C MET A 1 11.43 -6.77 11.46
N MET A 2 10.86 -6.07 10.50
CA MET A 2 11.32 -6.17 9.12
C MET A 2 11.27 -7.62 8.65
N VAL A 3 10.08 -8.02 8.19
CA VAL A 3 9.89 -9.37 7.71
C VAL A 3 9.30 -9.32 6.29
N PHE A 4 9.43 -10.44 5.60
CA PHE A 4 8.92 -10.53 4.24
C PHE A 4 9.31 -11.87 3.60
N ASP A 5 8.30 -12.60 3.14
CA ASP A 5 8.52 -13.88 2.51
C ASP A 5 7.50 -14.08 1.38
N ASP A 6 7.56 -15.26 0.78
CA ASP A 6 6.65 -15.58 -0.30
C ASP A 6 5.22 -15.23 0.11
N ILE A 7 5.00 -15.22 1.41
CA ILE A 7 3.68 -14.90 1.95
C ILE A 7 3.39 -13.43 1.72
N ALA A 8 4.31 -12.59 2.20
CA ALA A 8 4.16 -11.14 2.05
C ALA A 8 3.67 -10.83 0.63
N LYS A 9 4.11 -11.66 -0.30
CA LYS A 9 3.73 -11.47 -1.70
C LYS A 9 2.21 -11.50 -1.81
N ARG A 10 1.63 -12.64 -1.43
CA ARG A 10 0.19 -12.79 -1.49
C ARG A 10 -0.49 -11.84 -0.49
N LYS A 11 0.23 -11.55 0.57
CA LYS A 11 -0.28 -10.66 1.60
C LYS A 11 -0.56 -9.28 0.99
N ILE A 12 0.46 -8.72 0.37
CA ILE A 12 0.35 -7.42 -0.26
C ILE A 12 -1.01 -7.32 -0.96
N ARG A 13 -1.30 -8.34 -1.76
CA ARG A 13 -2.55 -8.38 -2.49
C ARG A 13 -3.70 -8.73 -1.55
N PHE A 14 -3.57 -9.88 -0.90
CA PHE A 14 -4.59 -10.34 0.03
C PHE A 14 -5.11 -9.19 0.88
N GLN A 15 -4.24 -8.19 1.07
CA GLN A 15 -4.60 -7.03 1.87
C GLN A 15 -5.42 -6.05 1.03
N THR A 16 -4.92 -5.78 -0.17
CA THR A 16 -5.59 -4.86 -1.07
C THR A 16 -6.98 -5.39 -1.44
N ARG A 17 -7.55 -4.78 -2.47
CA ARG A 17 -8.87 -5.18 -2.94
C ARG A 17 -9.92 -4.92 -1.85
N ARG A 18 -10.97 -4.23 -2.25
CA ARG A 18 -12.05 -3.90 -1.33
C ARG A 18 -13.27 -3.41 -2.11
N GLY A 19 -14.03 -2.53 -1.45
CA GLY A 19 -15.23 -1.99 -2.06
C GLY A 19 -14.91 -0.73 -2.87
N LEU A 20 -13.76 -0.77 -3.53
CA LEU A 20 -13.33 0.35 -4.35
C LEU A 20 -12.75 -0.17 -5.66
N LEU A 21 -13.50 0.03 -6.74
CA LEU A 21 -13.07 -0.41 -8.05
C LEU A 21 -11.79 0.32 -8.43
N GLU A 22 -11.91 1.64 -8.56
CA GLU A 22 -10.77 2.46 -8.92
C GLU A 22 -9.54 2.06 -8.09
N LEU A 23 -9.76 1.97 -6.79
CA LEU A 23 -8.69 1.60 -5.88
C LEU A 23 -8.17 0.20 -6.23
N ASP A 24 -9.08 -0.60 -6.77
CA ASP A 24 -8.73 -1.96 -7.16
C ASP A 24 -7.87 -1.93 -8.42
N LEU A 25 -8.14 -0.93 -9.25
CA LEU A 25 -7.40 -0.77 -10.49
C LEU A 25 -6.00 -0.22 -10.18
N ILE A 26 -5.98 0.84 -9.37
CA ILE A 26 -4.73 1.47 -8.98
C ILE A 26 -3.72 0.38 -8.62
N PHE A 27 -4.05 -0.37 -7.58
CA PHE A 27 -3.18 -1.43 -7.11
C PHE A 27 -2.59 -2.22 -8.29
N GLY A 28 -3.45 -2.49 -9.26
CA GLY A 28 -3.04 -3.24 -10.44
C GLY A 28 -1.67 -2.76 -10.93
N ARG A 29 -1.63 -1.48 -11.30
CA ARG A 29 -0.39 -0.89 -11.80
C ARG A 29 0.46 -0.39 -10.62
N PHE A 30 -0.20 0.34 -9.73
CA PHE A 30 0.49 0.89 -8.57
C PHE A 30 1.52 -0.11 -8.02
N MET A 31 1.03 -1.28 -7.65
CA MET A 31 1.90 -2.32 -7.12
C MET A 31 2.91 -2.78 -8.17
N GLU A 32 2.39 -3.25 -9.29
CA GLU A 32 3.24 -3.72 -10.37
C GLU A 32 4.35 -2.71 -10.65
N LYS A 33 4.07 -1.46 -10.29
CA LYS A 33 5.04 -0.39 -10.49
C LYS A 33 5.87 -0.20 -9.22
N GLU A 34 5.16 -0.16 -8.09
CA GLU A 34 5.81 0.02 -6.81
C GLU A 34 6.28 -1.33 -6.26
N PHE A 35 5.31 -2.16 -5.89
CA PHE A 35 5.61 -3.47 -5.35
C PHE A 35 6.77 -4.13 -6.10
N GLU A 36 6.88 -3.78 -7.38
CA GLU A 36 7.94 -4.32 -8.22
C GLU A 36 9.30 -3.83 -7.72
N HIS A 37 9.37 -2.52 -7.45
CA HIS A 37 10.60 -1.92 -6.97
C HIS A 37 10.69 -2.08 -5.45
N LEU A 38 9.55 -1.87 -4.80
CA LEU A 38 9.49 -1.99 -3.35
C LEU A 38 10.25 -3.23 -2.90
N SER A 39 11.36 -3.01 -2.23
CA SER A 39 12.19 -4.10 -1.74
C SER A 39 11.54 -4.74 -0.52
N ASP A 40 12.08 -5.87 -0.12
CA ASP A 40 11.57 -6.59 1.04
C ASP A 40 11.28 -5.59 2.16
N LYS A 41 12.30 -4.81 2.49
CA LYS A 41 12.17 -3.82 3.55
C LYS A 41 10.98 -2.90 3.23
N GLU A 42 11.04 -2.31 2.04
CA GLU A 42 9.99 -1.41 1.61
C GLU A 42 8.62 -2.10 1.72
N LEU A 43 8.60 -3.35 1.28
CA LEU A 43 7.37 -4.13 1.32
C LEU A 43 6.79 -4.09 2.74
N SER A 44 7.68 -3.92 3.71
CA SER A 44 7.27 -3.86 5.10
C SER A 44 6.37 -2.65 5.33
N GLU A 45 6.77 -1.53 4.73
CA GLU A 45 6.01 -0.30 4.87
C GLU A 45 4.67 -0.43 4.15
N PHE A 46 4.72 -0.96 2.94
CA PHE A 46 3.52 -1.14 2.13
C PHE A 46 2.40 -1.75 2.98
N SER A 47 2.77 -2.72 3.80
CA SER A 47 1.81 -3.39 4.66
C SER A 47 1.20 -2.39 5.64
N GLU A 48 2.01 -1.42 6.02
CA GLU A 48 1.57 -0.40 6.96
C GLU A 48 0.50 0.48 6.33
N ILE A 49 0.74 0.85 5.08
CA ILE A 49 -0.20 1.69 4.35
C ILE A 49 -1.40 0.84 3.91
N LEU A 50 -1.09 -0.35 3.42
CA LEU A 50 -2.13 -1.26 2.95
C LEU A 50 -3.06 -1.58 4.12
N GLU A 51 -2.48 -1.70 5.30
CA GLU A 51 -3.24 -2.01 6.49
C GLU A 51 -4.57 -1.25 6.48
N PHE A 52 -4.50 -0.01 6.00
CA PHE A 52 -5.69 0.82 5.92
C PHE A 52 -6.67 0.28 4.88
N GLN A 53 -7.93 0.63 5.07
CA GLN A 53 -8.98 0.20 4.17
C GLN A 53 -8.85 0.92 2.82
N ASP A 54 -9.70 0.51 1.89
CA ASP A 54 -9.69 1.10 0.56
C ASP A 54 -10.17 2.55 0.64
N GLN A 55 -11.34 2.70 1.24
CA GLN A 55 -11.93 4.02 1.40
C GLN A 55 -10.92 4.99 2.04
N GLU A 56 -10.48 4.62 3.23
CA GLU A 56 -9.52 5.43 3.95
C GLU A 56 -8.32 5.76 3.06
N LEU A 57 -7.80 4.72 2.42
CA LEU A 57 -6.66 4.89 1.54
C LEU A 57 -6.96 5.99 0.53
N LEU A 58 -8.00 5.78 -0.26
CA LEU A 58 -8.40 6.75 -1.26
C LEU A 58 -8.52 8.12 -0.62
N ALA A 59 -9.43 8.23 0.34
CA ALA A 59 -9.64 9.48 1.03
C ALA A 59 -8.30 10.05 1.48
N LEU A 60 -7.48 9.18 2.06
CA LEU A 60 -6.17 9.58 2.53
C LEU A 60 -5.47 10.40 1.44
N ILE A 61 -5.22 9.74 0.32
CA ILE A 61 -4.56 10.39 -0.80
C ILE A 61 -5.26 11.72 -1.10
N ASN A 62 -6.58 11.66 -1.17
CA ASN A 62 -7.36 12.85 -1.44
C ASN A 62 -7.10 13.89 -0.35
N GLY A 63 -6.75 13.40 0.83
CA GLY A 63 -6.47 14.27 1.95
C GLY A 63 -7.61 14.22 2.98
N HIS A 64 -8.32 13.11 2.98
CA HIS A 64 -9.42 12.91 3.90
C HIS A 64 -8.90 12.40 5.24
N SER A 65 -8.66 11.09 5.28
CA SER A 65 -8.16 10.46 6.49
C SER A 65 -6.74 10.95 6.78
N GLU A 66 -6.22 10.50 7.92
CA GLU A 66 -4.88 10.90 8.33
C GLU A 66 -4.03 9.65 8.61
N THR A 67 -2.75 9.89 8.84
CA THR A 67 -1.82 8.81 9.12
C THR A 67 -1.10 9.05 10.44
N ASP A 68 -1.27 8.10 11.36
CA ASP A 68 -0.65 8.21 12.67
C ASP A 68 0.71 7.49 12.64
N LYS A 69 1.37 7.60 11.50
CA LYS A 69 2.67 6.97 11.33
C LYS A 69 3.49 7.76 10.31
N GLY A 70 4.69 8.14 10.73
CA GLY A 70 5.57 8.91 9.87
C GLY A 70 6.35 7.99 8.93
N HIS A 71 6.18 6.69 9.14
CA HIS A 71 6.86 5.70 8.33
C HIS A 71 6.13 5.56 6.99
N LEU A 72 4.92 6.11 6.95
CA LEU A 72 4.12 6.05 5.74
C LEU A 72 4.25 7.37 4.98
N ILE A 73 4.63 8.40 5.72
CA ILE A 73 4.80 9.72 5.13
C ILE A 73 5.57 9.59 3.81
N PRO A 74 6.69 8.83 3.87
CA PRO A 74 7.52 8.62 2.68
C PRO A 74 6.85 7.63 1.72
N MET A 75 6.37 6.53 2.30
CA MET A 75 5.71 5.51 1.50
C MET A 75 4.53 6.09 0.73
N LEU A 76 3.87 7.05 1.35
CA LEU A 76 2.72 7.69 0.74
C LEU A 76 3.18 8.45 -0.52
N GLU A 77 4.26 9.19 -0.36
CA GLU A 77 4.81 9.97 -1.46
C GLU A 77 5.05 9.07 -2.67
N LYS A 78 5.81 8.01 -2.45
CA LYS A 78 6.12 7.06 -3.50
C LYS A 78 4.83 6.37 -3.95
N ILE A 79 4.18 5.71 -3.00
CA ILE A 79 2.95 5.01 -3.28
C ILE A 79 1.98 5.96 -3.99
N ARG A 80 1.52 6.94 -3.24
CA ARG A 80 0.59 7.91 -3.77
C ARG A 80 0.97 8.29 -5.21
N ARG A 81 2.28 8.31 -5.44
CA ARG A 81 2.78 8.65 -6.76
C ARG A 81 2.18 7.73 -7.82
N ALA A 82 2.56 6.46 -7.75
CA ALA A 82 2.06 5.47 -8.68
C ALA A 82 0.54 5.46 -8.65
N MET A 1 12.35 -6.50 13.04
CA MET A 1 13.51 -7.31 12.74
C MET A 1 13.11 -8.69 12.22
N MET A 2 12.74 -8.72 10.95
CA MET A 2 12.32 -9.97 10.33
C MET A 2 12.21 -9.81 8.81
N VAL A 3 12.52 -10.88 8.10
CA VAL A 3 12.45 -10.87 6.65
C VAL A 3 11.11 -11.46 6.20
N PHE A 4 10.72 -11.10 4.98
CA PHE A 4 9.47 -11.59 4.43
C PHE A 4 9.70 -12.79 3.51
N ASP A 5 8.60 -13.37 3.06
CA ASP A 5 8.67 -14.53 2.18
C ASP A 5 7.55 -14.44 1.14
N ASP A 6 7.62 -15.33 0.16
CA ASP A 6 6.62 -15.36 -0.89
C ASP A 6 5.24 -15.13 -0.28
N ILE A 7 5.03 -15.74 0.87
CA ILE A 7 3.76 -15.62 1.57
C ILE A 7 3.45 -14.13 1.79
N ALA A 8 4.43 -13.44 2.35
CA ALA A 8 4.27 -12.02 2.63
C ALA A 8 3.78 -11.32 1.37
N LYS A 9 4.37 -11.69 0.24
CA LYS A 9 4.00 -11.11 -1.03
C LYS A 9 2.48 -11.18 -1.19
N ARG A 10 1.96 -12.39 -1.12
CA ARG A 10 0.54 -12.61 -1.26
C ARG A 10 -0.24 -11.56 -0.46
N LYS A 11 0.23 -11.31 0.75
CA LYS A 11 -0.41 -10.34 1.62
C LYS A 11 -0.55 -9.01 0.88
N ILE A 12 0.55 -8.62 0.23
CA ILE A 12 0.56 -7.37 -0.53
C ILE A 12 -0.77 -7.22 -1.27
N ARG A 13 -1.11 -8.25 -2.04
CA ARG A 13 -2.35 -8.24 -2.80
C ARG A 13 -3.54 -8.51 -1.89
N PHE A 14 -3.43 -9.59 -1.12
CA PHE A 14 -4.48 -9.96 -0.20
C PHE A 14 -4.94 -8.76 0.64
N GLN A 15 -4.05 -7.80 0.76
CA GLN A 15 -4.34 -6.60 1.52
C GLN A 15 -5.07 -5.57 0.65
N THR A 16 -4.54 -5.38 -0.55
CA THR A 16 -5.13 -4.44 -1.50
C THR A 16 -6.56 -4.86 -1.83
N ARG A 17 -7.08 -4.25 -2.88
CA ARG A 17 -8.44 -4.54 -3.32
C ARG A 17 -9.39 -4.55 -2.14
N ARG A 18 -10.63 -4.91 -2.42
CA ARG A 18 -11.65 -4.96 -1.39
C ARG A 18 -11.73 -3.63 -0.63
N GLY A 19 -12.75 -2.87 -0.96
CA GLY A 19 -12.95 -1.57 -0.33
C GLY A 19 -13.48 -0.55 -1.32
N LEU A 20 -12.76 -0.40 -2.42
CA LEU A 20 -13.15 0.55 -3.45
C LEU A 20 -12.81 -0.05 -4.82
N LEU A 21 -13.70 0.21 -5.78
CA LEU A 21 -13.51 -0.30 -7.13
C LEU A 21 -12.22 0.30 -7.70
N GLU A 22 -12.27 1.59 -7.98
CA GLU A 22 -11.12 2.29 -8.54
C GLU A 22 -9.84 1.83 -7.84
N LEU A 23 -9.95 1.65 -6.54
CA LEU A 23 -8.81 1.21 -5.75
C LEU A 23 -8.25 -0.08 -6.33
N ASP A 24 -9.12 -1.07 -6.43
CA ASP A 24 -8.73 -2.37 -6.97
C ASP A 24 -7.90 -2.15 -8.25
N LEU A 25 -8.29 -1.12 -8.99
CA LEU A 25 -7.61 -0.80 -10.23
C LEU A 25 -6.27 -0.13 -9.91
N ILE A 26 -6.35 0.94 -9.15
CA ILE A 26 -5.16 1.69 -8.76
C ILE A 26 -4.02 0.70 -8.46
N PHE A 27 -4.29 -0.19 -7.51
CA PHE A 27 -3.30 -1.18 -7.12
C PHE A 27 -2.70 -1.86 -8.36
N GLY A 28 -3.57 -2.19 -9.30
CA GLY A 28 -3.14 -2.83 -10.53
C GLY A 28 -1.85 -2.21 -11.06
N ARG A 29 -1.87 -0.89 -11.16
CA ARG A 29 -0.72 -0.16 -11.65
C ARG A 29 0.26 0.11 -10.50
N PHE A 30 -0.25 0.80 -9.49
CA PHE A 30 0.57 1.13 -8.33
C PHE A 30 1.51 -0.02 -7.97
N MET A 31 1.02 -1.24 -8.20
CA MET A 31 1.81 -2.42 -7.91
C MET A 31 2.82 -2.70 -9.03
N GLU A 32 2.30 -2.83 -10.23
CA GLU A 32 3.14 -3.09 -11.38
C GLU A 32 4.36 -2.16 -11.39
N LYS A 33 4.19 -1.02 -10.72
CA LYS A 33 5.25 -0.05 -10.63
C LYS A 33 6.09 -0.31 -9.38
N GLU A 34 5.39 -0.47 -8.26
CA GLU A 34 6.05 -0.72 -7.00
C GLU A 34 6.23 -2.23 -6.79
N PHE A 35 5.12 -2.90 -6.54
CA PHE A 35 5.15 -4.34 -6.32
C PHE A 35 6.08 -5.02 -7.33
N GLU A 36 6.29 -4.34 -8.44
CA GLU A 36 7.15 -4.87 -9.49
C GLU A 36 8.30 -5.69 -8.88
N HIS A 37 8.95 -5.08 -7.89
CA HIS A 37 10.06 -5.73 -7.22
C HIS A 37 10.27 -5.09 -5.85
N LEU A 38 9.18 -4.98 -5.11
CA LEU A 38 9.23 -4.40 -3.78
C LEU A 38 10.23 -5.17 -2.93
N SER A 39 11.12 -4.42 -2.29
CA SER A 39 12.13 -5.03 -1.44
C SER A 39 11.50 -5.49 -0.11
N ASP A 40 12.36 -5.97 0.78
CA ASP A 40 11.90 -6.44 2.07
C ASP A 40 11.49 -5.23 2.93
N LYS A 41 12.44 -4.33 3.13
CA LYS A 41 12.20 -3.15 3.93
C LYS A 41 11.02 -2.37 3.32
N GLU A 42 10.92 -2.44 2.00
CA GLU A 42 9.86 -1.76 1.30
C GLU A 42 8.50 -2.38 1.64
N LEU A 43 8.44 -3.69 1.52
CA LEU A 43 7.22 -4.42 1.82
C LEU A 43 6.68 -3.96 3.18
N SER A 44 7.57 -3.95 4.15
CA SER A 44 7.19 -3.54 5.50
C SER A 44 6.28 -2.32 5.44
N GLU A 45 6.79 -1.27 4.83
CA GLU A 45 6.04 -0.03 4.70
C GLU A 45 4.68 -0.31 4.05
N PHE A 46 4.73 -0.98 2.91
CA PHE A 46 3.52 -1.31 2.18
C PHE A 46 2.47 -1.94 3.11
N SER A 47 2.90 -2.98 3.82
CA SER A 47 2.02 -3.66 4.74
C SER A 47 1.55 -2.71 5.84
N GLU A 48 2.40 -1.73 6.12
CA GLU A 48 2.09 -0.74 7.14
C GLU A 48 1.10 0.29 6.61
N ILE A 49 1.31 0.67 5.36
CA ILE A 49 0.44 1.64 4.71
C ILE A 49 -0.86 0.96 4.31
N LEU A 50 -0.72 -0.20 3.68
CA LEU A 50 -1.88 -0.96 3.24
C LEU A 50 -2.81 -1.20 4.43
N GLU A 51 -2.24 -1.07 5.62
CA GLU A 51 -3.01 -1.26 6.84
C GLU A 51 -4.44 -0.74 6.66
N PHE A 52 -4.54 0.35 5.92
CA PHE A 52 -5.84 0.96 5.67
C PHE A 52 -6.53 0.31 4.47
N GLN A 53 -7.85 0.36 4.49
CA GLN A 53 -8.64 -0.21 3.41
C GLN A 53 -8.65 0.71 2.20
N ASP A 54 -9.24 0.22 1.12
CA ASP A 54 -9.32 0.99 -0.11
C ASP A 54 -9.90 2.38 0.20
N GLN A 55 -11.15 2.37 0.64
CA GLN A 55 -11.82 3.61 0.98
C GLN A 55 -10.89 4.54 1.74
N GLU A 56 -10.45 4.07 2.90
CA GLU A 56 -9.55 4.84 3.74
C GLU A 56 -8.32 5.27 2.94
N LEU A 57 -7.77 4.30 2.21
CA LEU A 57 -6.59 4.56 1.40
C LEU A 57 -6.87 5.74 0.46
N LEU A 58 -7.86 5.56 -0.39
CA LEU A 58 -8.24 6.59 -1.34
C LEU A 58 -8.33 7.93 -0.61
N ALA A 59 -9.23 7.99 0.34
CA ALA A 59 -9.44 9.21 1.12
C ALA A 59 -8.07 9.73 1.58
N LEU A 60 -7.27 8.82 2.10
CA LEU A 60 -5.95 9.16 2.59
C LEU A 60 -5.19 9.91 1.49
N ILE A 61 -4.99 9.23 0.38
CA ILE A 61 -4.29 9.80 -0.74
C ILE A 61 -4.84 11.20 -1.04
N ASN A 62 -6.17 11.27 -1.10
CA ASN A 62 -6.84 12.53 -1.36
C ASN A 62 -6.47 13.53 -0.27
N GLY A 63 -6.22 13.00 0.92
CA GLY A 63 -5.87 13.84 2.05
C GLY A 63 -6.99 13.86 3.09
N HIS A 64 -7.93 12.95 2.91
CA HIS A 64 -9.06 12.86 3.83
C HIS A 64 -8.60 12.28 5.17
N SER A 65 -8.48 10.96 5.19
CA SER A 65 -8.04 10.28 6.40
C SER A 65 -6.62 10.70 6.76
N GLU A 66 -6.24 10.41 7.99
CA GLU A 66 -4.91 10.76 8.48
C GLU A 66 -4.13 9.49 8.82
N THR A 67 -2.83 9.67 9.03
CA THR A 67 -1.96 8.56 9.38
C THR A 67 -1.38 8.75 10.77
N ASP A 68 -1.63 7.77 11.62
CA ASP A 68 -1.14 7.82 12.99
C ASP A 68 0.33 7.36 13.02
N LYS A 69 0.88 7.18 11.83
CA LYS A 69 2.25 6.76 11.69
C LYS A 69 2.96 7.63 10.65
N GLY A 70 3.98 8.35 11.12
CA GLY A 70 4.74 9.22 10.24
C GLY A 70 5.59 8.41 9.27
N HIS A 71 5.53 7.09 9.42
CA HIS A 71 6.28 6.19 8.56
C HIS A 71 5.55 6.01 7.24
N LEU A 72 4.38 6.64 7.16
CA LEU A 72 3.57 6.53 5.95
C LEU A 72 3.59 7.88 5.22
N ILE A 73 3.71 8.95 6.00
CA ILE A 73 3.75 10.29 5.44
C ILE A 73 4.63 10.28 4.18
N PRO A 74 5.84 9.71 4.33
CA PRO A 74 6.77 9.63 3.21
C PRO A 74 6.35 8.56 2.21
N MET A 75 6.08 7.37 2.74
CA MET A 75 5.66 6.26 1.91
C MET A 75 4.44 6.63 1.07
N LEU A 76 3.67 7.58 1.58
CA LEU A 76 2.48 8.04 0.89
C LEU A 76 2.89 8.86 -0.34
N GLU A 77 3.98 9.60 -0.17
CA GLU A 77 4.47 10.44 -1.25
C GLU A 77 4.90 9.58 -2.44
N LYS A 78 5.79 8.63 -2.16
CA LYS A 78 6.28 7.74 -3.19
C LYS A 78 5.10 7.01 -3.83
N ILE A 79 4.40 6.25 -3.00
CA ILE A 79 3.24 5.50 -3.46
C ILE A 79 2.31 6.43 -4.25
N ARG A 80 1.97 7.54 -3.62
CA ARG A 80 1.09 8.51 -4.25
C ARG A 80 1.55 8.80 -5.69
N ARG A 81 2.85 8.97 -5.84
CA ARG A 81 3.43 9.25 -7.14
C ARG A 81 2.94 8.21 -8.16
N ALA A 82 3.29 6.96 -7.91
CA ALA A 82 2.89 5.88 -8.79
C ALA A 82 1.37 5.88 -8.94
N MET A 1 12.91 -9.75 13.55
CA MET A 1 12.08 -10.26 12.48
C MET A 1 12.54 -9.71 11.13
N MET A 2 12.41 -10.55 10.11
CA MET A 2 12.82 -10.16 8.76
C MET A 2 12.57 -11.30 7.78
N VAL A 3 11.30 -11.65 7.61
CA VAL A 3 10.94 -12.72 6.70
C VAL A 3 10.66 -12.13 5.32
N PHE A 4 10.70 -13.00 4.32
CA PHE A 4 10.45 -12.58 2.95
C PHE A 4 10.39 -13.79 2.01
N ASP A 5 9.25 -13.91 1.34
CA ASP A 5 9.04 -15.01 0.41
C ASP A 5 7.80 -14.72 -0.44
N ASP A 6 7.58 -15.59 -1.42
CA ASP A 6 6.45 -15.44 -2.31
C ASP A 6 5.22 -15.01 -1.49
N ILE A 7 5.11 -15.57 -0.30
CA ILE A 7 4.01 -15.25 0.58
C ILE A 7 3.99 -13.75 0.85
N ALA A 8 5.14 -13.25 1.30
CA ALA A 8 5.26 -11.83 1.60
C ALA A 8 4.64 -11.01 0.47
N LYS A 9 5.03 -11.36 -0.75
CA LYS A 9 4.53 -10.67 -1.93
C LYS A 9 3.02 -10.88 -2.03
N ARG A 10 2.63 -12.15 -1.96
CA ARG A 10 1.22 -12.51 -2.04
C ARG A 10 0.42 -11.74 -0.98
N LYS A 11 0.99 -11.66 0.21
CA LYS A 11 0.34 -10.97 1.31
C LYS A 11 0.04 -9.53 0.88
N ILE A 12 1.00 -8.93 0.20
CA ILE A 12 0.84 -7.56 -0.27
C ILE A 12 -0.52 -7.41 -0.95
N ARG A 13 -0.76 -8.30 -1.90
CA ARG A 13 -2.01 -8.28 -2.65
C ARG A 13 -3.15 -8.79 -1.77
N PHE A 14 -2.86 -9.83 -1.00
CA PHE A 14 -3.84 -10.42 -0.12
C PHE A 14 -4.26 -9.44 0.98
N GLN A 15 -3.45 -8.41 1.14
CA GLN A 15 -3.72 -7.39 2.15
C GLN A 15 -4.65 -6.32 1.58
N THR A 16 -4.36 -5.90 0.36
CA THR A 16 -5.16 -4.90 -0.31
C THR A 16 -6.62 -5.35 -0.39
N ARG A 17 -7.39 -4.64 -1.19
CA ARG A 17 -8.80 -4.95 -1.38
C ARG A 17 -9.44 -3.97 -2.36
N ARG A 18 -10.39 -4.49 -3.12
CA ARG A 18 -11.09 -3.66 -4.10
C ARG A 18 -12.26 -2.94 -3.44
N GLY A 19 -12.00 -2.41 -2.25
CA GLY A 19 -13.02 -1.70 -1.51
C GLY A 19 -13.67 -0.62 -2.37
N LEU A 20 -12.88 -0.10 -3.30
CA LEU A 20 -13.37 0.93 -4.19
C LEU A 20 -13.02 0.56 -5.64
N LEU A 21 -13.68 1.24 -6.57
CA LEU A 21 -13.45 0.99 -7.98
C LEU A 21 -12.00 1.34 -8.33
N GLU A 22 -11.77 2.63 -8.52
CA GLU A 22 -10.43 3.10 -8.86
C GLU A 22 -9.39 2.40 -8.00
N LEU A 23 -9.68 2.31 -6.71
CA LEU A 23 -8.77 1.67 -5.78
C LEU A 23 -8.41 0.27 -6.30
N ASP A 24 -9.44 -0.53 -6.52
CA ASP A 24 -9.25 -1.88 -7.02
C ASP A 24 -8.27 -1.85 -8.18
N LEU A 25 -8.41 -0.82 -9.01
CA LEU A 25 -7.55 -0.66 -10.17
C LEU A 25 -6.17 -0.18 -9.71
N ILE A 26 -6.18 0.79 -8.81
CA ILE A 26 -4.95 1.34 -8.28
C ILE A 26 -3.99 0.21 -7.94
N PHE A 27 -4.41 -0.63 -7.02
CA PHE A 27 -3.61 -1.77 -6.60
C PHE A 27 -3.18 -2.61 -7.80
N GLY A 28 -3.89 -2.42 -8.90
CA GLY A 28 -3.60 -3.15 -10.11
C GLY A 28 -2.27 -2.70 -10.73
N ARG A 29 -2.18 -1.39 -10.94
CA ARG A 29 -0.98 -0.81 -11.52
C ARG A 29 0.05 -0.52 -10.42
N PHE A 30 -0.42 0.12 -9.37
CA PHE A 30 0.43 0.46 -8.25
C PHE A 30 1.43 -0.67 -7.96
N MET A 31 0.90 -1.79 -7.51
CA MET A 31 1.72 -2.95 -7.20
C MET A 31 2.70 -3.25 -8.34
N GLU A 32 2.15 -3.38 -9.53
CA GLU A 32 2.96 -3.66 -10.70
C GLU A 32 4.20 -2.78 -10.72
N LYS A 33 4.07 -1.62 -10.09
CA LYS A 33 5.17 -0.67 -10.02
C LYS A 33 5.96 -0.92 -8.73
N GLU A 34 5.24 -0.97 -7.63
CA GLU A 34 5.87 -1.20 -6.34
C GLU A 34 6.24 -2.68 -6.17
N PHE A 35 5.22 -3.49 -5.97
CA PHE A 35 5.44 -4.92 -5.81
C PHE A 35 6.48 -5.44 -6.80
N GLU A 36 6.61 -4.72 -7.90
CA GLU A 36 7.58 -5.10 -8.92
C GLU A 36 8.83 -5.71 -8.30
N HIS A 37 9.49 -4.90 -7.47
CA HIS A 37 10.70 -5.35 -6.81
C HIS A 37 10.80 -4.68 -5.43
N LEU A 38 9.74 -4.83 -4.65
CA LEU A 38 9.69 -4.25 -3.32
C LEU A 38 10.90 -4.73 -2.52
N SER A 39 10.84 -4.48 -1.22
CA SER A 39 11.91 -4.89 -0.33
C SER A 39 11.43 -4.88 1.11
N ASP A 40 12.10 -5.68 1.94
CA ASP A 40 11.75 -5.76 3.35
C ASP A 40 11.36 -4.38 3.87
N LYS A 41 12.24 -3.43 3.60
CA LYS A 41 12.01 -2.06 4.03
C LYS A 41 10.59 -1.62 3.61
N GLU A 42 10.34 -1.73 2.31
CA GLU A 42 9.06 -1.36 1.77
C GLU A 42 7.95 -2.25 2.34
N LEU A 43 8.28 -3.53 2.45
CA LEU A 43 7.33 -4.51 2.98
C LEU A 43 6.70 -3.96 4.26
N SER A 44 7.56 -3.37 5.09
CA SER A 44 7.10 -2.79 6.35
C SER A 44 6.00 -1.76 6.08
N GLU A 45 6.37 -0.74 5.32
CA GLU A 45 5.44 0.31 4.98
C GLU A 45 4.19 -0.27 4.30
N PHE A 46 4.43 -0.89 3.16
CA PHE A 46 3.34 -1.50 2.40
C PHE A 46 2.37 -2.23 3.33
N SER A 47 2.90 -3.23 4.01
CA SER A 47 2.10 -4.02 4.93
C SER A 47 1.25 -3.09 5.82
N GLU A 48 1.77 -1.88 6.00
CA GLU A 48 1.08 -0.90 6.82
C GLU A 48 0.05 -0.14 5.99
N ILE A 49 0.56 0.68 5.08
CA ILE A 49 -0.30 1.47 4.21
C ILE A 49 -1.44 0.58 3.69
N LEU A 50 -1.12 -0.69 3.50
CA LEU A 50 -2.09 -1.64 3.00
C LEU A 50 -3.17 -1.87 4.06
N GLU A 51 -2.70 -2.07 5.29
CA GLU A 51 -3.60 -2.30 6.41
C GLU A 51 -4.84 -1.41 6.27
N PHE A 52 -4.63 -0.22 5.73
CA PHE A 52 -5.72 0.73 5.55
C PHE A 52 -6.66 0.26 4.43
N GLN A 53 -7.91 0.68 4.55
CA GLN A 53 -8.91 0.31 3.56
C GLN A 53 -8.83 1.24 2.35
N ASP A 54 -9.59 0.90 1.32
CA ASP A 54 -9.61 1.69 0.10
C ASP A 54 -10.15 3.09 0.42
N GLN A 55 -11.39 3.12 0.91
CA GLN A 55 -12.02 4.37 1.26
C GLN A 55 -11.04 5.29 1.98
N GLU A 56 -10.49 4.78 3.08
CA GLU A 56 -9.54 5.54 3.86
C GLU A 56 -8.30 5.85 3.02
N LEU A 57 -7.85 4.85 2.27
CA LEU A 57 -6.67 5.01 1.44
C LEU A 57 -6.91 6.17 0.46
N LEU A 58 -7.92 6.00 -0.37
CA LEU A 58 -8.26 7.02 -1.35
C LEU A 58 -8.30 8.38 -0.67
N ALA A 59 -9.22 8.51 0.29
CA ALA A 59 -9.37 9.75 1.02
C ALA A 59 -7.99 10.22 1.51
N LEU A 60 -7.22 9.29 2.04
CA LEU A 60 -5.90 9.58 2.54
C LEU A 60 -5.09 10.28 1.43
N ILE A 61 -4.93 9.57 0.32
CA ILE A 61 -4.18 10.11 -0.80
C ILE A 61 -4.66 11.53 -1.09
N ASN A 62 -5.97 11.69 -1.17
CA ASN A 62 -6.57 12.98 -1.44
C ASN A 62 -6.18 13.96 -0.33
N GLY A 63 -6.06 13.41 0.87
CA GLY A 63 -5.70 14.22 2.03
C GLY A 63 -6.87 14.33 3.00
N HIS A 64 -7.71 13.32 2.98
CA HIS A 64 -8.87 13.29 3.86
C HIS A 64 -8.49 12.67 5.20
N SER A 65 -8.54 11.34 5.22
CA SER A 65 -8.20 10.59 6.42
C SER A 65 -6.82 11.01 6.92
N GLU A 66 -6.44 10.45 8.07
CA GLU A 66 -5.15 10.75 8.66
C GLU A 66 -4.33 9.46 8.82
N THR A 67 -3.05 9.66 9.11
CA THR A 67 -2.16 8.53 9.30
C THR A 67 -1.32 8.72 10.57
N ASP A 68 -1.45 7.76 11.48
CA ASP A 68 -0.72 7.81 12.73
C ASP A 68 0.61 7.06 12.57
N LYS A 69 1.17 7.16 11.38
CA LYS A 69 2.43 6.49 11.08
C LYS A 69 3.26 7.37 10.13
N GLY A 70 4.42 7.77 10.60
CA GLY A 70 5.31 8.60 9.80
C GLY A 70 6.07 7.77 8.78
N HIS A 71 5.88 6.45 8.87
CA HIS A 71 6.55 5.54 7.97
C HIS A 71 5.84 5.55 6.61
N LEU A 72 4.59 6.01 6.64
CA LEU A 72 3.79 6.07 5.42
C LEU A 72 3.93 7.47 4.80
N ILE A 73 4.27 8.42 5.64
CA ILE A 73 4.44 9.79 5.19
C ILE A 73 5.17 9.79 3.85
N PRO A 74 6.30 9.03 3.80
CA PRO A 74 7.09 8.93 2.59
C PRO A 74 6.40 8.04 1.55
N MET A 75 6.13 6.81 1.96
CA MET A 75 5.48 5.86 1.08
C MET A 75 4.25 6.48 0.42
N LEU A 76 3.63 7.41 1.14
CA LEU A 76 2.45 8.07 0.64
C LEU A 76 2.82 8.96 -0.55
N GLU A 77 4.04 9.47 -0.50
CA GLU A 77 4.54 10.32 -1.58
C GLU A 77 4.80 9.49 -2.83
N LYS A 78 5.59 8.44 -2.65
CA LYS A 78 5.93 7.56 -3.76
C LYS A 78 4.67 6.85 -4.25
N ILE A 79 3.87 6.40 -3.29
CA ILE A 79 2.63 5.71 -3.61
C ILE A 79 1.69 6.67 -4.35
N ARG A 80 1.25 7.69 -3.62
CA ARG A 80 0.35 8.67 -4.19
C ARG A 80 0.89 9.18 -5.53
N ARG A 81 2.20 9.02 -5.70
CA ARG A 81 2.86 9.46 -6.92
C ARG A 81 2.27 8.73 -8.13
N ALA A 82 2.59 7.44 -8.21
CA ALA A 82 2.12 6.62 -9.30
C ALA A 82 0.59 6.64 -9.33
N MET A 1 12.58 -10.82 14.94
CA MET A 1 11.15 -10.89 14.76
C MET A 1 10.72 -10.18 13.47
N MET A 2 11.23 -10.68 12.36
CA MET A 2 10.90 -10.11 11.06
C MET A 2 10.95 -11.17 9.97
N VAL A 3 9.76 -11.65 9.60
CA VAL A 3 9.65 -12.67 8.57
C VAL A 3 9.16 -12.03 7.27
N PHE A 4 9.34 -12.74 6.17
CA PHE A 4 8.91 -12.26 4.88
C PHE A 4 9.33 -13.22 3.76
N ASP A 5 8.33 -13.92 3.24
CA ASP A 5 8.58 -14.88 2.17
C ASP A 5 7.58 -14.65 1.03
N ASP A 6 7.72 -15.44 0.00
CA ASP A 6 6.84 -15.34 -1.16
C ASP A 6 5.40 -15.16 -0.68
N ILE A 7 5.14 -15.69 0.50
CA ILE A 7 3.80 -15.60 1.08
C ILE A 7 3.49 -14.14 1.40
N ALA A 8 4.43 -13.50 2.07
CA ALA A 8 4.27 -12.10 2.44
C ALA A 8 3.80 -11.31 1.22
N LYS A 9 4.14 -11.83 0.04
CA LYS A 9 3.77 -11.19 -1.20
C LYS A 9 2.25 -11.22 -1.35
N ARG A 10 1.71 -12.43 -1.35
CA ARG A 10 0.27 -12.60 -1.49
C ARG A 10 -0.48 -11.61 -0.59
N LYS A 11 0.08 -11.40 0.60
CA LYS A 11 -0.52 -10.49 1.55
C LYS A 11 -0.73 -9.13 0.88
N ILE A 12 0.35 -8.61 0.30
CA ILE A 12 0.29 -7.32 -0.38
C ILE A 12 -1.02 -7.22 -1.15
N ARG A 13 -1.28 -8.25 -1.95
CA ARG A 13 -2.49 -8.28 -2.76
C ARG A 13 -3.70 -8.61 -1.88
N PHE A 14 -3.58 -9.71 -1.15
CA PHE A 14 -4.66 -10.13 -0.27
C PHE A 14 -5.22 -8.95 0.53
N GLN A 15 -4.38 -7.95 0.70
CA GLN A 15 -4.78 -6.75 1.44
C GLN A 15 -5.51 -5.78 0.51
N THR A 16 -4.89 -5.49 -0.61
CA THR A 16 -5.46 -4.58 -1.59
C THR A 16 -6.84 -5.07 -2.01
N ARG A 17 -7.34 -4.48 -3.10
CA ARG A 17 -8.64 -4.85 -3.62
C ARG A 17 -9.73 -4.60 -2.56
N ARG A 18 -10.97 -4.61 -3.02
CA ARG A 18 -12.10 -4.39 -2.13
C ARG A 18 -12.08 -2.95 -1.60
N GLY A 19 -13.12 -2.63 -0.83
CA GLY A 19 -13.24 -1.30 -0.27
C GLY A 19 -13.64 -0.28 -1.33
N LEU A 20 -12.84 -0.24 -2.40
CA LEU A 20 -13.10 0.69 -3.49
C LEU A 20 -12.74 0.00 -4.81
N LEU A 21 -13.61 0.19 -5.79
CA LEU A 21 -13.40 -0.40 -7.11
C LEU A 21 -12.15 0.23 -7.74
N GLU A 22 -12.24 1.53 -7.99
CA GLU A 22 -11.14 2.26 -8.58
C GLU A 22 -9.82 1.89 -7.90
N LEU A 23 -9.88 1.79 -6.58
CA LEU A 23 -8.71 1.44 -5.80
C LEU A 23 -8.09 0.16 -6.36
N ASP A 24 -8.93 -0.86 -6.48
CA ASP A 24 -8.47 -2.14 -7.00
C ASP A 24 -7.69 -1.91 -8.30
N LEU A 25 -8.17 -0.95 -9.08
CA LEU A 25 -7.53 -0.62 -10.35
C LEU A 25 -6.21 0.10 -10.07
N ILE A 26 -6.29 1.10 -9.20
CA ILE A 26 -5.12 1.89 -8.85
C ILE A 26 -3.95 0.94 -8.54
N PHE A 27 -4.23 -0.01 -7.65
CA PHE A 27 -3.22 -0.98 -7.25
C PHE A 27 -2.64 -1.68 -8.48
N GLY A 28 -3.52 -2.00 -9.41
CA GLY A 28 -3.10 -2.67 -10.63
C GLY A 28 -1.80 -2.08 -11.18
N ARG A 29 -1.80 -0.75 -11.28
CA ARG A 29 -0.63 -0.04 -11.77
C ARG A 29 0.37 0.19 -10.65
N PHE A 30 -0.12 0.85 -9.59
CA PHE A 30 0.72 1.14 -8.44
C PHE A 30 1.69 0.00 -8.15
N MET A 31 1.11 -1.17 -7.89
CA MET A 31 1.90 -2.35 -7.60
C MET A 31 2.86 -2.68 -8.75
N GLU A 32 2.30 -2.67 -9.95
CA GLU A 32 3.09 -2.95 -11.14
C GLU A 32 4.36 -2.10 -11.15
N LYS A 33 4.29 -0.96 -10.46
CA LYS A 33 5.42 -0.06 -10.39
C LYS A 33 6.25 -0.38 -9.15
N GLU A 34 5.59 -0.33 -8.00
CA GLU A 34 6.26 -0.62 -6.74
C GLU A 34 6.46 -2.13 -6.58
N PHE A 35 5.36 -2.81 -6.28
CA PHE A 35 5.40 -4.26 -6.11
C PHE A 35 6.23 -4.92 -7.21
N GLU A 36 6.40 -4.18 -8.30
CA GLU A 36 7.17 -4.69 -9.43
C GLU A 36 8.30 -5.58 -8.95
N HIS A 37 9.05 -5.07 -7.97
CA HIS A 37 10.16 -5.81 -7.41
C HIS A 37 10.47 -5.28 -6.01
N LEU A 38 9.42 -5.16 -5.20
CA LEU A 38 9.57 -4.67 -3.85
C LEU A 38 10.51 -5.60 -3.08
N SER A 39 10.57 -5.39 -1.78
CA SER A 39 11.41 -6.19 -0.91
C SER A 39 10.98 -6.04 0.54
N ASP A 40 11.75 -6.67 1.42
CA ASP A 40 11.46 -6.61 2.85
C ASP A 40 11.31 -5.15 3.28
N LYS A 41 12.40 -4.41 3.10
CA LYS A 41 12.42 -3.00 3.46
C LYS A 41 11.06 -2.38 3.10
N GLU A 42 10.72 -2.49 1.82
CA GLU A 42 9.46 -1.94 1.34
C GLU A 42 8.28 -2.66 1.99
N LEU A 43 8.40 -3.97 2.07
CA LEU A 43 7.34 -4.78 2.67
C LEU A 43 6.92 -4.15 3.99
N SER A 44 7.92 -3.77 4.78
CA SER A 44 7.67 -3.15 6.07
C SER A 44 6.70 -1.98 5.91
N GLU A 45 7.12 -1.02 5.11
CA GLU A 45 6.30 0.16 4.86
C GLU A 45 4.97 -0.24 4.21
N PHE A 46 5.08 -0.89 3.06
CA PHE A 46 3.91 -1.33 2.34
C PHE A 46 2.91 -2.00 3.28
N SER A 47 3.39 -3.00 3.99
CA SER A 47 2.55 -3.73 4.93
C SER A 47 2.05 -2.79 6.04
N GLU A 48 2.77 -1.69 6.19
CA GLU A 48 2.43 -0.71 7.21
C GLU A 48 1.36 0.25 6.67
N ILE A 49 1.55 0.65 5.42
CA ILE A 49 0.63 1.57 4.77
C ILE A 49 -0.65 0.81 4.39
N LEU A 50 -0.45 -0.34 3.76
CA LEU A 50 -1.57 -1.16 3.34
C LEU A 50 -2.52 -1.36 4.51
N GLU A 51 -1.97 -1.22 5.71
CA GLU A 51 -2.76 -1.38 6.92
C GLU A 51 -4.16 -0.77 6.73
N PHE A 52 -4.18 0.31 5.97
CA PHE A 52 -5.43 1.00 5.70
C PHE A 52 -6.20 0.34 4.55
N GLN A 53 -7.50 0.52 4.57
CA GLN A 53 -8.36 -0.06 3.54
C GLN A 53 -8.34 0.83 2.29
N ASP A 54 -8.91 0.28 1.22
CA ASP A 54 -8.96 1.01 -0.03
C ASP A 54 -9.75 2.32 0.17
N GLN A 55 -10.88 2.20 0.84
CA GLN A 55 -11.72 3.35 1.11
C GLN A 55 -10.91 4.45 1.80
N GLU A 56 -10.31 4.08 2.92
CA GLU A 56 -9.51 5.02 3.68
C GLU A 56 -8.29 5.47 2.86
N LEU A 57 -7.70 4.51 2.18
CA LEU A 57 -6.53 4.79 1.35
C LEU A 57 -6.86 5.95 0.40
N LEU A 58 -7.85 5.73 -0.44
CA LEU A 58 -8.27 6.74 -1.39
C LEU A 58 -8.41 8.09 -0.67
N ALA A 59 -9.33 8.12 0.28
CA ALA A 59 -9.58 9.33 1.04
C ALA A 59 -8.25 9.88 1.55
N LEU A 60 -7.43 8.98 2.08
CA LEU A 60 -6.13 9.36 2.61
C LEU A 60 -5.34 10.10 1.52
N ILE A 61 -5.08 9.38 0.44
CA ILE A 61 -4.34 9.95 -0.68
C ILE A 61 -4.94 11.30 -1.04
N ASN A 62 -6.25 11.33 -1.15
CA ASN A 62 -6.97 12.54 -1.49
C ASN A 62 -6.64 13.62 -0.45
N GLY A 63 -6.51 13.19 0.78
CA GLY A 63 -6.21 14.09 1.87
C GLY A 63 -7.37 14.17 2.87
N HIS A 64 -8.20 13.14 2.84
CA HIS A 64 -9.34 13.07 3.73
C HIS A 64 -8.90 12.58 5.11
N SER A 65 -8.86 11.27 5.25
CA SER A 65 -8.46 10.66 6.51
C SER A 65 -7.04 11.15 6.89
N GLU A 66 -6.60 10.72 8.07
CA GLU A 66 -5.29 11.10 8.56
C GLU A 66 -4.44 9.84 8.78
N THR A 67 -3.15 10.08 9.00
CA THR A 67 -2.21 8.99 9.23
C THR A 67 -1.53 9.16 10.58
N ASP A 68 -1.70 8.15 11.42
CA ASP A 68 -1.11 8.17 12.75
C ASP A 68 0.27 7.51 12.69
N LYS A 69 0.94 7.69 11.56
CA LYS A 69 2.26 7.12 11.37
C LYS A 69 3.05 7.99 10.39
N GLY A 70 4.17 8.50 10.88
CA GLY A 70 5.03 9.35 10.07
C GLY A 70 5.83 8.52 9.07
N HIS A 71 5.67 7.21 9.17
CA HIS A 71 6.37 6.29 8.28
C HIS A 71 5.56 6.10 6.99
N LEU A 72 4.36 6.66 7.00
CA LEU A 72 3.48 6.56 5.85
C LEU A 72 3.45 7.90 5.12
N ILE A 73 3.56 8.96 5.90
CA ILE A 73 3.55 10.31 5.34
C ILE A 73 4.41 10.33 4.07
N PRO A 74 5.64 9.78 4.19
CA PRO A 74 6.56 9.74 3.07
C PRO A 74 6.15 8.66 2.07
N MET A 75 5.98 7.44 2.60
CA MET A 75 5.59 6.32 1.76
C MET A 75 4.32 6.64 0.97
N LEU A 76 3.58 7.61 1.47
CA LEU A 76 2.35 8.02 0.82
C LEU A 76 2.67 8.83 -0.43
N GLU A 77 3.67 9.70 -0.28
CA GLU A 77 4.09 10.54 -1.39
C GLU A 77 4.58 9.69 -2.56
N LYS A 78 5.49 8.78 -2.24
CA LYS A 78 6.04 7.89 -3.25
C LYS A 78 4.93 7.01 -3.82
N ILE A 79 4.29 6.26 -2.93
CA ILE A 79 3.21 5.38 -3.33
C ILE A 79 2.19 6.17 -4.14
N ARG A 80 1.76 7.30 -3.56
CA ARG A 80 0.80 8.15 -4.22
C ARG A 80 1.16 8.35 -5.69
N ARG A 81 2.43 8.68 -5.91
CA ARG A 81 2.92 8.91 -7.26
C ARG A 81 2.47 7.77 -8.18
N ALA A 82 2.84 6.55 -7.81
CA ALA A 82 2.49 5.39 -8.59
C ALA A 82 0.96 5.24 -8.61
N MET A 1 4.40 -9.46 11.41
CA MET A 1 5.80 -9.80 11.21
C MET A 1 5.95 -10.96 10.22
N MET A 2 6.91 -10.80 9.32
CA MET A 2 7.17 -11.83 8.32
C MET A 2 8.43 -11.51 7.52
N VAL A 3 9.12 -12.56 7.13
CA VAL A 3 10.35 -12.41 6.36
C VAL A 3 10.01 -12.28 4.88
N PHE A 4 10.96 -11.76 4.12
CA PHE A 4 10.77 -11.57 2.70
C PHE A 4 10.63 -12.93 1.99
N ASP A 5 9.39 -13.23 1.61
CA ASP A 5 9.10 -14.47 0.92
C ASP A 5 7.83 -14.31 0.09
N ASP A 6 7.46 -15.38 -0.59
CA ASP A 6 6.26 -15.38 -1.41
C ASP A 6 5.09 -14.81 -0.61
N ILE A 7 4.95 -15.31 0.61
CA ILE A 7 3.88 -14.87 1.48
C ILE A 7 3.94 -13.36 1.63
N ALA A 8 5.13 -12.86 1.95
CA ALA A 8 5.33 -11.44 2.12
C ALA A 8 4.68 -10.69 0.94
N LYS A 9 5.02 -11.14 -0.26
CA LYS A 9 4.49 -10.53 -1.46
C LYS A 9 2.98 -10.78 -1.53
N ARG A 10 2.61 -12.02 -1.27
CA ARG A 10 1.20 -12.40 -1.30
C ARG A 10 0.39 -11.46 -0.40
N LYS A 11 0.93 -11.19 0.77
CA LYS A 11 0.27 -10.31 1.72
C LYS A 11 -0.03 -8.97 1.05
N ILE A 12 0.99 -8.43 0.38
CA ILE A 12 0.84 -7.17 -0.31
C ILE A 12 -0.53 -7.10 -0.98
N ARG A 13 -0.80 -8.11 -1.79
CA ARG A 13 -2.07 -8.18 -2.50
C ARG A 13 -3.19 -8.59 -1.54
N PHE A 14 -2.91 -9.63 -0.77
CA PHE A 14 -3.89 -10.12 0.18
C PHE A 14 -4.42 -8.99 1.08
N GLN A 15 -3.61 -7.93 1.16
CA GLN A 15 -3.98 -6.78 1.96
C GLN A 15 -4.88 -5.83 1.16
N THR A 16 -4.42 -5.54 -0.05
CA THR A 16 -5.16 -4.64 -0.93
C THR A 16 -6.57 -5.16 -1.14
N ARG A 17 -7.25 -4.58 -2.13
CA ARG A 17 -8.61 -4.98 -2.44
C ARG A 17 -9.19 -4.07 -3.53
N ARG A 18 -10.24 -4.56 -4.17
CA ARG A 18 -10.88 -3.80 -5.23
C ARG A 18 -12.09 -3.03 -4.68
N GLY A 19 -12.07 -2.84 -3.37
CA GLY A 19 -13.15 -2.12 -2.69
C GLY A 19 -13.66 -0.97 -3.57
N LEU A 20 -12.79 0.02 -3.73
CA LEU A 20 -13.14 1.18 -4.53
C LEU A 20 -12.72 0.94 -5.98
N LEU A 21 -13.66 1.20 -6.88
CA LEU A 21 -13.40 1.01 -8.31
C LEU A 21 -11.98 1.49 -8.63
N GLU A 22 -11.86 2.79 -8.78
CA GLU A 22 -10.57 3.39 -9.09
C GLU A 22 -9.46 2.69 -8.32
N LEU A 23 -9.69 2.53 -7.01
CA LEU A 23 -8.72 1.88 -6.16
C LEU A 23 -8.35 0.52 -6.75
N ASP A 24 -9.38 -0.30 -6.98
CA ASP A 24 -9.17 -1.62 -7.54
C ASP A 24 -8.24 -1.52 -8.75
N LEU A 25 -8.45 -0.46 -9.53
CA LEU A 25 -7.64 -0.24 -10.72
C LEU A 25 -6.25 0.26 -10.30
N ILE A 26 -6.25 1.22 -9.38
CA ILE A 26 -5.01 1.79 -8.88
C ILE A 26 -4.02 0.66 -8.61
N PHE A 27 -4.40 -0.21 -7.68
CA PHE A 27 -3.56 -1.34 -7.32
C PHE A 27 -3.09 -2.11 -8.55
N GLY A 28 -3.84 -1.92 -9.64
CA GLY A 28 -3.51 -2.58 -10.89
C GLY A 28 -2.12 -2.18 -11.37
N ARG A 29 -1.96 -0.89 -11.61
CA ARG A 29 -0.68 -0.37 -12.07
C ARG A 29 0.24 -0.08 -10.88
N PHE A 30 -0.32 0.58 -9.89
CA PHE A 30 0.44 0.92 -8.69
C PHE A 30 1.38 -0.23 -8.30
N MET A 31 0.79 -1.34 -7.91
CA MET A 31 1.56 -2.51 -7.52
C MET A 31 2.50 -2.96 -8.63
N GLU A 32 1.93 -3.03 -9.84
CA GLU A 32 2.70 -3.44 -11.00
C GLU A 32 4.06 -2.72 -11.02
N LYS A 33 4.06 -1.52 -10.45
CA LYS A 33 5.28 -0.73 -10.41
C LYS A 33 5.98 -0.95 -9.06
N GLU A 34 5.18 -0.93 -8.00
CA GLU A 34 5.70 -1.13 -6.67
C GLU A 34 5.95 -2.62 -6.41
N PHE A 35 4.86 -3.35 -6.21
CA PHE A 35 4.94 -4.78 -5.96
C PHE A 35 5.96 -5.44 -6.89
N GLU A 36 6.18 -4.80 -8.03
CA GLU A 36 7.12 -5.31 -9.01
C GLU A 36 8.31 -5.98 -8.30
N HIS A 37 8.98 -5.18 -7.46
CA HIS A 37 10.12 -5.69 -6.73
C HIS A 37 10.27 -4.90 -5.42
N LEU A 38 9.17 -4.81 -4.69
CA LEU A 38 9.16 -4.09 -3.43
C LEU A 38 10.35 -4.54 -2.59
N SER A 39 10.97 -3.57 -1.92
CA SER A 39 12.12 -3.85 -1.08
C SER A 39 11.67 -4.55 0.21
N ASP A 40 12.65 -5.04 0.95
CA ASP A 40 12.37 -5.74 2.19
C ASP A 40 11.83 -4.73 3.22
N LYS A 41 12.56 -3.64 3.37
CA LYS A 41 12.16 -2.60 4.30
C LYS A 41 10.85 -1.97 3.83
N GLU A 42 10.77 -1.74 2.53
CA GLU A 42 9.58 -1.14 1.95
C GLU A 42 8.38 -2.05 2.15
N LEU A 43 8.61 -3.34 1.94
CA LEU A 43 7.55 -4.33 2.10
C LEU A 43 6.84 -4.10 3.43
N SER A 44 7.63 -4.09 4.50
CA SER A 44 7.09 -3.88 5.83
C SER A 44 6.14 -2.68 5.82
N GLU A 45 6.65 -1.56 5.32
CA GLU A 45 5.85 -0.35 5.26
C GLU A 45 4.54 -0.61 4.52
N PHE A 46 4.67 -1.08 3.29
CA PHE A 46 3.50 -1.37 2.48
C PHE A 46 2.42 -2.08 3.30
N SER A 47 2.87 -3.03 4.12
CA SER A 47 1.96 -3.78 4.95
C SER A 47 1.34 -2.87 6.01
N GLU A 48 2.15 -1.93 6.50
CA GLU A 48 1.68 -0.99 7.50
C GLU A 48 0.74 0.03 6.87
N ILE A 49 1.08 0.45 5.67
CA ILE A 49 0.26 1.42 4.96
C ILE A 49 -0.98 0.73 4.42
N LEU A 50 -0.75 -0.39 3.74
CA LEU A 50 -1.86 -1.15 3.17
C LEU A 50 -2.92 -1.40 4.24
N GLU A 51 -2.48 -1.35 5.48
CA GLU A 51 -3.37 -1.56 6.60
C GLU A 51 -4.74 -0.93 6.32
N PHE A 52 -4.71 0.19 5.60
CA PHE A 52 -5.92 0.89 5.25
C PHE A 52 -6.60 0.26 4.03
N GLN A 53 -7.92 0.35 4.00
CA GLN A 53 -8.69 -0.21 2.91
C GLN A 53 -8.77 0.79 1.75
N ASP A 54 -9.47 0.38 0.71
CA ASP A 54 -9.62 1.22 -0.46
C ASP A 54 -10.22 2.57 -0.04
N GLN A 55 -11.43 2.50 0.49
CA GLN A 55 -12.11 3.72 0.93
C GLN A 55 -11.16 4.60 1.72
N GLU A 56 -10.65 4.05 2.81
CA GLU A 56 -9.72 4.77 3.66
C GLU A 56 -8.52 5.25 2.85
N LEU A 57 -7.87 4.30 2.20
CA LEU A 57 -6.71 4.61 1.38
C LEU A 57 -7.02 5.82 0.49
N LEU A 58 -8.05 5.67 -0.33
CA LEU A 58 -8.45 6.73 -1.23
C LEU A 58 -8.51 8.05 -0.45
N ALA A 59 -9.36 8.06 0.58
CA ALA A 59 -9.52 9.24 1.39
C ALA A 59 -8.14 9.78 1.79
N LEU A 60 -7.30 8.88 2.25
CA LEU A 60 -5.95 9.25 2.66
C LEU A 60 -5.29 10.06 1.54
N ILE A 61 -5.47 9.57 0.32
CA ILE A 61 -4.88 10.23 -0.84
C ILE A 61 -5.54 11.60 -1.02
N ASN A 62 -6.87 11.58 -1.09
CA ASN A 62 -7.63 12.81 -1.27
C ASN A 62 -7.24 13.79 -0.15
N GLY A 63 -6.93 13.23 1.01
CA GLY A 63 -6.55 14.04 2.15
C GLY A 63 -7.60 13.93 3.27
N HIS A 64 -8.28 12.79 3.29
CA HIS A 64 -9.30 12.55 4.30
C HIS A 64 -8.64 11.97 5.56
N SER A 65 -8.49 10.65 5.55
CA SER A 65 -7.88 9.96 6.67
C SER A 65 -6.47 10.48 6.91
N GLU A 66 -5.91 10.12 8.06
CA GLU A 66 -4.57 10.54 8.41
C GLU A 66 -3.72 9.32 8.79
N THR A 67 -2.44 9.57 8.99
CA THR A 67 -1.51 8.52 9.37
C THR A 67 -0.74 8.91 10.63
N ASP A 68 -0.86 8.06 11.63
CA ASP A 68 -0.19 8.30 12.90
C ASP A 68 1.20 7.65 12.87
N LYS A 69 1.70 7.47 11.65
CA LYS A 69 3.01 6.87 11.46
C LYS A 69 3.77 7.64 10.39
N GLY A 70 4.88 8.23 10.79
CA GLY A 70 5.70 9.00 9.88
C GLY A 70 6.40 8.08 8.87
N HIS A 71 6.24 6.79 9.09
CA HIS A 71 6.84 5.80 8.20
C HIS A 71 6.01 5.68 6.93
N LEU A 72 4.90 6.39 6.92
CA LEU A 72 4.02 6.37 5.76
C LEU A 72 4.16 7.68 4.98
N ILE A 73 4.40 8.75 5.73
CA ILE A 73 4.57 10.06 5.12
C ILE A 73 5.31 9.91 3.79
N PRO A 74 6.47 9.19 3.85
CA PRO A 74 7.27 8.97 2.66
C PRO A 74 6.62 7.94 1.74
N MET A 75 6.44 6.74 2.29
CA MET A 75 5.83 5.65 1.54
C MET A 75 4.55 6.12 0.85
N LEU A 76 3.98 7.19 1.38
CA LEU A 76 2.76 7.74 0.82
C LEU A 76 3.08 8.50 -0.47
N GLU A 77 4.19 9.22 -0.43
CA GLU A 77 4.63 9.99 -1.59
C GLU A 77 4.89 9.06 -2.77
N LYS A 78 5.67 8.02 -2.51
CA LYS A 78 6.00 7.05 -3.55
C LYS A 78 4.73 6.30 -3.96
N ILE A 79 4.02 5.82 -2.96
CA ILE A 79 2.78 5.08 -3.20
C ILE A 79 1.79 6.00 -3.91
N ARG A 80 1.33 7.00 -3.18
CA ARG A 80 0.36 7.95 -3.72
C ARG A 80 0.76 8.34 -5.14
N ARG A 81 2.05 8.24 -5.41
CA ARG A 81 2.57 8.59 -6.73
C ARG A 81 1.93 7.70 -7.80
N ALA A 82 2.33 6.44 -7.79
CA ALA A 82 1.81 5.48 -8.75
C ALA A 82 0.28 5.49 -8.69
N MET A 1 6.63 -18.29 10.16
CA MET A 1 6.26 -17.73 11.45
C MET A 1 5.93 -16.25 11.33
N MET A 2 6.83 -15.52 10.70
CA MET A 2 6.65 -14.09 10.52
C MET A 2 7.86 -13.46 9.82
N VAL A 3 8.07 -13.87 8.58
CA VAL A 3 9.18 -13.36 7.80
C VAL A 3 8.70 -13.06 6.37
N PHE A 4 9.50 -12.27 5.68
CA PHE A 4 9.19 -11.90 4.31
C PHE A 4 9.56 -13.01 3.34
N ASP A 5 8.55 -13.49 2.61
CA ASP A 5 8.76 -14.55 1.64
C ASP A 5 7.59 -14.58 0.66
N ASP A 6 7.61 -15.57 -0.21
CA ASP A 6 6.57 -15.72 -1.21
C ASP A 6 5.22 -15.40 -0.57
N ILE A 7 5.00 -15.98 0.60
CA ILE A 7 3.76 -15.77 1.32
C ILE A 7 3.47 -14.27 1.41
N ALA A 8 4.45 -13.53 1.90
CA ALA A 8 4.30 -12.09 2.03
C ALA A 8 3.84 -11.51 0.70
N LYS A 9 4.37 -12.06 -0.38
CA LYS A 9 4.01 -11.60 -1.71
C LYS A 9 2.49 -11.67 -1.87
N ARG A 10 1.96 -12.86 -1.65
CA ARG A 10 0.53 -13.08 -1.77
C ARG A 10 -0.23 -12.16 -0.81
N LYS A 11 0.19 -12.20 0.45
CA LYS A 11 -0.44 -11.37 1.48
C LYS A 11 -0.51 -9.93 0.98
N ILE A 12 0.51 -9.53 0.25
CA ILE A 12 0.57 -8.17 -0.28
C ILE A 12 -0.73 -7.87 -1.01
N ARG A 13 -1.13 -8.79 -1.87
CA ARG A 13 -2.36 -8.61 -2.63
C ARG A 13 -3.58 -8.87 -1.74
N PHE A 14 -3.46 -9.88 -0.91
CA PHE A 14 -4.53 -10.23 0.01
C PHE A 14 -4.78 -9.12 1.03
N GLN A 15 -3.78 -8.26 1.17
CA GLN A 15 -3.87 -7.16 2.10
C GLN A 15 -4.57 -5.96 1.44
N THR A 16 -4.03 -5.55 0.31
CA THR A 16 -4.58 -4.42 -0.42
C THR A 16 -6.11 -4.55 -0.50
N ARG A 17 -6.55 -5.44 -1.35
CA ARG A 17 -7.98 -5.67 -1.53
C ARG A 17 -8.62 -4.45 -2.19
N ARG A 18 -9.09 -4.67 -3.42
CA ARG A 18 -9.74 -3.61 -4.17
C ARG A 18 -11.22 -3.51 -3.80
N GLY A 19 -11.46 -3.08 -2.56
CA GLY A 19 -12.82 -2.94 -2.08
C GLY A 19 -13.56 -1.85 -2.83
N LEU A 20 -12.81 -1.11 -3.65
CA LEU A 20 -13.38 -0.03 -4.43
C LEU A 20 -12.97 -0.19 -5.90
N LEU A 21 -13.70 0.49 -6.76
CA LEU A 21 -13.40 0.44 -8.18
C LEU A 21 -12.04 1.07 -8.44
N GLU A 22 -11.96 2.37 -8.21
CA GLU A 22 -10.72 3.09 -8.42
C GLU A 22 -9.56 2.38 -7.73
N LEU A 23 -9.86 1.84 -6.56
CA LEU A 23 -8.84 1.13 -5.79
C LEU A 23 -8.22 0.04 -6.66
N ASP A 24 -9.08 -0.86 -7.14
CA ASP A 24 -8.63 -1.95 -7.99
C ASP A 24 -7.68 -1.40 -9.04
N LEU A 25 -7.96 -0.19 -9.50
CA LEU A 25 -7.13 0.46 -10.51
C LEU A 25 -5.84 0.95 -9.86
N ILE A 26 -5.99 1.55 -8.69
CA ILE A 26 -4.84 2.07 -7.97
C ILE A 26 -3.80 0.96 -7.81
N PHE A 27 -4.20 -0.10 -7.12
CA PHE A 27 -3.31 -1.22 -6.90
C PHE A 27 -2.81 -1.80 -8.23
N GLY A 28 -3.73 -1.87 -9.18
CA GLY A 28 -3.40 -2.41 -10.49
C GLY A 28 -2.04 -1.88 -10.97
N ARG A 29 -1.93 -0.57 -10.99
CA ARG A 29 -0.68 0.06 -11.42
C ARG A 29 0.30 0.16 -10.25
N PHE A 30 -0.16 0.80 -9.18
CA PHE A 30 0.67 0.97 -8.00
C PHE A 30 1.46 -0.30 -7.71
N MET A 31 0.88 -1.43 -8.07
CA MET A 31 1.51 -2.72 -7.87
C MET A 31 2.48 -3.05 -9.01
N GLU A 32 1.92 -3.08 -10.21
CA GLU A 32 2.72 -3.39 -11.40
C GLU A 32 4.02 -2.58 -11.38
N LYS A 33 3.99 -1.47 -10.66
CA LYS A 33 5.15 -0.60 -10.57
C LYS A 33 5.94 -0.98 -9.32
N GLU A 34 5.22 -1.16 -8.22
CA GLU A 34 5.84 -1.52 -6.96
C GLU A 34 5.88 -3.04 -6.79
N PHE A 35 4.71 -3.61 -6.59
CA PHE A 35 4.61 -5.05 -6.41
C PHE A 35 5.56 -5.79 -7.36
N GLU A 36 5.84 -5.15 -8.48
CA GLU A 36 6.73 -5.73 -9.47
C GLU A 36 7.85 -6.51 -8.78
N HIS A 37 8.53 -5.84 -7.87
CA HIS A 37 9.62 -6.47 -7.14
C HIS A 37 9.81 -5.74 -5.81
N LEU A 38 8.71 -5.55 -5.09
CA LEU A 38 8.75 -4.88 -3.81
C LEU A 38 9.91 -5.46 -2.98
N SER A 39 10.73 -4.54 -2.47
CA SER A 39 11.87 -4.95 -1.66
C SER A 39 11.40 -5.35 -0.26
N ASP A 40 12.28 -6.05 0.45
CA ASP A 40 11.96 -6.49 1.79
C ASP A 40 11.67 -5.28 2.68
N LYS A 41 12.62 -4.36 2.69
CA LYS A 41 12.48 -3.15 3.49
C LYS A 41 11.31 -2.33 2.96
N GLU A 42 11.20 -2.29 1.63
CA GLU A 42 10.13 -1.54 0.99
C GLU A 42 8.77 -2.15 1.36
N LEU A 43 8.73 -3.47 1.40
CA LEU A 43 7.50 -4.17 1.73
C LEU A 43 6.93 -3.59 3.02
N SER A 44 7.82 -3.05 3.85
CA SER A 44 7.42 -2.46 5.11
C SER A 44 6.51 -1.25 4.85
N GLU A 45 7.00 -0.36 4.01
CA GLU A 45 6.25 0.84 3.68
C GLU A 45 4.84 0.48 3.18
N PHE A 46 4.82 -0.41 2.19
CA PHE A 46 3.56 -0.85 1.62
C PHE A 46 2.61 -1.35 2.72
N SER A 47 3.04 -2.39 3.41
CA SER A 47 2.25 -2.97 4.47
C SER A 47 1.71 -1.86 5.39
N GLU A 48 2.64 -1.20 6.07
CA GLU A 48 2.28 -0.12 6.97
C GLU A 48 1.15 0.72 6.37
N ILE A 49 1.36 1.14 5.13
CA ILE A 49 0.38 1.95 4.44
C ILE A 49 -0.87 1.11 4.18
N LEU A 50 -0.64 -0.15 3.81
CA LEU A 50 -1.74 -1.05 3.53
C LEU A 50 -2.67 -1.10 4.74
N GLU A 51 -2.09 -0.88 5.90
CA GLU A 51 -2.86 -0.89 7.13
C GLU A 51 -4.26 -0.30 6.90
N PHE A 52 -4.31 0.67 6.00
CA PHE A 52 -5.57 1.31 5.67
C PHE A 52 -6.34 0.51 4.63
N GLN A 53 -7.66 0.61 4.71
CA GLN A 53 -8.53 -0.10 3.79
C GLN A 53 -8.71 0.71 2.50
N ASP A 54 -9.50 0.16 1.59
CA ASP A 54 -9.76 0.82 0.33
C ASP A 54 -10.28 2.23 0.59
N GLN A 55 -11.44 2.30 1.24
CA GLN A 55 -12.05 3.57 1.56
C GLN A 55 -11.03 4.51 2.19
N GLU A 56 -10.46 4.05 3.30
CA GLU A 56 -9.46 4.84 4.02
C GLU A 56 -8.35 5.27 3.05
N LEU A 57 -7.80 4.29 2.35
CA LEU A 57 -6.74 4.56 1.40
C LEU A 57 -7.21 5.61 0.39
N LEU A 58 -8.27 5.25 -0.32
CA LEU A 58 -8.83 6.15 -1.32
C LEU A 58 -8.97 7.55 -0.72
N ALA A 59 -9.82 7.64 0.29
CA ALA A 59 -10.04 8.93 0.95
C ALA A 59 -8.70 9.57 1.29
N LEU A 60 -7.83 8.76 1.88
CA LEU A 60 -6.51 9.24 2.26
C LEU A 60 -5.84 9.90 1.05
N ILE A 61 -5.63 9.08 0.03
CA ILE A 61 -5.00 9.57 -1.20
C ILE A 61 -5.71 10.84 -1.66
N ASN A 62 -7.04 10.77 -1.68
CA ASN A 62 -7.84 11.90 -2.09
C ASN A 62 -7.55 13.10 -1.18
N GLY A 63 -7.06 12.79 0.00
CA GLY A 63 -6.73 13.83 0.97
C GLY A 63 -7.84 13.99 2.00
N HIS A 64 -8.57 12.90 2.22
CA HIS A 64 -9.66 12.90 3.17
C HIS A 64 -9.16 12.43 4.54
N SER A 65 -9.09 11.11 4.68
CA SER A 65 -8.63 10.52 5.92
C SER A 65 -7.17 10.91 6.18
N GLU A 66 -6.78 10.81 7.45
CA GLU A 66 -5.43 11.16 7.84
C GLU A 66 -4.74 9.95 8.47
N THR A 67 -3.46 10.12 8.77
CA THR A 67 -2.67 9.06 9.37
C THR A 67 -1.96 9.56 10.63
N ASP A 68 -2.20 8.87 11.73
CA ASP A 68 -1.59 9.25 12.99
C ASP A 68 -0.22 8.57 13.11
N LYS A 69 0.45 8.46 11.98
CA LYS A 69 1.76 7.84 11.93
C LYS A 69 2.64 8.58 10.94
N GLY A 70 3.72 9.16 11.46
CA GLY A 70 4.65 9.90 10.63
C GLY A 70 5.58 8.95 9.85
N HIS A 71 5.30 7.67 9.99
CA HIS A 71 6.09 6.65 9.31
C HIS A 71 5.60 6.50 7.87
N LEU A 72 4.34 6.84 7.67
CA LEU A 72 3.75 6.75 6.34
C LEU A 72 3.85 8.11 5.65
N ILE A 73 3.87 9.14 6.47
CA ILE A 73 3.95 10.50 5.95
C ILE A 73 4.91 10.52 4.75
N PRO A 74 6.11 9.92 4.96
CA PRO A 74 7.11 9.87 3.90
C PRO A 74 6.74 8.83 2.85
N MET A 75 6.08 7.77 3.31
CA MET A 75 5.67 6.71 2.42
C MET A 75 4.55 7.17 1.49
N LEU A 76 3.51 7.73 2.09
CA LEU A 76 2.38 8.22 1.32
C LEU A 76 2.89 8.98 0.10
N GLU A 77 4.05 9.59 0.26
CA GLU A 77 4.66 10.36 -0.82
C GLU A 77 5.14 9.42 -1.92
N LYS A 78 5.74 8.32 -1.50
CA LYS A 78 6.25 7.34 -2.45
C LYS A 78 5.07 6.71 -3.20
N ILE A 79 3.95 6.64 -2.52
CA ILE A 79 2.75 6.06 -3.11
C ILE A 79 2.36 6.87 -4.35
N ARG A 80 2.08 8.14 -4.12
CA ARG A 80 1.69 9.03 -5.20
C ARG A 80 2.55 8.76 -6.43
N ARG A 81 3.84 8.63 -6.19
CA ARG A 81 4.78 8.37 -7.28
C ARG A 81 4.25 7.26 -8.20
N ALA A 82 4.03 6.09 -7.60
CA ALA A 82 3.52 4.96 -8.35
C ALA A 82 2.15 5.31 -8.94
N MET A 1 12.23 -5.27 11.25
CA MET A 1 10.80 -5.52 11.21
C MET A 1 10.50 -6.93 10.74
N MET A 2 11.22 -7.88 11.34
CA MET A 2 11.04 -9.28 10.99
C MET A 2 11.26 -9.51 9.49
N VAL A 3 11.39 -10.77 9.13
CA VAL A 3 11.60 -11.14 7.74
C VAL A 3 10.27 -11.54 7.12
N PHE A 4 10.24 -11.53 5.79
CA PHE A 4 9.04 -11.91 5.06
C PHE A 4 9.32 -13.06 4.09
N ASP A 5 8.24 -13.64 3.59
CA ASP A 5 8.35 -14.74 2.66
C ASP A 5 7.26 -14.62 1.59
N ASP A 6 7.34 -15.51 0.61
CA ASP A 6 6.36 -15.50 -0.47
C ASP A 6 4.97 -15.24 0.10
N ILE A 7 4.71 -15.85 1.25
CA ILE A 7 3.43 -15.69 1.91
C ILE A 7 3.17 -14.21 2.16
N ALA A 8 4.14 -13.57 2.81
CA ALA A 8 4.03 -12.15 3.12
C ALA A 8 3.58 -11.39 1.86
N LYS A 9 4.16 -11.79 0.74
CA LYS A 9 3.84 -11.16 -0.53
C LYS A 9 2.32 -11.19 -0.74
N ARG A 10 1.76 -12.39 -0.66
CA ARG A 10 0.34 -12.57 -0.84
C ARG A 10 -0.43 -11.51 -0.05
N LYS A 11 0.07 -11.22 1.15
CA LYS A 11 -0.56 -10.22 2.00
C LYS A 11 -0.71 -8.92 1.22
N ILE A 12 0.37 -8.54 0.54
CA ILE A 12 0.38 -7.32 -0.24
C ILE A 12 -0.92 -7.22 -1.04
N ARG A 13 -1.20 -8.29 -1.78
CA ARG A 13 -2.40 -8.35 -2.60
C ARG A 13 -3.63 -8.58 -1.72
N PHE A 14 -3.48 -9.49 -0.76
CA PHE A 14 -4.57 -9.81 0.13
C PHE A 14 -5.07 -8.56 0.86
N GLN A 15 -4.18 -7.58 0.95
CA GLN A 15 -4.52 -6.33 1.61
C GLN A 15 -5.22 -5.38 0.63
N THR A 16 -4.64 -5.28 -0.55
CA THR A 16 -5.20 -4.41 -1.59
C THR A 16 -6.62 -4.86 -1.94
N ARG A 17 -7.12 -4.29 -3.02
CA ARG A 17 -8.47 -4.62 -3.48
C ARG A 17 -9.47 -4.47 -2.34
N ARG A 18 -10.74 -4.61 -2.69
CA ARG A 18 -11.80 -4.48 -1.71
C ARG A 18 -11.80 -3.08 -1.09
N GLY A 19 -12.99 -2.53 -0.94
CA GLY A 19 -13.13 -1.20 -0.37
C GLY A 19 -13.53 -0.18 -1.44
N LEU A 20 -12.69 -0.09 -2.46
CA LEU A 20 -12.94 0.84 -3.55
C LEU A 20 -12.53 0.19 -4.87
N LEU A 21 -13.43 0.26 -5.83
CA LEU A 21 -13.17 -0.30 -7.14
C LEU A 21 -11.91 0.31 -7.72
N GLU A 22 -12.02 1.58 -8.09
CA GLU A 22 -10.89 2.30 -8.66
C GLU A 22 -9.60 1.91 -7.95
N LEU A 23 -9.68 1.81 -6.63
CA LEU A 23 -8.52 1.45 -5.83
C LEU A 23 -7.95 0.13 -6.34
N ASP A 24 -8.80 -0.89 -6.36
CA ASP A 24 -8.40 -2.20 -6.83
C ASP A 24 -7.61 -2.04 -8.14
N LEU A 25 -8.08 -1.13 -8.97
CA LEU A 25 -7.43 -0.88 -10.25
C LEU A 25 -6.11 -0.14 -10.01
N ILE A 26 -6.20 0.93 -9.24
CA ILE A 26 -5.02 1.73 -8.92
C ILE A 26 -3.84 0.79 -8.65
N PHE A 27 -4.03 -0.10 -7.70
CA PHE A 27 -2.99 -1.04 -7.34
C PHE A 27 -2.42 -1.74 -8.58
N GLY A 28 -3.33 -2.14 -9.47
CA GLY A 28 -2.94 -2.81 -10.70
C GLY A 28 -1.72 -2.12 -11.32
N ARG A 29 -1.77 -0.80 -11.34
CA ARG A 29 -0.69 -0.02 -11.91
C ARG A 29 0.36 0.30 -10.84
N PHE A 30 -0.12 0.73 -9.69
CA PHE A 30 0.76 1.07 -8.58
C PHE A 30 1.69 -0.11 -8.25
N MET A 31 1.18 -1.31 -8.48
CA MET A 31 1.95 -2.51 -8.22
C MET A 31 2.91 -2.82 -9.37
N GLU A 32 2.42 -2.58 -10.58
CA GLU A 32 3.22 -2.83 -11.76
C GLU A 32 4.57 -2.11 -11.66
N LYS A 33 4.57 -1.02 -10.91
CA LYS A 33 5.77 -0.23 -10.73
C LYS A 33 6.44 -0.65 -9.41
N GLU A 34 5.64 -0.64 -8.36
CA GLU A 34 6.15 -1.01 -7.04
C GLU A 34 6.30 -2.53 -6.94
N PHE A 35 5.18 -3.20 -6.73
CA PHE A 35 5.18 -4.65 -6.62
C PHE A 35 6.13 -5.28 -7.64
N GLU A 36 6.34 -4.56 -8.73
CA GLU A 36 7.22 -5.03 -9.78
C GLU A 36 8.41 -5.78 -9.18
N HIS A 37 9.21 -5.06 -8.42
CA HIS A 37 10.37 -5.65 -7.78
C HIS A 37 10.59 -5.01 -6.41
N LEU A 38 9.57 -5.11 -5.58
CA LEU A 38 9.63 -4.55 -4.24
C LEU A 38 10.79 -5.20 -3.47
N SER A 39 10.77 -5.00 -2.17
CA SER A 39 11.81 -5.55 -1.32
C SER A 39 11.33 -5.56 0.14
N ASP A 40 11.99 -6.40 0.94
CA ASP A 40 11.65 -6.52 2.34
C ASP A 40 11.27 -5.15 2.89
N LYS A 41 12.22 -4.23 2.81
CA LYS A 41 12.01 -2.87 3.29
C LYS A 41 10.77 -2.29 2.61
N GLU A 42 10.73 -2.45 1.30
CA GLU A 42 9.60 -1.95 0.53
C GLU A 42 8.30 -2.60 0.99
N LEU A 43 8.42 -3.83 1.45
CA LEU A 43 7.27 -4.57 1.94
C LEU A 43 6.76 -3.94 3.23
N SER A 44 7.71 -3.66 4.12
CA SER A 44 7.37 -3.06 5.40
C SER A 44 6.46 -1.84 5.19
N GLU A 45 6.98 -0.88 4.43
CA GLU A 45 6.23 0.33 4.15
C GLU A 45 4.87 -0.02 3.54
N PHE A 46 4.91 -0.90 2.55
CA PHE A 46 3.69 -1.32 1.88
C PHE A 46 2.72 -1.96 2.86
N SER A 47 3.19 -3.03 3.50
CA SER A 47 2.38 -3.75 4.47
C SER A 47 1.98 -2.82 5.61
N GLU A 48 2.72 -1.72 5.73
CA GLU A 48 2.46 -0.75 6.77
C GLU A 48 1.40 0.25 6.30
N ILE A 49 1.57 0.71 5.07
CA ILE A 49 0.65 1.66 4.49
C ILE A 49 -0.65 0.95 4.10
N LEU A 50 -0.48 -0.21 3.49
CA LEU A 50 -1.62 -0.99 3.05
C LEU A 50 -2.53 -1.28 4.26
N GLU A 51 -1.94 -1.12 5.45
CA GLU A 51 -2.67 -1.36 6.68
C GLU A 51 -4.11 -0.86 6.54
N PHE A 52 -4.25 0.26 5.86
CA PHE A 52 -5.56 0.86 5.65
C PHE A 52 -6.25 0.23 4.43
N GLN A 53 -7.58 0.31 4.45
CA GLN A 53 -8.37 -0.24 3.36
C GLN A 53 -8.35 0.71 2.17
N ASP A 54 -8.94 0.24 1.07
CA ASP A 54 -8.99 1.03 -0.15
C ASP A 54 -9.76 2.32 0.13
N GLN A 55 -10.98 2.16 0.60
CA GLN A 55 -11.83 3.31 0.91
C GLN A 55 -11.03 4.37 1.68
N GLU A 56 -10.50 3.94 2.82
CA GLU A 56 -9.72 4.83 3.65
C GLU A 56 -8.44 5.27 2.93
N LEU A 57 -7.85 4.31 2.22
CA LEU A 57 -6.64 4.59 1.47
C LEU A 57 -6.86 5.79 0.55
N LEU A 58 -7.81 5.62 -0.36
CA LEU A 58 -8.14 6.67 -1.31
C LEU A 58 -8.28 8.00 -0.55
N ALA A 59 -9.23 8.01 0.38
CA ALA A 59 -9.48 9.20 1.17
C ALA A 59 -8.17 9.73 1.73
N LEU A 60 -7.38 8.80 2.25
CA LEU A 60 -6.09 9.15 2.82
C LEU A 60 -5.28 9.97 1.80
N ILE A 61 -5.32 9.50 0.56
CA ILE A 61 -4.59 10.17 -0.51
C ILE A 61 -5.16 11.58 -0.69
N ASN A 62 -6.47 11.65 -0.93
CA ASN A 62 -7.13 12.93 -1.12
C ASN A 62 -6.85 13.81 0.10
N GLY A 63 -6.56 13.17 1.22
CA GLY A 63 -6.28 13.88 2.45
C GLY A 63 -7.51 13.91 3.36
N HIS A 64 -8.32 12.86 3.24
CA HIS A 64 -9.51 12.75 4.05
C HIS A 64 -9.15 12.29 5.46
N SER A 65 -9.03 10.97 5.59
CA SER A 65 -8.68 10.38 6.87
C SER A 65 -7.26 10.80 7.28
N GLU A 66 -6.89 10.39 8.48
CA GLU A 66 -5.56 10.72 9.00
C GLU A 66 -4.76 9.44 9.24
N THR A 67 -3.46 9.63 9.41
CA THR A 67 -2.57 8.50 9.64
C THR A 67 -1.81 8.68 10.97
N ASP A 68 -1.97 7.69 11.84
CA ASP A 68 -1.31 7.73 13.14
C ASP A 68 0.06 7.08 13.02
N LYS A 69 0.70 7.30 11.87
CA LYS A 69 2.02 6.74 11.63
C LYS A 69 2.79 7.67 10.70
N GLY A 70 3.92 8.16 11.20
CA GLY A 70 4.76 9.05 10.43
C GLY A 70 5.59 8.28 9.41
N HIS A 71 5.56 6.96 9.55
CA HIS A 71 6.30 6.11 8.64
C HIS A 71 5.49 5.88 7.37
N LEU A 72 4.35 6.54 7.31
CA LEU A 72 3.47 6.43 6.15
C LEU A 72 3.40 7.77 5.43
N ILE A 73 3.37 8.83 6.22
CA ILE A 73 3.30 10.17 5.67
C ILE A 73 4.19 10.25 4.41
N PRO A 74 5.46 9.80 4.59
CA PRO A 74 6.41 9.81 3.48
C PRO A 74 6.10 8.69 2.48
N MET A 75 6.09 7.47 3.00
CA MET A 75 5.82 6.31 2.17
C MET A 75 4.56 6.53 1.32
N LEU A 76 3.72 7.44 1.78
CA LEU A 76 2.49 7.75 1.08
C LEU A 76 2.82 8.60 -0.15
N GLU A 77 3.66 9.60 0.06
CA GLU A 77 4.05 10.49 -1.02
C GLU A 77 4.56 9.68 -2.21
N LYS A 78 5.43 8.72 -1.92
CA LYS A 78 6.00 7.88 -2.95
C LYS A 78 4.88 7.09 -3.63
N ILE A 79 4.18 6.29 -2.83
CA ILE A 79 3.09 5.48 -3.35
C ILE A 79 2.12 6.38 -4.12
N ARG A 80 1.61 7.38 -3.42
CA ARG A 80 0.67 8.32 -4.01
C ARG A 80 1.09 8.64 -5.45
N ARG A 81 2.39 8.75 -5.65
CA ARG A 81 2.94 9.05 -6.96
C ARG A 81 2.57 7.94 -7.95
N ALA A 82 3.01 6.73 -7.62
CA ALA A 82 2.74 5.59 -8.47
C ALA A 82 1.23 5.47 -8.69
N MET A 1 15.13 -7.69 11.12
CA MET A 1 14.62 -8.67 10.17
C MET A 1 13.09 -8.62 10.11
N MET A 2 12.55 -9.29 9.12
CA MET A 2 11.11 -9.34 8.93
C MET A 2 10.70 -10.48 8.00
N VAL A 3 9.45 -10.89 8.14
CA VAL A 3 8.93 -11.98 7.32
C VAL A 3 8.46 -11.42 5.98
N PHE A 4 8.42 -12.29 4.98
CA PHE A 4 7.99 -11.88 3.65
C PHE A 4 8.35 -12.94 2.62
N ASP A 5 7.40 -13.84 2.37
CA ASP A 5 7.61 -14.91 1.41
C ASP A 5 6.47 -14.90 0.39
N ASP A 6 6.36 -16.00 -0.34
CA ASP A 6 5.31 -16.14 -1.34
C ASP A 6 3.99 -15.66 -0.75
N ILE A 7 3.84 -15.86 0.55
CA ILE A 7 2.63 -15.45 1.24
C ILE A 7 2.53 -13.93 1.23
N ALA A 8 3.54 -13.30 1.78
CA ALA A 8 3.58 -11.84 1.85
C ALA A 8 3.13 -11.27 0.50
N LYS A 9 3.56 -11.94 -0.57
CA LYS A 9 3.21 -11.51 -1.91
C LYS A 9 1.68 -11.42 -2.04
N ARG A 10 1.03 -12.55 -1.80
CA ARG A 10 -0.41 -12.61 -1.88
C ARG A 10 -1.04 -11.65 -0.86
N LYS A 11 -0.44 -11.60 0.31
CA LYS A 11 -0.93 -10.74 1.37
C LYS A 11 -1.03 -9.30 0.84
N ILE A 12 0.11 -8.79 0.39
CA ILE A 12 0.15 -7.43 -0.14
C ILE A 12 -1.11 -7.17 -0.97
N ARG A 13 -1.45 -8.15 -1.79
CA ARG A 13 -2.62 -8.04 -2.64
C ARG A 13 -3.89 -8.25 -1.82
N PHE A 14 -3.97 -9.44 -1.22
CA PHE A 14 -5.12 -9.79 -0.41
C PHE A 14 -5.56 -8.61 0.46
N GLN A 15 -4.60 -7.75 0.77
CA GLN A 15 -4.87 -6.59 1.59
C GLN A 15 -5.45 -5.46 0.73
N THR A 16 -4.70 -5.08 -0.28
CA THR A 16 -5.12 -4.02 -1.18
C THR A 16 -6.58 -4.22 -1.59
N ARG A 17 -6.78 -5.13 -2.52
CA ARG A 17 -8.12 -5.42 -3.00
C ARG A 17 -9.13 -5.33 -1.86
N ARG A 18 -10.14 -4.49 -2.05
CA ARG A 18 -11.17 -4.30 -1.05
C ARG A 18 -12.48 -3.92 -1.72
N GLY A 19 -13.31 -3.21 -0.96
CA GLY A 19 -14.60 -2.77 -1.45
C GLY A 19 -14.44 -1.83 -2.65
N LEU A 20 -13.43 -0.97 -2.56
CA LEU A 20 -13.17 -0.01 -3.62
C LEU A 20 -12.67 -0.77 -4.86
N LEU A 21 -13.53 -0.77 -5.88
CA LEU A 21 -13.20 -1.45 -7.12
C LEU A 21 -12.01 -0.74 -7.78
N GLU A 22 -12.23 0.52 -8.12
CA GLU A 22 -11.19 1.31 -8.76
C GLU A 22 -9.85 1.10 -8.05
N LEU A 23 -9.90 1.19 -6.73
CA LEU A 23 -8.70 1.03 -5.92
C LEU A 23 -8.02 -0.29 -6.30
N ASP A 24 -8.84 -1.27 -6.64
CA ASP A 24 -8.33 -2.58 -7.03
C ASP A 24 -7.54 -2.44 -8.32
N LEU A 25 -7.90 -1.43 -9.10
CA LEU A 25 -7.23 -1.19 -10.36
C LEU A 25 -5.87 -0.55 -10.09
N ILE A 26 -5.91 0.61 -9.43
CA ILE A 26 -4.69 1.33 -9.11
C ILE A 26 -3.61 0.33 -8.67
N PHE A 27 -3.90 -0.37 -7.57
CA PHE A 27 -2.97 -1.35 -7.05
C PHE A 27 -2.31 -2.14 -8.17
N GLY A 28 -3.15 -2.61 -9.08
CA GLY A 28 -2.67 -3.39 -10.22
C GLY A 28 -1.40 -2.77 -10.81
N ARG A 29 -1.48 -1.47 -11.05
CA ARG A 29 -0.36 -0.75 -11.62
C ARG A 29 0.60 -0.29 -10.51
N PHE A 30 0.04 0.43 -9.56
CA PHE A 30 0.82 0.93 -8.44
C PHE A 30 1.86 -0.10 -7.99
N MET A 31 1.38 -1.32 -7.77
CA MET A 31 2.25 -2.40 -7.34
C MET A 31 3.25 -2.77 -8.44
N GLU A 32 2.70 -3.17 -9.59
CA GLU A 32 3.52 -3.54 -10.72
C GLU A 32 4.62 -2.49 -10.96
N LYS A 33 4.34 -1.29 -10.50
CA LYS A 33 5.28 -0.19 -10.65
C LYS A 33 6.15 -0.08 -9.40
N GLU A 34 5.49 -0.19 -8.25
CA GLU A 34 6.18 -0.12 -6.97
C GLU A 34 6.58 -1.51 -6.49
N PHE A 35 5.57 -2.26 -6.06
CA PHE A 35 5.80 -3.62 -5.58
C PHE A 35 6.86 -4.33 -6.42
N GLU A 36 6.89 -3.98 -7.70
CA GLU A 36 7.84 -4.58 -8.62
C GLU A 36 9.27 -4.14 -8.25
N HIS A 37 9.41 -2.85 -8.02
CA HIS A 37 10.71 -2.29 -7.65
C HIS A 37 10.94 -2.46 -6.15
N LEU A 38 9.85 -2.38 -5.40
CA LEU A 38 9.92 -2.51 -3.96
C LEU A 38 10.68 -3.80 -3.61
N SER A 39 10.79 -4.05 -2.32
CA SER A 39 11.49 -5.23 -1.84
C SER A 39 11.11 -5.51 -0.38
N ASP A 40 11.78 -6.50 0.19
CA ASP A 40 11.53 -6.88 1.57
C ASP A 40 11.53 -5.63 2.44
N LYS A 41 12.53 -4.79 2.22
CA LYS A 41 12.66 -3.55 2.98
C LYS A 41 11.36 -2.75 2.86
N GLU A 42 11.10 -2.29 1.64
CA GLU A 42 9.91 -1.50 1.37
C GLU A 42 8.66 -2.28 1.83
N LEU A 43 8.65 -3.56 1.52
CA LEU A 43 7.53 -4.42 1.88
C LEU A 43 7.10 -4.10 3.31
N SER A 44 8.09 -3.93 4.19
CA SER A 44 7.81 -3.62 5.57
C SER A 44 6.84 -2.44 5.66
N GLU A 45 7.24 -1.34 5.05
CA GLU A 45 6.42 -0.13 5.05
C GLU A 45 5.08 -0.41 4.37
N PHE A 46 5.16 -0.98 3.18
CA PHE A 46 3.98 -1.29 2.41
C PHE A 46 2.87 -1.84 3.31
N SER A 47 3.23 -2.87 4.07
CA SER A 47 2.29 -3.50 4.98
C SER A 47 1.76 -2.47 5.98
N GLU A 48 2.67 -1.61 6.44
CA GLU A 48 2.32 -0.58 7.39
C GLU A 48 1.26 0.34 6.80
N ILE A 49 1.49 0.73 5.55
CA ILE A 49 0.58 1.62 4.85
C ILE A 49 -0.68 0.84 4.45
N LEU A 50 -0.45 -0.26 3.74
CA LEU A 50 -1.55 -1.10 3.29
C LEU A 50 -2.55 -1.28 4.43
N GLU A 51 -2.02 -1.36 5.65
CA GLU A 51 -2.85 -1.53 6.82
C GLU A 51 -4.16 -0.75 6.67
N PHE A 52 -4.04 0.43 6.09
CA PHE A 52 -5.20 1.28 5.88
C PHE A 52 -6.18 0.63 4.89
N GLN A 53 -7.46 0.87 5.15
CA GLN A 53 -8.50 0.32 4.29
C GLN A 53 -8.52 1.03 2.94
N ASP A 54 -9.35 0.52 2.05
CA ASP A 54 -9.46 1.08 0.71
C ASP A 54 -10.16 2.45 0.81
N GLN A 55 -11.26 2.47 1.54
CA GLN A 55 -12.02 3.69 1.72
C GLN A 55 -11.09 4.83 2.15
N GLU A 56 -10.45 4.64 3.29
CA GLU A 56 -9.54 5.64 3.81
C GLU A 56 -8.42 5.90 2.82
N LEU A 57 -7.79 4.82 2.38
CA LEU A 57 -6.69 4.92 1.43
C LEU A 57 -7.05 5.93 0.34
N LEU A 58 -8.12 5.61 -0.39
CA LEU A 58 -8.59 6.48 -1.45
C LEU A 58 -8.60 7.93 -0.96
N ALA A 59 -9.38 8.16 0.08
CA ALA A 59 -9.48 9.48 0.65
C ALA A 59 -8.08 10.06 0.87
N LEU A 60 -7.23 9.24 1.45
CA LEU A 60 -5.86 9.64 1.71
C LEU A 60 -5.22 10.17 0.42
N ILE A 61 -5.31 9.34 -0.62
CA ILE A 61 -4.76 9.71 -1.91
C ILE A 61 -5.20 11.12 -2.27
N ASN A 62 -6.51 11.30 -2.33
CA ASN A 62 -7.08 12.60 -2.66
C ASN A 62 -6.54 13.65 -1.68
N GLY A 63 -6.34 13.21 -0.44
CA GLY A 63 -5.85 14.10 0.59
C GLY A 63 -6.89 14.29 1.69
N HIS A 64 -7.76 13.30 1.83
CA HIS A 64 -8.80 13.34 2.83
C HIS A 64 -8.25 12.87 4.17
N SER A 65 -8.29 11.55 4.35
CA SER A 65 -7.79 10.95 5.58
C SER A 65 -6.34 11.36 5.82
N GLU A 66 -5.87 11.09 7.03
CA GLU A 66 -4.51 11.43 7.39
C GLU A 66 -3.78 10.19 7.93
N THR A 67 -2.49 10.37 8.17
CA THR A 67 -1.67 9.27 8.68
C THR A 67 -0.89 9.73 9.93
N ASP A 68 -1.12 9.00 11.01
CA ASP A 68 -0.44 9.32 12.26
C ASP A 68 0.85 8.52 12.36
N LYS A 69 1.52 8.39 11.21
CA LYS A 69 2.77 7.66 11.15
C LYS A 69 3.76 8.42 10.27
N GLY A 70 4.85 8.83 10.89
CA GLY A 70 5.88 9.57 10.17
C GLY A 70 6.65 8.66 9.20
N HIS A 71 6.44 7.36 9.38
CA HIS A 71 7.09 6.38 8.54
C HIS A 71 6.26 6.15 7.28
N LEU A 72 5.00 6.55 7.35
CA LEU A 72 4.09 6.40 6.22
C LEU A 72 4.01 7.72 5.46
N ILE A 73 4.08 8.81 6.21
CA ILE A 73 4.01 10.14 5.62
C ILE A 73 4.78 10.14 4.30
N PRO A 74 6.03 9.61 4.36
CA PRO A 74 6.88 9.55 3.17
C PRO A 74 6.41 8.43 2.23
N MET A 75 6.41 7.22 2.76
CA MET A 75 6.00 6.06 1.99
C MET A 75 4.67 6.33 1.28
N LEU A 76 3.91 7.25 1.85
CA LEU A 76 2.62 7.60 1.27
C LEU A 76 2.83 8.48 0.04
N GLU A 77 3.85 9.32 0.12
CA GLU A 77 4.17 10.21 -0.98
C GLU A 77 4.53 9.41 -2.23
N LYS A 78 5.45 8.48 -2.05
CA LYS A 78 5.89 7.63 -3.15
C LYS A 78 4.72 6.78 -3.63
N ILE A 79 4.13 6.06 -2.68
CA ILE A 79 3.00 5.20 -2.99
C ILE A 79 1.89 6.04 -3.65
N ARG A 80 1.40 7.00 -2.89
CA ARG A 80 0.35 7.87 -3.39
C ARG A 80 0.68 8.37 -4.80
N ARG A 81 1.98 8.54 -5.03
CA ARG A 81 2.44 9.00 -6.33
C ARG A 81 1.80 8.18 -7.45
N ALA A 82 2.09 6.89 -7.44
CA ALA A 82 1.55 5.99 -8.44
C ALA A 82 0.02 6.06 -8.41
N MET A 1 4.75 -6.49 12.64
CA MET A 1 5.11 -7.88 12.84
C MET A 1 5.14 -8.64 11.52
N MET A 2 5.52 -9.91 11.60
CA MET A 2 5.58 -10.75 10.42
C MET A 2 6.65 -10.24 9.45
N VAL A 3 7.49 -11.17 9.01
CA VAL A 3 8.56 -10.83 8.08
C VAL A 3 8.09 -11.11 6.65
N PHE A 4 8.63 -10.33 5.72
CA PHE A 4 8.28 -10.48 4.32
C PHE A 4 8.71 -11.84 3.79
N ASP A 5 7.90 -12.37 2.89
CA ASP A 5 8.18 -13.67 2.29
C ASP A 5 7.11 -14.00 1.26
N ASP A 6 7.23 -15.18 0.68
CA ASP A 6 6.28 -15.63 -0.32
C ASP A 6 4.86 -15.22 0.11
N ILE A 7 4.62 -15.31 1.40
CA ILE A 7 3.32 -14.96 1.95
C ILE A 7 3.05 -13.48 1.68
N ALA A 8 3.97 -12.65 2.12
CA ALA A 8 3.85 -11.21 1.94
C ALA A 8 3.35 -10.93 0.52
N LYS A 9 3.94 -11.64 -0.43
CA LYS A 9 3.57 -11.47 -1.82
C LYS A 9 2.04 -11.46 -1.95
N ARG A 10 1.44 -12.56 -1.55
CA ARG A 10 -0.01 -12.68 -1.60
C ARG A 10 -0.66 -11.69 -0.63
N LYS A 11 -0.08 -11.59 0.55
CA LYS A 11 -0.59 -10.69 1.57
C LYS A 11 -0.79 -9.30 0.95
N ILE A 12 0.28 -8.79 0.35
CA ILE A 12 0.22 -7.48 -0.28
C ILE A 12 -1.12 -7.31 -0.99
N ARG A 13 -1.45 -8.29 -1.81
CA ARG A 13 -2.71 -8.26 -2.55
C ARG A 13 -3.88 -8.60 -1.62
N PHE A 14 -3.72 -9.69 -0.90
CA PHE A 14 -4.76 -10.13 0.03
C PHE A 14 -5.23 -8.97 0.91
N GLN A 15 -4.31 -8.04 1.17
CA GLN A 15 -4.63 -6.88 1.99
C GLN A 15 -5.38 -5.84 1.17
N THR A 16 -4.86 -5.57 -0.01
CA THR A 16 -5.48 -4.60 -0.90
C THR A 16 -6.90 -5.04 -1.26
N ARG A 17 -7.41 -4.45 -2.34
CA ARG A 17 -8.74 -4.77 -2.81
C ARG A 17 -9.76 -4.56 -1.68
N ARG A 18 -11.03 -4.62 -2.06
CA ARG A 18 -12.10 -4.44 -1.09
C ARG A 18 -12.16 -2.99 -0.62
N GLY A 19 -13.31 -2.37 -0.84
CA GLY A 19 -13.50 -0.99 -0.45
C GLY A 19 -13.91 -0.12 -1.65
N LEU A 20 -13.03 -0.07 -2.63
CA LEU A 20 -13.29 0.70 -3.82
C LEU A 20 -12.87 -0.11 -5.06
N LEU A 21 -13.63 0.05 -6.12
CA LEU A 21 -13.36 -0.66 -7.35
C LEU A 21 -12.01 -0.18 -7.92
N GLU A 22 -12.01 1.06 -8.36
CA GLU A 22 -10.80 1.65 -8.92
C GLU A 22 -9.58 1.27 -8.08
N LEU A 23 -9.77 1.36 -6.77
CA LEU A 23 -8.71 1.03 -5.84
C LEU A 23 -8.12 -0.33 -6.19
N ASP A 24 -9.00 -1.33 -6.25
CA ASP A 24 -8.60 -2.68 -6.57
C ASP A 24 -7.71 -2.65 -7.82
N LEU A 25 -8.06 -1.77 -8.74
CA LEU A 25 -7.31 -1.64 -9.98
C LEU A 25 -6.00 -0.88 -9.69
N ILE A 26 -6.14 0.26 -9.04
CA ILE A 26 -5.00 1.07 -8.70
C ILE A 26 -3.83 0.16 -8.30
N PHE A 27 -4.05 -0.58 -7.22
CA PHE A 27 -3.02 -1.49 -6.73
C PHE A 27 -2.33 -2.21 -7.88
N GLY A 28 -3.14 -2.87 -8.71
CA GLY A 28 -2.62 -3.60 -9.84
C GLY A 28 -1.51 -2.81 -10.54
N ARG A 29 -1.79 -1.53 -10.77
CA ARG A 29 -0.84 -0.66 -11.44
C ARG A 29 0.14 -0.08 -10.41
N PHE A 30 -0.40 0.67 -9.48
CA PHE A 30 0.41 1.29 -8.44
C PHE A 30 1.47 0.30 -7.91
N MET A 31 1.01 -0.91 -7.65
CA MET A 31 1.90 -1.94 -7.16
C MET A 31 2.96 -2.32 -8.19
N GLU A 32 2.53 -2.32 -9.44
CA GLU A 32 3.43 -2.65 -10.54
C GLU A 32 4.53 -1.58 -10.67
N LYS A 33 4.19 -0.38 -10.23
CA LYS A 33 5.13 0.72 -10.29
C LYS A 33 5.77 0.92 -8.91
N GLU A 34 5.31 0.12 -7.97
CA GLU A 34 5.83 0.19 -6.61
C GLU A 34 6.30 -1.19 -6.14
N PHE A 35 5.32 -2.02 -5.79
CA PHE A 35 5.61 -3.37 -5.33
C PHE A 35 6.60 -4.07 -6.28
N GLU A 36 6.49 -3.72 -7.54
CA GLU A 36 7.37 -4.30 -8.55
C GLU A 36 8.81 -3.87 -8.32
N HIS A 37 8.97 -2.93 -7.40
CA HIS A 37 10.30 -2.43 -7.08
C HIS A 37 10.52 -2.53 -5.56
N LEU A 38 9.49 -2.17 -4.82
CA LEU A 38 9.56 -2.21 -3.36
C LEU A 38 10.24 -3.50 -2.93
N SER A 39 11.41 -3.35 -2.33
CA SER A 39 12.17 -4.50 -1.86
C SER A 39 11.55 -5.04 -0.57
N ASP A 40 12.09 -6.15 -0.12
CA ASP A 40 11.61 -6.79 1.10
C ASP A 40 11.39 -5.72 2.16
N LYS A 41 12.48 -5.06 2.53
CA LYS A 41 12.41 -4.02 3.55
C LYS A 41 11.24 -3.09 3.24
N GLU A 42 11.28 -2.52 2.05
CA GLU A 42 10.22 -1.61 1.62
C GLU A 42 8.85 -2.27 1.77
N LEU A 43 8.75 -3.48 1.24
CA LEU A 43 7.51 -4.23 1.30
C LEU A 43 6.94 -4.13 2.72
N SER A 44 7.84 -4.00 3.68
CA SER A 44 7.44 -3.89 5.08
C SER A 44 6.55 -2.66 5.26
N GLU A 45 6.97 -1.56 4.67
CA GLU A 45 6.23 -0.32 4.77
C GLU A 45 4.85 -0.48 4.11
N PHE A 46 4.86 -0.80 2.83
CA PHE A 46 3.62 -0.99 2.09
C PHE A 46 2.59 -1.73 2.94
N SER A 47 3.03 -2.83 3.53
CA SER A 47 2.16 -3.64 4.36
C SER A 47 1.41 -2.75 5.36
N GLU A 48 2.12 -1.78 5.88
CA GLU A 48 1.54 -0.85 6.84
C GLU A 48 0.43 -0.03 6.19
N ILE A 49 0.83 0.83 5.26
CA ILE A 49 -0.13 1.66 4.56
C ILE A 49 -1.32 0.81 4.11
N LEU A 50 -1.00 -0.37 3.60
CA LEU A 50 -2.03 -1.28 3.13
C LEU A 50 -3.08 -1.47 4.24
N GLU A 51 -2.59 -1.47 5.47
CA GLU A 51 -3.48 -1.64 6.61
C GLU A 51 -4.80 -0.91 6.38
N PHE A 52 -4.69 0.23 5.69
CA PHE A 52 -5.87 1.03 5.39
C PHE A 52 -6.66 0.43 4.22
N GLN A 53 -7.97 0.63 4.27
CA GLN A 53 -8.84 0.12 3.22
C GLN A 53 -8.76 1.00 1.98
N ASP A 54 -9.44 0.56 0.93
CA ASP A 54 -9.45 1.30 -0.32
C ASP A 54 -10.02 2.70 -0.07
N GLN A 55 -11.26 2.72 0.40
CA GLN A 55 -11.93 3.98 0.68
C GLN A 55 -10.99 4.93 1.40
N GLU A 56 -10.48 4.46 2.53
CA GLU A 56 -9.56 5.27 3.32
C GLU A 56 -8.29 5.57 2.52
N LEU A 57 -7.71 4.51 1.97
CA LEU A 57 -6.49 4.65 1.19
C LEU A 57 -6.67 5.79 0.18
N LEU A 58 -7.65 5.62 -0.69
CA LEU A 58 -7.93 6.62 -1.71
C LEU A 58 -8.05 7.99 -1.04
N ALA A 59 -8.98 8.08 -0.11
CA ALA A 59 -9.21 9.33 0.61
C ALA A 59 -7.88 9.87 1.12
N LEU A 60 -7.11 8.98 1.74
CA LEU A 60 -5.81 9.36 2.26
C LEU A 60 -5.06 10.20 1.24
N ILE A 61 -4.81 9.59 0.09
CA ILE A 61 -4.10 10.26 -0.99
C ILE A 61 -4.76 11.62 -1.23
N ASN A 62 -6.08 11.61 -1.26
CA ASN A 62 -6.82 12.84 -1.49
C ASN A 62 -6.53 13.83 -0.35
N GLY A 63 -6.35 13.28 0.84
CA GLY A 63 -6.07 14.09 2.01
C GLY A 63 -7.21 14.00 3.03
N HIS A 64 -8.07 13.01 2.82
CA HIS A 64 -9.20 12.81 3.71
C HIS A 64 -8.70 12.34 5.09
N SER A 65 -8.33 11.06 5.14
CA SER A 65 -7.84 10.47 6.38
C SER A 65 -6.40 10.93 6.63
N GLU A 66 -5.89 10.54 7.78
CA GLU A 66 -4.53 10.90 8.15
C GLU A 66 -3.72 9.63 8.47
N THR A 67 -2.41 9.82 8.58
CA THR A 67 -1.52 8.71 8.88
C THR A 67 -0.96 8.84 10.30
N ASP A 68 -1.24 7.82 11.10
CA ASP A 68 -0.77 7.81 12.48
C ASP A 68 0.60 7.14 12.54
N LYS A 69 1.39 7.38 11.51
CA LYS A 69 2.73 6.81 11.43
C LYS A 69 3.56 7.60 10.42
N GLY A 70 4.73 8.01 10.85
CA GLY A 70 5.63 8.76 9.99
C GLY A 70 6.36 7.84 9.01
N HIS A 71 6.16 6.55 9.21
CA HIS A 71 6.80 5.56 8.36
C HIS A 71 6.01 5.44 7.05
N LEU A 72 4.91 6.17 6.98
CA LEU A 72 4.07 6.15 5.79
C LEU A 72 4.17 7.50 5.09
N ILE A 73 4.49 8.52 5.87
CA ILE A 73 4.62 9.87 5.33
C ILE A 73 5.38 9.81 4.00
N PRO A 74 6.52 9.07 4.02
CA PRO A 74 7.34 8.93 2.83
C PRO A 74 6.69 7.97 1.83
N MET A 75 6.34 6.80 2.34
CA MET A 75 5.71 5.79 1.50
C MET A 75 4.49 6.35 0.77
N LEU A 76 3.80 7.25 1.45
CA LEU A 76 2.62 7.87 0.88
C LEU A 76 3.02 8.70 -0.34
N GLU A 77 4.14 9.40 -0.19
CA GLU A 77 4.64 10.24 -1.27
C GLU A 77 4.90 9.40 -2.52
N LYS A 78 5.73 8.39 -2.35
CA LYS A 78 6.07 7.50 -3.46
C LYS A 78 4.81 6.74 -3.89
N ILE A 79 4.17 6.11 -2.93
CA ILE A 79 2.96 5.35 -3.20
C ILE A 79 1.96 6.24 -3.93
N ARG A 80 1.49 7.26 -3.21
CA ARG A 80 0.52 8.19 -3.77
C ARG A 80 0.90 8.53 -5.22
N ARG A 81 2.19 8.65 -5.45
CA ARG A 81 2.69 8.97 -6.77
C ARG A 81 2.08 8.02 -7.81
N ALA A 82 2.39 6.75 -7.65
CA ALA A 82 1.88 5.74 -8.57
C ALA A 82 0.35 5.65 -8.44
N MET A 1 9.64 -7.33 11.39
CA MET A 1 8.81 -8.50 11.64
C MET A 1 9.28 -9.70 10.81
N MET A 2 10.45 -10.21 11.18
CA MET A 2 11.01 -11.35 10.48
C MET A 2 11.10 -11.10 8.98
N VAL A 3 11.80 -11.99 8.30
CA VAL A 3 11.97 -11.86 6.86
C VAL A 3 10.67 -12.28 6.16
N PHE A 4 10.55 -11.86 4.91
CA PHE A 4 9.37 -12.17 4.13
C PHE A 4 9.72 -13.11 2.97
N ASP A 5 8.68 -13.55 2.27
CA ASP A 5 8.86 -14.45 1.15
C ASP A 5 7.75 -14.21 0.12
N ASP A 6 7.84 -14.92 -0.99
CA ASP A 6 6.86 -14.80 -2.05
C ASP A 6 5.47 -14.68 -1.43
N ILE A 7 5.18 -15.59 -0.52
CA ILE A 7 3.89 -15.61 0.15
C ILE A 7 3.56 -14.19 0.63
N ALA A 8 4.53 -13.58 1.29
CA ALA A 8 4.36 -12.24 1.81
C ALA A 8 3.87 -11.32 0.68
N LYS A 9 4.56 -11.39 -0.44
CA LYS A 9 4.22 -10.58 -1.60
C LYS A 9 2.72 -10.75 -1.90
N ARG A 10 2.28 -11.99 -1.79
CA ARG A 10 0.88 -12.30 -2.05
C ARG A 10 -0.04 -11.43 -1.19
N LYS A 11 0.36 -11.26 0.06
CA LYS A 11 -0.40 -10.45 1.00
C LYS A 11 -0.60 -9.05 0.40
N ILE A 12 0.49 -8.51 -0.10
CA ILE A 12 0.45 -7.18 -0.70
C ILE A 12 -0.83 -7.02 -1.50
N ARG A 13 -1.03 -7.97 -2.41
CA ARG A 13 -2.21 -7.95 -3.26
C ARG A 13 -3.45 -8.38 -2.46
N PHE A 14 -3.27 -9.43 -1.68
CA PHE A 14 -4.35 -9.95 -0.86
C PHE A 14 -4.92 -8.87 0.05
N GLN A 15 -4.10 -7.85 0.29
CA GLN A 15 -4.51 -6.75 1.14
C GLN A 15 -5.29 -5.71 0.33
N THR A 16 -4.70 -5.34 -0.80
CA THR A 16 -5.31 -4.35 -1.68
C THR A 16 -6.76 -4.76 -2.00
N ARG A 17 -6.89 -5.93 -2.59
CA ARG A 17 -8.20 -6.45 -2.95
C ARG A 17 -9.23 -6.07 -1.89
N ARG A 18 -10.38 -5.61 -2.36
CA ARG A 18 -11.45 -5.22 -1.46
C ARG A 18 -11.21 -3.79 -0.94
N GLY A 19 -12.30 -3.15 -0.55
CA GLY A 19 -12.22 -1.80 -0.04
C GLY A 19 -12.92 -0.81 -0.98
N LEU A 20 -12.39 -0.71 -2.20
CA LEU A 20 -12.94 0.17 -3.19
C LEU A 20 -12.64 -0.37 -4.59
N LEU A 21 -13.63 -0.26 -5.47
CA LEU A 21 -13.48 -0.73 -6.83
C LEU A 21 -12.25 -0.09 -7.46
N GLU A 22 -12.37 1.19 -7.76
CA GLU A 22 -11.27 1.93 -8.36
C GLU A 22 -9.94 1.53 -7.72
N LEU A 23 -9.94 1.55 -6.39
CA LEU A 23 -8.75 1.20 -5.64
C LEU A 23 -8.19 -0.12 -6.17
N ASP A 24 -9.09 -1.08 -6.36
CA ASP A 24 -8.71 -2.38 -6.87
C ASP A 24 -7.94 -2.22 -8.19
N LEU A 25 -8.37 -1.21 -8.95
CA LEU A 25 -7.75 -0.94 -10.23
C LEU A 25 -6.38 -0.26 -9.99
N ILE A 26 -6.41 0.77 -9.17
CA ILE A 26 -5.19 1.51 -8.86
C ILE A 26 -4.10 0.51 -8.44
N PHE A 27 -4.40 -0.24 -7.40
CA PHE A 27 -3.47 -1.23 -6.90
C PHE A 27 -2.85 -2.04 -8.04
N GLY A 28 -3.70 -2.47 -8.95
CA GLY A 28 -3.25 -3.25 -10.09
C GLY A 28 -1.96 -2.67 -10.68
N ARG A 29 -1.98 -1.36 -10.86
CA ARG A 29 -0.82 -0.67 -11.42
C ARG A 29 0.17 -0.32 -10.30
N PHE A 30 -0.32 0.42 -9.32
CA PHE A 30 0.51 0.82 -8.20
C PHE A 30 1.45 -0.32 -7.78
N MET A 31 0.98 -1.54 -7.98
CA MET A 31 1.76 -2.70 -7.63
C MET A 31 2.71 -3.09 -8.77
N GLU A 32 2.18 -3.12 -9.97
CA GLU A 32 2.95 -3.47 -11.14
C GLU A 32 4.29 -2.73 -11.13
N LYS A 33 4.28 -1.56 -10.49
CA LYS A 33 5.48 -0.75 -10.40
C LYS A 33 6.18 -1.04 -9.07
N GLU A 34 5.43 -0.89 -7.99
CA GLU A 34 5.96 -1.13 -6.67
C GLU A 34 6.10 -2.64 -6.41
N PHE A 35 4.98 -3.26 -6.14
CA PHE A 35 4.95 -4.69 -5.88
C PHE A 35 5.90 -5.43 -6.83
N GLU A 36 6.12 -4.82 -7.99
CA GLU A 36 6.99 -5.41 -8.99
C GLU A 36 8.14 -6.16 -8.32
N HIS A 37 8.83 -5.45 -7.44
CA HIS A 37 9.95 -6.04 -6.73
C HIS A 37 10.17 -5.28 -5.41
N LEU A 38 9.11 -5.19 -4.64
CA LEU A 38 9.17 -4.50 -3.36
C LEU A 38 10.24 -5.15 -2.48
N SER A 39 11.11 -4.32 -1.94
CA SER A 39 12.18 -4.79 -1.09
C SER A 39 11.63 -5.16 0.29
N ASP A 40 12.49 -5.78 1.10
CA ASP A 40 12.10 -6.19 2.43
C ASP A 40 11.57 -4.98 3.20
N LYS A 41 12.35 -3.92 3.20
CA LYS A 41 11.98 -2.69 3.88
C LYS A 41 10.73 -2.11 3.23
N GLU A 42 10.75 -2.11 1.90
CA GLU A 42 9.62 -1.58 1.14
C GLU A 42 8.35 -2.34 1.47
N LEU A 43 8.54 -3.60 1.85
CA LEU A 43 7.42 -4.46 2.20
C LEU A 43 6.89 -4.08 3.58
N SER A 44 7.73 -3.35 4.30
CA SER A 44 7.36 -2.90 5.64
C SER A 44 6.36 -1.75 5.56
N GLU A 45 6.79 -0.68 4.93
CA GLU A 45 5.95 0.49 4.78
C GLU A 45 4.61 0.11 4.16
N PHE A 46 4.70 -0.72 3.12
CA PHE A 46 3.50 -1.17 2.43
C PHE A 46 2.53 -1.84 3.39
N SER A 47 3.03 -2.86 4.07
CA SER A 47 2.22 -3.59 5.03
C SER A 47 1.74 -2.65 6.14
N GLU A 48 2.45 -1.54 6.27
CA GLU A 48 2.11 -0.56 7.28
C GLU A 48 1.03 0.39 6.76
N ILE A 49 1.25 0.88 5.55
CA ILE A 49 0.30 1.79 4.93
C ILE A 49 -0.94 1.02 4.50
N LEU A 50 -0.71 -0.16 3.92
CA LEU A 50 -1.78 -1.00 3.46
C LEU A 50 -2.77 -1.24 4.61
N GLU A 51 -2.24 -1.17 5.83
CA GLU A 51 -3.05 -1.38 7.02
C GLU A 51 -4.42 -0.72 6.83
N PHE A 52 -4.42 0.41 6.13
CA PHE A 52 -5.65 1.13 5.88
C PHE A 52 -6.43 0.52 4.72
N GLN A 53 -7.74 0.73 4.76
CA GLN A 53 -8.61 0.19 3.71
C GLN A 53 -8.56 1.09 2.47
N ASP A 54 -9.03 0.55 1.37
CA ASP A 54 -9.04 1.29 0.11
C ASP A 54 -9.72 2.64 0.33
N GLN A 55 -10.97 2.57 0.77
CA GLN A 55 -11.74 3.79 1.02
C GLN A 55 -10.87 4.83 1.72
N GLU A 56 -10.35 4.44 2.87
CA GLU A 56 -9.51 5.33 3.65
C GLU A 56 -8.26 5.72 2.84
N LEU A 57 -7.71 4.73 2.15
CA LEU A 57 -6.53 4.94 1.34
C LEU A 57 -6.81 6.06 0.33
N LEU A 58 -7.78 5.81 -0.53
CA LEU A 58 -8.15 6.78 -1.54
C LEU A 58 -8.22 8.17 -0.91
N ALA A 59 -9.09 8.30 0.08
CA ALA A 59 -9.28 9.56 0.78
C ALA A 59 -7.90 10.12 1.17
N LEU A 60 -7.09 9.24 1.76
CA LEU A 60 -5.76 9.62 2.19
C LEU A 60 -5.02 10.28 1.02
N ILE A 61 -5.14 9.65 -0.14
CA ILE A 61 -4.48 10.15 -1.34
C ILE A 61 -4.98 11.57 -1.61
N ASN A 62 -6.29 11.70 -1.73
CA ASN A 62 -6.90 13.00 -1.99
C ASN A 62 -6.50 13.98 -0.87
N GLY A 63 -6.36 13.42 0.32
CA GLY A 63 -5.99 14.23 1.47
C GLY A 63 -7.12 14.26 2.50
N HIS A 64 -7.92 13.20 2.49
CA HIS A 64 -9.03 13.09 3.41
C HIS A 64 -8.52 12.57 4.76
N SER A 65 -8.45 11.26 4.87
CA SER A 65 -7.99 10.63 6.09
C SER A 65 -6.59 11.14 6.45
N GLU A 66 -6.17 10.83 7.67
CA GLU A 66 -4.87 11.25 8.14
C GLU A 66 -4.05 10.03 8.59
N THR A 67 -2.77 10.26 8.80
CA THR A 67 -1.88 9.20 9.23
C THR A 67 -1.12 9.62 10.50
N ASP A 68 -1.31 8.83 11.54
CA ASP A 68 -0.65 9.11 12.82
C ASP A 68 0.69 8.37 12.86
N LYS A 69 1.32 8.28 11.70
CA LYS A 69 2.61 7.62 11.58
C LYS A 69 3.49 8.38 10.59
N GLY A 70 4.58 8.91 11.11
CA GLY A 70 5.51 9.67 10.29
C GLY A 70 6.27 8.74 9.33
N HIS A 71 6.07 7.44 9.53
CA HIS A 71 6.71 6.45 8.70
C HIS A 71 5.84 6.14 7.49
N LEU A 72 4.66 6.76 7.48
CA LEU A 72 3.72 6.56 6.38
C LEU A 72 3.63 7.84 5.55
N ILE A 73 3.68 8.97 6.24
CA ILE A 73 3.61 10.26 5.58
C ILE A 73 4.50 10.23 4.33
N PRO A 74 5.75 9.76 4.53
CA PRO A 74 6.69 9.68 3.43
C PRO A 74 6.36 8.51 2.50
N MET A 75 6.17 7.35 3.11
CA MET A 75 5.84 6.15 2.35
C MET A 75 4.58 6.36 1.52
N LEU A 76 3.76 7.30 1.95
CA LEU A 76 2.52 7.61 1.26
C LEU A 76 2.84 8.42 0.00
N GLU A 77 3.93 9.18 0.07
CA GLU A 77 4.35 10.00 -1.03
C GLU A 77 4.78 9.12 -2.22
N LYS A 78 5.63 8.16 -1.92
CA LYS A 78 6.12 7.25 -2.94
C LYS A 78 4.94 6.44 -3.50
N ILE A 79 4.00 6.14 -2.62
CA ILE A 79 2.82 5.38 -3.01
C ILE A 79 1.94 6.25 -3.90
N ARG A 80 1.66 7.46 -3.41
CA ARG A 80 0.82 8.39 -4.14
C ARG A 80 1.40 8.64 -5.54
N ARG A 81 2.71 8.39 -5.65
CA ARG A 81 3.39 8.59 -6.91
C ARG A 81 2.71 7.79 -8.02
N ALA A 82 2.80 6.47 -7.90
CA ALA A 82 2.20 5.58 -8.88
C ALA A 82 0.69 5.78 -8.88
N MET A 1 7.92 -5.58 8.37
CA MET A 1 8.58 -6.29 9.44
C MET A 1 9.57 -7.32 8.89
N MET A 2 10.19 -8.05 9.81
CA MET A 2 11.15 -9.07 9.42
C MET A 2 10.45 -10.31 8.87
N VAL A 3 9.74 -10.10 7.78
CA VAL A 3 9.01 -11.20 7.14
C VAL A 3 9.08 -11.03 5.62
N PHE A 4 9.14 -12.17 4.93
CA PHE A 4 9.21 -12.16 3.48
C PHE A 4 9.21 -13.59 2.92
N ASP A 5 8.19 -13.87 2.12
CA ASP A 5 8.06 -15.18 1.52
C ASP A 5 6.97 -15.14 0.44
N ASP A 6 6.96 -16.19 -0.37
CA ASP A 6 5.97 -16.29 -1.44
C ASP A 6 4.62 -15.78 -0.94
N ILE A 7 4.40 -15.95 0.36
CA ILE A 7 3.17 -15.51 0.98
C ILE A 7 3.17 -13.99 1.11
N ALA A 8 4.19 -13.49 1.80
CA ALA A 8 4.32 -12.05 1.99
C ALA A 8 3.99 -11.33 0.69
N LYS A 9 4.36 -11.97 -0.42
CA LYS A 9 4.11 -11.39 -1.73
C LYS A 9 2.60 -11.26 -1.95
N ARG A 10 1.93 -12.40 -1.91
CA ARG A 10 0.49 -12.43 -2.11
C ARG A 10 -0.20 -11.67 -0.97
N LYS A 11 0.21 -11.98 0.25
CA LYS A 11 -0.37 -11.34 1.42
C LYS A 11 -0.52 -9.84 1.15
N ILE A 12 0.57 -9.23 0.70
CA ILE A 12 0.57 -7.81 0.41
C ILE A 12 -0.54 -7.51 -0.61
N ARG A 13 -0.55 -8.28 -1.68
CA ARG A 13 -1.53 -8.11 -2.73
C ARG A 13 -2.95 -8.28 -2.15
N PHE A 14 -3.16 -9.41 -1.51
CA PHE A 14 -4.46 -9.70 -0.91
C PHE A 14 -4.74 -8.74 0.25
N GLN A 15 -3.69 -8.10 0.73
CA GLN A 15 -3.82 -7.16 1.83
C GLN A 15 -4.68 -5.97 1.41
N THR A 16 -4.46 -5.51 0.19
CA THR A 16 -5.21 -4.39 -0.35
C THR A 16 -6.71 -4.67 -0.27
N ARG A 17 -7.46 -3.88 -1.02
CA ARG A 17 -8.91 -4.03 -1.06
C ARG A 17 -9.49 -3.30 -2.27
N ARG A 18 -10.52 -3.90 -2.84
CA ARG A 18 -11.18 -3.32 -4.00
C ARG A 18 -12.33 -2.40 -3.56
N GLY A 19 -12.32 -2.07 -2.28
CA GLY A 19 -13.34 -1.21 -1.73
C GLY A 19 -13.80 -0.16 -2.75
N LEU A 20 -12.83 0.34 -3.50
CA LEU A 20 -13.11 1.35 -4.52
C LEU A 20 -12.57 0.87 -5.86
N LEU A 21 -13.46 0.82 -6.84
CA LEU A 21 -13.08 0.38 -8.17
C LEU A 21 -11.66 0.86 -8.48
N GLU A 22 -11.55 2.13 -8.83
CA GLU A 22 -10.26 2.71 -9.16
C GLU A 22 -9.18 2.16 -8.22
N LEU A 23 -9.44 2.28 -6.93
CA LEU A 23 -8.50 1.80 -5.93
C LEU A 23 -8.15 0.34 -6.23
N ASP A 24 -9.19 -0.45 -6.45
CA ASP A 24 -9.00 -1.87 -6.75
C ASP A 24 -8.07 -2.00 -7.95
N LEU A 25 -8.29 -1.15 -8.94
CA LEU A 25 -7.47 -1.17 -10.14
C LEU A 25 -6.10 -0.57 -9.83
N ILE A 26 -6.12 0.53 -9.10
CA ILE A 26 -4.89 1.20 -8.72
C ILE A 26 -3.81 0.16 -8.41
N PHE A 27 -4.07 -0.61 -7.37
CA PHE A 27 -3.14 -1.65 -6.95
C PHE A 27 -2.64 -2.45 -8.15
N GLY A 28 -3.56 -2.70 -9.08
CA GLY A 28 -3.23 -3.46 -10.27
C GLY A 28 -1.88 -3.01 -10.85
N ARG A 29 -1.81 -1.73 -11.20
CA ARG A 29 -0.60 -1.16 -11.76
C ARG A 29 0.32 -0.67 -10.64
N PHE A 30 -0.26 0.09 -9.73
CA PHE A 30 0.50 0.63 -8.61
C PHE A 30 1.52 -0.40 -8.09
N MET A 31 1.01 -1.47 -7.51
CA MET A 31 1.86 -2.52 -6.99
C MET A 31 2.90 -2.95 -8.03
N GLU A 32 2.41 -3.31 -9.20
CA GLU A 32 3.28 -3.73 -10.28
C GLU A 32 4.28 -2.64 -10.63
N LYS A 33 3.86 -1.40 -10.39
CA LYS A 33 4.71 -0.25 -10.67
C LYS A 33 5.39 0.20 -9.38
N GLU A 34 5.17 -0.58 -8.33
CA GLU A 34 5.76 -0.27 -7.04
C GLU A 34 6.37 -1.53 -6.41
N PHE A 35 5.48 -2.41 -5.97
CA PHE A 35 5.89 -3.65 -5.34
C PHE A 35 6.99 -4.34 -6.17
N GLU A 36 6.83 -4.24 -7.48
CA GLU A 36 7.78 -4.84 -8.39
C GLU A 36 9.16 -4.18 -8.24
N HIS A 37 9.16 -3.05 -7.55
CA HIS A 37 10.40 -2.31 -7.33
C HIS A 37 10.65 -2.18 -5.83
N LEU A 38 9.65 -2.60 -5.05
CA LEU A 38 9.76 -2.53 -3.61
C LEU A 38 10.85 -3.50 -3.13
N SER A 39 10.89 -3.69 -1.82
CA SER A 39 11.88 -4.59 -1.24
C SER A 39 11.47 -4.96 0.18
N ASP A 40 12.09 -6.00 0.70
CA ASP A 40 11.80 -6.47 2.04
C ASP A 40 11.55 -5.27 2.96
N LYS A 41 12.32 -4.22 2.72
CA LYS A 41 12.20 -3.00 3.50
C LYS A 41 10.80 -2.42 3.31
N GLU A 42 10.53 -1.98 2.09
CA GLU A 42 9.24 -1.40 1.76
C GLU A 42 8.11 -2.36 2.16
N LEU A 43 8.37 -3.64 1.94
CA LEU A 43 7.39 -4.66 2.27
C LEU A 43 6.74 -4.32 3.62
N SER A 44 7.58 -3.87 4.54
CA SER A 44 7.11 -3.52 5.87
C SER A 44 6.15 -2.34 5.78
N GLU A 45 6.61 -1.27 5.13
CA GLU A 45 5.80 -0.08 4.97
C GLU A 45 4.48 -0.42 4.27
N PHE A 46 4.61 -1.00 3.08
CA PHE A 46 3.45 -1.37 2.30
C PHE A 46 2.39 -2.03 3.18
N SER A 47 2.77 -3.16 3.77
CA SER A 47 1.87 -3.89 4.64
C SER A 47 1.35 -2.98 5.76
N GLU A 48 2.08 -1.89 5.97
CA GLU A 48 1.71 -0.94 7.00
C GLU A 48 0.70 0.07 6.45
N ILE A 49 0.97 0.53 5.23
CA ILE A 49 0.09 1.49 4.58
C ILE A 49 -1.15 0.77 4.06
N LEU A 50 -0.93 -0.42 3.51
CA LEU A 50 -2.01 -1.21 2.97
C LEU A 50 -3.00 -1.54 4.09
N GLU A 51 -2.47 -1.69 5.29
CA GLU A 51 -3.29 -1.99 6.44
C GLU A 51 -4.62 -1.24 6.37
N PHE A 52 -4.53 0.01 5.93
CA PHE A 52 -5.72 0.85 5.80
C PHE A 52 -6.64 0.31 4.70
N GLN A 53 -7.92 0.63 4.85
CA GLN A 53 -8.92 0.20 3.88
C GLN A 53 -8.85 1.06 2.63
N ASP A 54 -9.64 0.68 1.64
CA ASP A 54 -9.68 1.41 0.38
C ASP A 54 -10.27 2.80 0.62
N GLN A 55 -11.51 2.81 1.08
CA GLN A 55 -12.19 4.06 1.36
C GLN A 55 -11.25 5.04 2.07
N GLU A 56 -10.70 4.57 3.17
CA GLU A 56 -9.78 5.39 3.96
C GLU A 56 -8.53 5.72 3.13
N LEU A 57 -8.01 4.69 2.47
CA LEU A 57 -6.83 4.85 1.65
C LEU A 57 -7.06 5.99 0.65
N LEU A 58 -8.14 5.86 -0.11
CA LEU A 58 -8.47 6.86 -1.11
C LEU A 58 -8.52 8.24 -0.44
N ALA A 59 -9.47 8.39 0.46
CA ALA A 59 -9.63 9.66 1.16
C ALA A 59 -8.26 10.12 1.67
N LEU A 60 -7.51 9.18 2.22
CA LEU A 60 -6.18 9.49 2.74
C LEU A 60 -5.40 10.27 1.69
N ILE A 61 -5.16 9.61 0.56
CA ILE A 61 -4.43 10.24 -0.53
C ILE A 61 -5.05 11.61 -0.83
N ASN A 62 -6.36 11.64 -0.84
CA ASN A 62 -7.08 12.87 -1.12
C ASN A 62 -6.80 13.89 -0.01
N GLY A 63 -6.57 13.36 1.18
CA GLY A 63 -6.29 14.21 2.33
C GLY A 63 -7.43 14.18 3.33
N HIS A 64 -8.27 13.16 3.20
CA HIS A 64 -9.42 13.01 4.09
C HIS A 64 -8.94 12.44 5.43
N SER A 65 -8.82 11.11 5.46
CA SER A 65 -8.38 10.43 6.66
C SER A 65 -7.00 10.93 7.07
N GLU A 66 -6.55 10.46 8.23
CA GLU A 66 -5.25 10.84 8.74
C GLU A 66 -4.39 9.61 8.99
N THR A 67 -3.10 9.85 9.17
CA THR A 67 -2.16 8.77 9.42
C THR A 67 -1.42 8.99 10.74
N ASP A 68 -1.53 8.00 11.61
CA ASP A 68 -0.89 8.08 12.91
C ASP A 68 0.53 7.50 12.81
N LYS A 69 1.15 7.75 11.67
CA LYS A 69 2.49 7.27 11.43
C LYS A 69 3.17 8.14 10.36
N GLY A 70 4.29 8.72 10.73
CA GLY A 70 5.04 9.57 9.82
C GLY A 70 5.94 8.75 8.90
N HIS A 71 6.06 7.47 9.24
CA HIS A 71 6.87 6.57 8.45
C HIS A 71 6.17 6.25 7.13
N LEU A 72 4.96 6.75 7.01
CA LEU A 72 4.17 6.53 5.81
C LEU A 72 4.19 7.80 4.96
N ILE A 73 4.38 8.93 5.63
CA ILE A 73 4.42 10.22 4.95
C ILE A 73 5.20 10.07 3.65
N PRO A 74 6.41 9.46 3.76
CA PRO A 74 7.26 9.26 2.60
C PRO A 74 6.73 8.11 1.73
N MET A 75 6.18 7.12 2.39
CA MET A 75 5.64 5.96 1.70
C MET A 75 4.37 6.34 0.93
N LEU A 76 3.72 7.38 1.40
CA LEU A 76 2.49 7.86 0.77
C LEU A 76 2.84 8.57 -0.53
N GLU A 77 4.04 9.13 -0.57
CA GLU A 77 4.50 9.84 -1.75
C GLU A 77 4.85 8.86 -2.87
N LYS A 78 5.74 7.93 -2.54
CA LYS A 78 6.16 6.93 -3.50
C LYS A 78 4.94 6.15 -3.99
N ILE A 79 4.05 5.84 -3.05
CA ILE A 79 2.85 5.10 -3.37
C ILE A 79 1.89 6.01 -4.15
N ARG A 80 1.81 7.26 -3.70
CA ARG A 80 0.94 8.24 -4.34
C ARG A 80 1.41 8.49 -5.78
N ARG A 81 2.67 8.20 -6.02
CA ARG A 81 3.25 8.40 -7.34
C ARG A 81 2.49 7.56 -8.37
N ALA A 82 2.51 6.26 -8.17
CA ALA A 82 1.84 5.34 -9.07
C ALA A 82 0.34 5.67 -9.08
N MET A 1 10.24 -2.57 13.23
CA MET A 1 11.15 -3.64 13.57
C MET A 1 10.54 -5.01 13.27
N MET A 2 10.66 -5.40 12.01
CA MET A 2 10.12 -6.68 11.58
C MET A 2 10.36 -6.90 10.08
N VAL A 3 11.06 -7.98 9.77
CA VAL A 3 11.36 -8.31 8.40
C VAL A 3 10.14 -8.98 7.76
N PHE A 4 10.15 -9.01 6.43
CA PHE A 4 9.05 -9.61 5.69
C PHE A 4 9.46 -10.97 5.13
N ASP A 5 8.45 -11.78 4.85
CA ASP A 5 8.68 -13.12 4.32
C ASP A 5 7.93 -13.26 2.99
N ASP A 6 8.23 -14.35 2.30
CA ASP A 6 7.58 -14.63 1.02
C ASP A 6 6.08 -14.31 1.14
N ILE A 7 5.55 -14.54 2.32
CA ILE A 7 4.14 -14.28 2.57
C ILE A 7 3.85 -12.80 2.34
N ALA A 8 4.68 -11.96 2.94
CA ALA A 8 4.52 -10.53 2.80
C ALA A 8 4.19 -10.19 1.34
N LYS A 9 4.68 -11.03 0.45
CA LYS A 9 4.44 -10.84 -0.97
C LYS A 9 2.95 -11.01 -1.26
N ARG A 10 2.46 -12.21 -0.97
CA ARG A 10 1.05 -12.51 -1.20
C ARG A 10 0.16 -11.60 -0.35
N LYS A 11 0.76 -11.06 0.70
CA LYS A 11 0.04 -10.17 1.60
C LYS A 11 -0.25 -8.86 0.88
N ILE A 12 0.77 -8.36 0.20
CA ILE A 12 0.65 -7.11 -0.54
C ILE A 12 -0.66 -7.12 -1.34
N ARG A 13 -0.85 -8.21 -2.08
CA ARG A 13 -2.04 -8.36 -2.89
C ARG A 13 -3.25 -8.69 -2.01
N PHE A 14 -3.08 -9.74 -1.22
CA PHE A 14 -4.15 -10.17 -0.32
C PHE A 14 -4.75 -8.99 0.43
N GLN A 15 -3.95 -7.94 0.56
CA GLN A 15 -4.39 -6.74 1.25
C GLN A 15 -5.18 -5.84 0.30
N THR A 16 -4.58 -5.55 -0.84
CA THR A 16 -5.22 -4.70 -1.84
C THR A 16 -6.61 -5.23 -2.17
N ARG A 17 -7.57 -4.32 -2.20
CA ARG A 17 -8.95 -4.68 -2.50
C ARG A 17 -9.55 -3.68 -3.49
N ARG A 18 -10.56 -4.15 -4.20
CA ARG A 18 -11.23 -3.31 -5.18
C ARG A 18 -12.37 -2.53 -4.53
N GLY A 19 -12.29 -2.43 -3.21
CA GLY A 19 -13.30 -1.72 -2.44
C GLY A 19 -13.79 -0.49 -3.20
N LEU A 20 -12.88 0.09 -3.97
CA LEU A 20 -13.19 1.28 -4.75
C LEU A 20 -12.72 1.08 -6.19
N LEU A 21 -13.57 1.50 -7.12
CA LEU A 21 -13.25 1.37 -8.54
C LEU A 21 -11.79 1.77 -8.76
N GLU A 22 -11.58 3.08 -8.81
CA GLU A 22 -10.24 3.60 -9.03
C GLU A 22 -9.21 2.81 -8.21
N LEU A 23 -9.46 2.74 -6.91
CA LEU A 23 -8.58 2.03 -6.01
C LEU A 23 -8.23 0.67 -6.64
N ASP A 24 -9.27 -0.05 -7.02
CA ASP A 24 -9.09 -1.36 -7.62
C ASP A 24 -8.11 -1.25 -8.79
N LEU A 25 -8.32 -0.23 -9.61
CA LEU A 25 -7.46 0.00 -10.76
C LEU A 25 -6.07 0.39 -10.27
N ILE A 26 -6.04 1.32 -9.33
CA ILE A 26 -4.78 1.78 -8.77
C ILE A 26 -3.87 0.59 -8.49
N PHE A 27 -4.36 -0.28 -7.60
CA PHE A 27 -3.60 -1.47 -7.23
C PHE A 27 -3.20 -2.27 -8.47
N GLY A 28 -3.87 -1.97 -9.57
CA GLY A 28 -3.59 -2.65 -10.82
C GLY A 28 -2.15 -2.39 -11.29
N ARG A 29 -1.86 -1.12 -11.53
CA ARG A 29 -0.53 -0.73 -11.97
C ARG A 29 0.39 -0.52 -10.76
N PHE A 30 -0.13 0.20 -9.78
CA PHE A 30 0.63 0.49 -8.58
C PHE A 30 1.46 -0.72 -8.16
N MET A 31 0.91 -1.90 -8.41
CA MET A 31 1.59 -3.13 -8.07
C MET A 31 2.67 -3.48 -9.10
N GLU A 32 2.30 -3.34 -10.36
CA GLU A 32 3.23 -3.62 -11.44
C GLU A 32 4.42 -2.68 -11.38
N LYS A 33 4.20 -1.53 -10.74
CA LYS A 33 5.26 -0.54 -10.60
C LYS A 33 5.89 -0.67 -9.22
N GLU A 34 5.20 -1.39 -8.35
CA GLU A 34 5.68 -1.60 -6.99
C GLU A 34 5.83 -3.09 -6.70
N PHE A 35 4.70 -3.73 -6.46
CA PHE A 35 4.69 -5.16 -6.18
C PHE A 35 5.62 -5.91 -7.11
N GLU A 36 5.85 -5.32 -8.27
CA GLU A 36 6.72 -5.93 -9.27
C GLU A 36 8.00 -6.46 -8.60
N HIS A 37 8.62 -5.58 -7.82
CA HIS A 37 9.84 -5.94 -7.13
C HIS A 37 10.01 -5.06 -5.89
N LEU A 38 9.01 -5.13 -5.02
CA LEU A 38 9.04 -4.35 -3.79
C LEU A 38 10.28 -4.72 -2.98
N SER A 39 10.87 -3.69 -2.37
CA SER A 39 12.06 -3.90 -1.56
C SER A 39 11.69 -4.55 -0.23
N ASP A 40 12.71 -4.93 0.52
CA ASP A 40 12.50 -5.56 1.80
C ASP A 40 11.92 -4.54 2.78
N LYS A 41 12.65 -3.45 2.96
CA LYS A 41 12.23 -2.39 3.86
C LYS A 41 10.89 -1.84 3.38
N GLU A 42 10.81 -1.61 2.08
CA GLU A 42 9.59 -1.08 1.49
C GLU A 42 8.41 -2.00 1.79
N LEU A 43 8.65 -3.30 1.67
CA LEU A 43 7.63 -4.28 1.93
C LEU A 43 7.06 -4.06 3.34
N SER A 44 7.90 -3.52 4.21
CA SER A 44 7.51 -3.25 5.58
C SER A 44 6.44 -2.15 5.61
N GLU A 45 6.82 -0.99 5.09
CA GLU A 45 5.92 0.15 5.05
C GLU A 45 4.65 -0.22 4.29
N PHE A 46 4.84 -0.75 3.09
CA PHE A 46 3.72 -1.15 2.25
C PHE A 46 2.69 -1.94 3.06
N SER A 47 3.19 -2.96 3.76
CA SER A 47 2.32 -3.80 4.57
C SER A 47 1.67 -2.97 5.67
N GLU A 48 2.28 -1.83 5.95
CA GLU A 48 1.77 -0.94 6.99
C GLU A 48 0.66 -0.05 6.42
N ILE A 49 0.93 0.52 5.25
CA ILE A 49 -0.03 1.38 4.59
C ILE A 49 -1.22 0.54 4.12
N LEU A 50 -0.90 -0.59 3.52
CA LEU A 50 -1.92 -1.49 3.02
C LEU A 50 -2.96 -1.74 4.11
N GLU A 51 -2.47 -1.76 5.34
CA GLU A 51 -3.34 -1.98 6.48
C GLU A 51 -4.69 -1.28 6.28
N PHE A 52 -4.62 -0.13 5.61
CA PHE A 52 -5.83 0.64 5.34
C PHE A 52 -6.58 0.09 4.14
N GLN A 53 -7.89 0.28 4.15
CA GLN A 53 -8.73 -0.18 3.07
C GLN A 53 -8.74 0.82 1.92
N ASP A 54 -9.40 0.44 0.84
CA ASP A 54 -9.49 1.30 -0.33
C ASP A 54 -9.97 2.69 0.10
N GLN A 55 -11.18 2.72 0.64
CA GLN A 55 -11.75 3.97 1.10
C GLN A 55 -10.73 4.77 1.93
N GLU A 56 -10.30 4.14 3.02
CA GLU A 56 -9.32 4.78 3.89
C GLU A 56 -8.12 5.26 3.09
N LEU A 57 -7.61 4.37 2.25
CA LEU A 57 -6.46 4.69 1.42
C LEU A 57 -6.79 5.91 0.56
N LEU A 58 -7.83 5.78 -0.24
CA LEU A 58 -8.26 6.86 -1.12
C LEU A 58 -8.44 8.13 -0.29
N ALA A 59 -9.34 8.05 0.68
CA ALA A 59 -9.62 9.19 1.54
C ALA A 59 -8.29 9.75 2.07
N LEU A 60 -7.42 8.84 2.48
CA LEU A 60 -6.12 9.24 2.99
C LEU A 60 -5.45 10.22 2.02
N ILE A 61 -5.20 9.73 0.83
CA ILE A 61 -4.56 10.54 -0.20
C ILE A 61 -5.33 11.86 -0.34
N ASN A 62 -6.65 11.74 -0.42
CA ASN A 62 -7.50 12.90 -0.54
C ASN A 62 -7.24 13.85 0.62
N GLY A 63 -6.96 13.25 1.77
CA GLY A 63 -6.70 14.03 2.97
C GLY A 63 -7.78 13.79 4.03
N HIS A 64 -8.49 12.68 3.87
CA HIS A 64 -9.54 12.33 4.80
C HIS A 64 -8.94 11.72 6.06
N SER A 65 -8.69 10.41 5.99
CA SER A 65 -8.12 9.69 7.11
C SER A 65 -6.70 10.22 7.39
N GLU A 66 -6.21 9.87 8.57
CA GLU A 66 -4.88 10.30 8.97
C GLU A 66 -3.98 9.09 9.19
N THR A 67 -2.68 9.35 9.29
CA THR A 67 -1.72 8.29 9.49
C THR A 67 -0.80 8.63 10.68
N ASP A 68 -0.83 7.74 11.67
CA ASP A 68 -0.01 7.93 12.86
C ASP A 68 1.26 7.10 12.73
N LYS A 69 1.75 7.01 11.50
CA LYS A 69 2.96 6.26 11.24
C LYS A 69 3.86 7.06 10.29
N GLY A 70 5.04 7.40 10.80
CA GLY A 70 6.00 8.16 10.01
C GLY A 70 6.58 7.32 8.88
N HIS A 71 6.36 6.02 8.99
CA HIS A 71 6.86 5.08 7.98
C HIS A 71 5.87 5.03 6.81
N LEU A 72 4.84 5.86 6.91
CA LEU A 72 3.83 5.90 5.86
C LEU A 72 3.86 7.28 5.20
N ILE A 73 4.06 8.30 6.02
CA ILE A 73 4.13 9.66 5.52
C ILE A 73 4.85 9.67 4.17
N PRO A 74 6.04 9.03 4.16
CA PRO A 74 6.84 8.96 2.95
C PRO A 74 6.25 7.97 1.95
N MET A 75 5.97 6.77 2.45
CA MET A 75 5.40 5.73 1.63
C MET A 75 4.13 6.21 0.92
N LEU A 76 3.43 7.11 1.60
CA LEU A 76 2.20 7.66 1.05
C LEU A 76 2.53 8.49 -0.20
N GLU A 77 3.55 9.32 -0.06
CA GLU A 77 3.98 10.17 -1.16
C GLU A 77 4.29 9.32 -2.40
N LYS A 78 5.23 8.41 -2.22
CA LYS A 78 5.64 7.54 -3.31
C LYS A 78 4.43 6.73 -3.79
N ILE A 79 3.90 5.92 -2.89
CA ILE A 79 2.74 5.10 -3.20
C ILE A 79 1.69 5.95 -3.91
N ARG A 80 1.46 7.13 -3.35
CA ARG A 80 0.49 8.05 -3.91
C ARG A 80 0.81 8.34 -5.37
N ARG A 81 2.11 8.38 -5.66
CA ARG A 81 2.57 8.65 -7.01
C ARG A 81 2.00 7.60 -7.98
N ALA A 82 2.49 6.39 -7.85
CA ALA A 82 2.04 5.30 -8.71
C ALA A 82 0.52 5.19 -8.62
N MET A 1 15.33 -8.62 13.32
CA MET A 1 15.54 -9.53 12.20
C MET A 1 14.44 -9.38 11.15
N MET A 2 14.26 -8.15 10.70
CA MET A 2 13.25 -7.85 9.71
C MET A 2 13.50 -8.66 8.42
N VAL A 3 12.63 -9.65 8.22
CA VAL A 3 12.74 -10.50 7.04
C VAL A 3 11.34 -10.83 6.53
N PHE A 4 11.28 -11.21 5.26
CA PHE A 4 10.02 -11.56 4.64
C PHE A 4 10.21 -12.61 3.55
N ASP A 5 9.11 -13.20 3.13
CA ASP A 5 9.14 -14.21 2.10
C ASP A 5 7.95 -14.03 1.16
N ASP A 6 7.87 -14.91 0.17
CA ASP A 6 6.78 -14.86 -0.80
C ASP A 6 5.45 -14.70 -0.05
N ILE A 7 5.40 -15.31 1.13
CA ILE A 7 4.21 -15.25 1.94
C ILE A 7 3.91 -13.79 2.31
N ALA A 8 4.96 -13.09 2.68
CA ALA A 8 4.84 -11.69 3.07
C ALA A 8 4.30 -10.89 1.89
N LYS A 9 5.02 -10.96 0.78
CA LYS A 9 4.63 -10.25 -0.43
C LYS A 9 3.25 -10.75 -0.87
N ARG A 10 3.02 -12.04 -0.66
CA ARG A 10 1.76 -12.65 -1.04
C ARG A 10 0.59 -11.92 -0.36
N LYS A 11 0.89 -11.32 0.78
CA LYS A 11 -0.11 -10.60 1.53
C LYS A 11 -0.38 -9.25 0.84
N ILE A 12 0.68 -8.69 0.28
CA ILE A 12 0.57 -7.42 -0.40
C ILE A 12 -0.70 -7.41 -1.26
N ARG A 13 -0.83 -8.45 -2.08
CA ARG A 13 -1.99 -8.58 -2.94
C ARG A 13 -3.21 -9.01 -2.14
N PHE A 14 -2.97 -9.90 -1.19
CA PHE A 14 -4.04 -10.41 -0.35
C PHE A 14 -4.64 -9.29 0.50
N GLN A 15 -3.87 -8.22 0.66
CA GLN A 15 -4.32 -7.08 1.44
C GLN A 15 -5.15 -6.14 0.57
N THR A 16 -4.71 -6.00 -0.67
CA THR A 16 -5.40 -5.13 -1.60
C THR A 16 -6.81 -5.66 -1.89
N ARG A 17 -7.43 -5.08 -2.91
CA ARG A 17 -8.77 -5.48 -3.30
C ARG A 17 -9.76 -5.17 -2.17
N ARG A 18 -10.77 -4.38 -2.51
CA ARG A 18 -11.78 -4.00 -1.54
C ARG A 18 -13.01 -3.42 -2.26
N GLY A 19 -13.72 -2.56 -1.54
CA GLY A 19 -14.90 -1.93 -2.08
C GLY A 19 -14.56 -0.57 -2.71
N LEU A 20 -13.57 -0.60 -3.58
CA LEU A 20 -13.13 0.61 -4.25
C LEU A 20 -12.66 0.27 -5.67
N LEU A 21 -13.43 0.74 -6.64
CA LEU A 21 -13.10 0.49 -8.04
C LEU A 21 -11.78 1.19 -8.38
N GLU A 22 -11.86 2.50 -8.50
CA GLU A 22 -10.69 3.30 -8.82
C GLU A 22 -9.45 2.74 -8.11
N LEU A 23 -9.62 2.53 -6.81
CA LEU A 23 -8.52 2.00 -6.00
C LEU A 23 -8.07 0.66 -6.59
N ASP A 24 -9.03 -0.23 -6.79
CA ASP A 24 -8.74 -1.54 -7.34
C ASP A 24 -7.91 -1.38 -8.61
N LEU A 25 -8.22 -0.32 -9.36
CA LEU A 25 -7.51 -0.05 -10.60
C LEU A 25 -6.09 0.40 -10.27
N ILE A 26 -6.00 1.36 -9.36
CA ILE A 26 -4.70 1.89 -8.95
C ILE A 26 -3.74 0.72 -8.69
N PHE A 27 -4.11 -0.10 -7.71
CA PHE A 27 -3.31 -1.24 -7.34
C PHE A 27 -2.81 -1.98 -8.59
N GLY A 28 -3.70 -2.11 -9.56
CA GLY A 28 -3.37 -2.79 -10.80
C GLY A 28 -1.98 -2.39 -11.29
N ARG A 29 -1.82 -1.10 -11.52
CA ARG A 29 -0.55 -0.57 -12.00
C ARG A 29 0.39 -0.31 -10.82
N PHE A 30 -0.15 0.35 -9.81
CA PHE A 30 0.62 0.67 -8.62
C PHE A 30 1.47 -0.53 -8.19
N MET A 31 0.99 -1.72 -8.52
CA MET A 31 1.68 -2.94 -8.17
C MET A 31 2.80 -3.24 -9.16
N GLU A 32 2.50 -3.00 -10.44
CA GLU A 32 3.47 -3.23 -11.50
C GLU A 32 4.67 -2.31 -11.32
N LYS A 33 4.45 -1.23 -10.59
CA LYS A 33 5.51 -0.27 -10.34
C LYS A 33 6.19 -0.59 -9.01
N GLU A 34 5.43 -1.24 -8.14
CA GLU A 34 5.94 -1.61 -6.84
C GLU A 34 5.95 -3.14 -6.68
N PHE A 35 4.77 -3.69 -6.44
CA PHE A 35 4.63 -5.12 -6.26
C PHE A 35 5.48 -5.87 -7.30
N GLU A 36 5.75 -5.20 -8.40
CA GLU A 36 6.54 -5.79 -9.46
C GLU A 36 7.90 -6.24 -8.94
N HIS A 37 8.48 -5.39 -8.10
CA HIS A 37 9.77 -5.69 -7.51
C HIS A 37 9.92 -4.94 -6.19
N LEU A 38 8.96 -5.17 -5.30
CA LEU A 38 8.97 -4.52 -4.00
C LEU A 38 10.29 -4.85 -3.28
N SER A 39 10.29 -4.63 -1.97
CA SER A 39 11.47 -4.89 -1.17
C SER A 39 11.06 -5.04 0.30
N ASP A 40 11.85 -5.84 1.02
CA ASP A 40 11.59 -6.07 2.43
C ASP A 40 11.21 -4.74 3.10
N LYS A 41 12.16 -3.82 3.09
CA LYS A 41 11.93 -2.51 3.68
C LYS A 41 10.73 -1.86 3.02
N GLU A 42 10.51 -2.22 1.76
CA GLU A 42 9.40 -1.67 1.01
C GLU A 42 8.10 -2.41 1.35
N LEU A 43 8.27 -3.58 1.98
CA LEU A 43 7.14 -4.39 2.36
C LEU A 43 6.46 -3.77 3.58
N SER A 44 7.24 -3.64 4.65
CA SER A 44 6.73 -3.06 5.88
C SER A 44 5.83 -1.86 5.57
N GLU A 45 6.42 -0.88 4.93
CA GLU A 45 5.70 0.32 4.56
C GLU A 45 4.39 -0.04 3.85
N PHE A 46 4.51 -0.93 2.88
CA PHE A 46 3.35 -1.36 2.12
C PHE A 46 2.34 -2.07 3.03
N SER A 47 2.86 -2.98 3.84
CA SER A 47 2.02 -3.74 4.76
C SER A 47 1.44 -2.80 5.82
N GLU A 48 2.12 -1.68 6.02
CA GLU A 48 1.68 -0.70 7.00
C GLU A 48 0.61 0.20 6.40
N ILE A 49 0.86 0.64 5.17
CA ILE A 49 -0.07 1.51 4.48
C ILE A 49 -1.27 0.69 4.00
N LEU A 50 -0.98 -0.52 3.56
CA LEU A 50 -2.02 -1.41 3.08
C LEU A 50 -2.98 -1.75 4.23
N GLU A 51 -2.38 -1.90 5.41
CA GLU A 51 -3.16 -2.23 6.60
C GLU A 51 -4.48 -1.45 6.59
N PHE A 52 -4.41 -0.24 6.07
CA PHE A 52 -5.59 0.61 6.00
C PHE A 52 -6.58 0.10 4.96
N GLN A 53 -7.84 0.48 5.15
CA GLN A 53 -8.89 0.07 4.23
C GLN A 53 -8.82 0.87 2.94
N ASP A 54 -9.43 0.32 1.90
CA ASP A 54 -9.44 0.97 0.60
C ASP A 54 -9.97 2.40 0.76
N GLN A 55 -11.23 2.48 1.19
CA GLN A 55 -11.86 3.77 1.38
C GLN A 55 -10.92 4.72 2.13
N GLU A 56 -10.51 4.27 3.31
CA GLU A 56 -9.61 5.07 4.13
C GLU A 56 -8.40 5.54 3.32
N LEU A 57 -7.80 4.57 2.62
CA LEU A 57 -6.64 4.86 1.80
C LEU A 57 -6.98 5.98 0.82
N LEU A 58 -8.03 5.76 0.05
CA LEU A 58 -8.47 6.74 -0.93
C LEU A 58 -8.64 8.09 -0.24
N ALA A 59 -9.60 8.13 0.69
CA ALA A 59 -9.87 9.35 1.42
C ALA A 59 -8.56 9.94 1.94
N LEU A 60 -7.72 9.06 2.46
CA LEU A 60 -6.43 9.48 2.99
C LEU A 60 -5.71 10.34 1.95
N ILE A 61 -5.45 9.73 0.80
CA ILE A 61 -4.77 10.43 -0.28
C ILE A 61 -5.46 11.78 -0.52
N ASN A 62 -6.78 11.73 -0.60
CA ASN A 62 -7.56 12.93 -0.83
C ASN A 62 -7.32 13.92 0.32
N GLY A 63 -6.98 13.36 1.47
CA GLY A 63 -6.71 14.16 2.65
C GLY A 63 -7.86 14.05 3.66
N HIS A 64 -8.64 13.00 3.50
CA HIS A 64 -9.77 12.76 4.39
C HIS A 64 -9.27 12.13 5.69
N SER A 65 -9.15 10.81 5.67
CA SER A 65 -8.68 10.09 6.84
C SER A 65 -7.29 10.57 7.24
N GLU A 66 -6.89 10.18 8.44
CA GLU A 66 -5.59 10.57 8.96
C GLU A 66 -4.72 9.34 9.19
N THR A 67 -3.46 9.59 9.49
CA THR A 67 -2.51 8.51 9.73
C THR A 67 -1.70 8.78 11.01
N ASP A 68 -1.78 7.85 11.94
CA ASP A 68 -1.07 7.97 13.20
C ASP A 68 0.33 7.35 13.05
N LYS A 69 0.88 7.49 11.85
CA LYS A 69 2.20 6.94 11.57
C LYS A 69 2.91 7.85 10.56
N GLY A 70 4.01 8.43 11.00
CA GLY A 70 4.79 9.30 10.15
C GLY A 70 5.73 8.51 9.25
N HIS A 71 5.74 7.20 9.47
CA HIS A 71 6.59 6.31 8.69
C HIS A 71 5.98 6.09 7.31
N LEU A 72 4.73 6.52 7.18
CA LEU A 72 4.01 6.38 5.93
C LEU A 72 4.12 7.68 5.13
N ILE A 73 4.35 8.77 5.86
CA ILE A 73 4.47 10.07 5.23
C ILE A 73 5.28 9.94 3.95
N PRO A 74 6.46 9.27 4.07
CA PRO A 74 7.34 9.07 2.94
C PRO A 74 6.79 8.00 1.99
N MET A 75 6.18 6.99 2.60
CA MET A 75 5.61 5.89 1.84
C MET A 75 4.37 6.36 1.05
N LEU A 76 3.79 7.44 1.53
CA LEU A 76 2.60 7.99 0.89
C LEU A 76 3.02 8.71 -0.39
N GLU A 77 4.18 9.34 -0.33
CA GLU A 77 4.70 10.07 -1.49
C GLU A 77 5.01 9.10 -2.63
N LYS A 78 5.87 8.14 -2.33
CA LYS A 78 6.26 7.15 -3.32
C LYS A 78 5.01 6.48 -3.89
N ILE A 79 4.22 5.92 -3.00
CA ILE A 79 2.99 5.26 -3.40
C ILE A 79 2.13 6.23 -4.20
N ARG A 80 2.02 7.45 -3.67
CA ARG A 80 1.23 8.48 -4.32
C ARG A 80 1.66 8.64 -5.79
N ARG A 81 2.97 8.64 -5.99
CA ARG A 81 3.51 8.79 -7.33
C ARG A 81 2.81 7.84 -8.29
N ALA A 82 2.89 6.56 -7.99
CA ALA A 82 2.26 5.54 -8.82
C ALA A 82 0.74 5.73 -8.78
N MET A 1 11.86 -5.92 9.22
CA MET A 1 12.00 -7.35 9.45
C MET A 1 12.39 -8.08 8.16
N MET A 2 13.54 -8.72 8.21
CA MET A 2 14.05 -9.45 7.06
C MET A 2 13.15 -10.64 6.73
N VAL A 3 12.06 -10.35 6.03
CA VAL A 3 11.11 -11.38 5.64
C VAL A 3 10.68 -11.16 4.19
N PHE A 4 10.38 -12.26 3.53
CA PHE A 4 9.96 -12.20 2.14
C PHE A 4 9.68 -13.60 1.58
N ASP A 5 8.49 -14.09 1.85
CA ASP A 5 8.10 -15.41 1.39
C ASP A 5 6.69 -15.35 0.79
N ASP A 6 6.25 -16.49 0.28
CA ASP A 6 4.93 -16.57 -0.33
C ASP A 6 3.94 -15.74 0.51
N ILE A 7 3.99 -15.96 1.81
CA ILE A 7 3.10 -15.25 2.73
C ILE A 7 3.28 -13.74 2.52
N ALA A 8 4.51 -13.29 2.69
CA ALA A 8 4.82 -11.88 2.51
C ALA A 8 4.16 -11.37 1.23
N LYS A 9 4.41 -12.09 0.15
CA LYS A 9 3.87 -11.71 -1.15
C LYS A 9 2.34 -11.76 -1.07
N ARG A 10 1.82 -12.94 -0.78
CA ARG A 10 0.38 -13.13 -0.68
C ARG A 10 -0.23 -12.04 0.21
N LYS A 11 0.57 -11.57 1.15
CA LYS A 11 0.13 -10.53 2.06
C LYS A 11 -0.28 -9.29 1.27
N ILE A 12 0.63 -8.85 0.41
CA ILE A 12 0.37 -7.68 -0.42
C ILE A 12 -1.04 -7.77 -1.00
N ARG A 13 -1.31 -8.90 -1.63
CA ARG A 13 -2.61 -9.13 -2.24
C ARG A 13 -3.68 -9.31 -1.16
N PHE A 14 -3.43 -10.27 -0.28
CA PHE A 14 -4.35 -10.56 0.81
C PHE A 14 -4.77 -9.27 1.52
N GLN A 15 -3.81 -8.38 1.69
CA GLN A 15 -4.08 -7.11 2.34
C GLN A 15 -5.15 -6.33 1.59
N THR A 16 -4.97 -6.23 0.28
CA THR A 16 -5.91 -5.53 -0.56
C THR A 16 -7.25 -6.25 -0.59
N ARG A 17 -8.25 -5.58 -1.14
CA ARG A 17 -9.59 -6.15 -1.24
C ARG A 17 -10.43 -5.38 -2.25
N ARG A 18 -9.74 -4.74 -3.19
CA ARG A 18 -10.41 -3.97 -4.21
C ARG A 18 -11.60 -3.23 -3.62
N GLY A 19 -11.48 -2.89 -2.35
CA GLY A 19 -12.55 -2.18 -1.66
C GLY A 19 -13.23 -1.17 -2.58
N LEU A 20 -12.40 -0.48 -3.34
CA LEU A 20 -12.90 0.52 -4.27
C LEU A 20 -12.41 0.20 -5.68
N LEU A 21 -13.21 0.59 -6.66
CA LEU A 21 -12.88 0.36 -8.05
C LEU A 21 -11.51 0.97 -8.35
N GLU A 22 -11.45 2.29 -8.30
CA GLU A 22 -10.22 3.00 -8.56
C GLU A 22 -9.05 2.35 -7.80
N LEU A 23 -9.35 1.96 -6.57
CA LEU A 23 -8.35 1.33 -5.72
C LEU A 23 -7.83 0.07 -6.41
N ASP A 24 -8.76 -0.79 -6.79
CA ASP A 24 -8.41 -2.03 -7.46
C ASP A 24 -7.44 -1.74 -8.60
N LEU A 25 -7.67 -0.60 -9.25
CA LEU A 25 -6.82 -0.20 -10.36
C LEU A 25 -5.41 0.05 -9.85
N ILE A 26 -5.31 0.89 -8.83
CA ILE A 26 -4.03 1.22 -8.24
C ILE A 26 -3.27 -0.07 -7.93
N PHE A 27 -3.85 -0.87 -7.05
CA PHE A 27 -3.25 -2.13 -6.66
C PHE A 27 -2.81 -2.92 -7.88
N GLY A 28 -3.42 -2.61 -9.01
CA GLY A 28 -3.10 -3.28 -10.25
C GLY A 28 -1.90 -2.63 -10.94
N ARG A 29 -2.00 -1.32 -11.12
CA ARG A 29 -0.94 -0.57 -11.76
C ARG A 29 0.11 -0.16 -10.73
N PHE A 30 -0.28 0.77 -9.87
CA PHE A 30 0.63 1.26 -8.84
C PHE A 30 1.50 0.12 -8.31
N MET A 31 0.87 -1.00 -8.05
CA MET A 31 1.58 -2.16 -7.54
C MET A 31 2.59 -2.68 -8.55
N GLU A 32 2.11 -2.88 -9.77
CA GLU A 32 2.97 -3.37 -10.84
C GLU A 32 4.22 -2.49 -10.97
N LYS A 33 4.05 -1.23 -10.61
CA LYS A 33 5.15 -0.29 -10.68
C LYS A 33 5.82 -0.19 -9.30
N GLU A 34 5.02 -0.44 -8.27
CA GLU A 34 5.52 -0.38 -6.91
C GLU A 34 6.14 -1.72 -6.52
N PHE A 35 5.27 -2.71 -6.34
CA PHE A 35 5.72 -4.04 -5.97
C PHE A 35 6.91 -4.48 -6.82
N GLU A 36 6.82 -4.19 -8.11
CA GLU A 36 7.88 -4.55 -9.03
C GLU A 36 9.16 -3.78 -8.70
N HIS A 37 9.01 -2.80 -7.82
CA HIS A 37 10.14 -1.99 -7.41
C HIS A 37 10.32 -2.08 -5.89
N LEU A 38 9.34 -2.70 -5.25
CA LEU A 38 9.37 -2.86 -3.80
C LEU A 38 10.61 -3.67 -3.41
N SER A 39 10.67 -4.03 -2.14
CA SER A 39 11.78 -4.79 -1.62
C SER A 39 11.43 -5.40 -0.27
N ASP A 40 12.29 -6.31 0.18
CA ASP A 40 12.07 -6.97 1.46
C ASP A 40 11.75 -5.92 2.52
N LYS A 41 12.66 -4.97 2.69
CA LYS A 41 12.49 -3.92 3.67
C LYS A 41 11.29 -3.05 3.25
N GLU A 42 11.14 -2.89 1.95
CA GLU A 42 10.04 -2.10 1.41
C GLU A 42 8.70 -2.75 1.75
N LEU A 43 8.63 -4.05 1.52
CA LEU A 43 7.42 -4.80 1.78
C LEU A 43 6.80 -4.32 3.09
N SER A 44 7.67 -4.03 4.04
CA SER A 44 7.22 -3.56 5.35
C SER A 44 6.27 -2.37 5.18
N GLU A 45 6.78 -1.33 4.53
CA GLU A 45 5.99 -0.14 4.30
C GLU A 45 4.63 -0.51 3.69
N PHE A 46 4.69 -1.11 2.51
CA PHE A 46 3.49 -1.53 1.81
C PHE A 46 2.51 -2.21 2.77
N SER A 47 3.06 -3.07 3.61
CA SER A 47 2.24 -3.79 4.58
C SER A 47 1.74 -2.83 5.65
N GLU A 48 2.53 -1.80 5.90
CA GLU A 48 2.17 -0.80 6.89
C GLU A 48 1.16 0.19 6.32
N ILE A 49 1.34 0.51 5.05
CA ILE A 49 0.45 1.43 4.37
C ILE A 49 -0.87 0.73 4.06
N LEU A 50 -0.75 -0.45 3.48
CA LEU A 50 -1.92 -1.23 3.12
C LEU A 50 -2.85 -1.32 4.33
N GLU A 51 -2.25 -1.21 5.50
CA GLU A 51 -3.02 -1.28 6.74
C GLU A 51 -4.38 -0.59 6.56
N PHE A 52 -4.37 0.46 5.77
CA PHE A 52 -5.59 1.22 5.51
C PHE A 52 -6.41 0.56 4.40
N GLN A 53 -7.71 0.73 4.49
CA GLN A 53 -8.62 0.17 3.51
C GLN A 53 -8.63 1.02 2.24
N ASP A 54 -9.33 0.51 1.23
CA ASP A 54 -9.42 1.23 -0.04
C ASP A 54 -10.09 2.59 0.19
N GLN A 55 -11.22 2.54 0.87
CA GLN A 55 -11.97 3.74 1.16
C GLN A 55 -11.07 4.78 1.84
N GLU A 56 -10.53 4.39 2.98
CA GLU A 56 -9.64 5.27 3.74
C GLU A 56 -8.40 5.60 2.92
N LEU A 57 -7.84 4.57 2.29
CA LEU A 57 -6.66 4.73 1.47
C LEU A 57 -6.88 5.86 0.48
N LEU A 58 -7.88 5.67 -0.37
CA LEU A 58 -8.21 6.65 -1.38
C LEU A 58 -8.24 8.04 -0.73
N ALA A 59 -9.15 8.19 0.22
CA ALA A 59 -9.29 9.46 0.93
C ALA A 59 -7.91 9.95 1.36
N LEU A 60 -7.14 9.02 1.93
CA LEU A 60 -5.81 9.35 2.39
C LEU A 60 -5.02 10.00 1.27
N ILE A 61 -5.14 9.42 0.08
CA ILE A 61 -4.44 9.93 -1.09
C ILE A 61 -4.90 11.37 -1.35
N ASN A 62 -6.21 11.51 -1.52
CA ASN A 62 -6.79 12.82 -1.78
C ASN A 62 -6.39 13.78 -0.66
N GLY A 63 -6.11 13.21 0.49
CA GLY A 63 -5.72 14.01 1.65
C GLY A 63 -6.88 14.15 2.64
N HIS A 64 -7.72 13.12 2.67
CA HIS A 64 -8.87 13.13 3.56
C HIS A 64 -8.42 12.69 4.96
N SER A 65 -8.41 11.38 5.16
CA SER A 65 -8.02 10.83 6.45
C SER A 65 -6.56 11.19 6.75
N GLU A 66 -6.12 10.83 7.95
CA GLU A 66 -4.76 11.12 8.37
C GLU A 66 -4.02 9.81 8.67
N THR A 67 -2.71 9.94 8.82
CA THR A 67 -1.88 8.78 9.11
C THR A 67 -1.03 9.04 10.36
N ASP A 68 -1.22 8.19 11.35
CA ASP A 68 -0.48 8.29 12.60
C ASP A 68 0.78 7.44 12.52
N LYS A 69 1.28 7.28 11.30
CA LYS A 69 2.48 6.49 11.08
C LYS A 69 3.39 7.22 10.10
N GLY A 70 4.59 7.51 10.56
CA GLY A 70 5.57 8.20 9.73
C GLY A 70 6.13 7.27 8.65
N HIS A 71 5.66 6.03 8.68
CA HIS A 71 6.10 5.04 7.71
C HIS A 71 5.21 5.10 6.47
N LEU A 72 4.12 5.84 6.60
CA LEU A 72 3.17 5.98 5.51
C LEU A 72 3.25 7.41 4.96
N ILE A 73 3.43 8.35 5.88
CA ILE A 73 3.53 9.76 5.50
C ILE A 73 4.39 9.88 4.24
N PRO A 74 5.58 9.23 4.30
CA PRO A 74 6.51 9.27 3.18
C PRO A 74 6.03 8.36 2.05
N MET A 75 5.99 7.07 2.33
CA MET A 75 5.56 6.10 1.35
C MET A 75 4.26 6.55 0.67
N LEU A 76 3.53 7.41 1.37
CA LEU A 76 2.29 7.93 0.84
C LEU A 76 2.57 8.89 -0.32
N GLU A 77 3.59 9.73 -0.11
CA GLU A 77 3.98 10.70 -1.11
C GLU A 77 4.38 9.99 -2.40
N LYS A 78 5.38 9.14 -2.28
CA LYS A 78 5.88 8.39 -3.42
C LYS A 78 4.71 7.67 -4.09
N ILE A 79 4.11 6.75 -3.34
CA ILE A 79 2.98 5.98 -3.85
C ILE A 79 1.96 6.94 -4.47
N ARG A 80 1.60 7.96 -3.69
CA ARG A 80 0.64 8.94 -4.15
C ARG A 80 1.08 9.54 -5.49
N ARG A 81 2.38 9.70 -5.63
CA ARG A 81 2.94 10.25 -6.85
C ARG A 81 2.33 9.56 -8.07
N ALA A 82 2.56 8.25 -8.15
CA ALA A 82 2.04 7.47 -9.26
C ALA A 82 0.51 7.48 -9.22
N MET A 1 11.43 -9.47 12.55
CA MET A 1 11.84 -8.10 12.74
C MET A 1 11.63 -7.28 11.47
N MET A 2 12.15 -7.81 10.37
CA MET A 2 12.03 -7.15 9.08
C MET A 2 12.38 -8.11 7.94
N VAL A 3 11.59 -9.15 7.82
CA VAL A 3 11.80 -10.14 6.77
C VAL A 3 10.45 -10.53 6.16
N PHE A 4 10.51 -10.91 4.89
CA PHE A 4 9.30 -11.31 4.17
C PHE A 4 9.62 -12.40 3.15
N ASP A 5 8.54 -12.97 2.61
CA ASP A 5 8.69 -14.03 1.62
C ASP A 5 7.51 -13.96 0.65
N ASP A 6 7.50 -14.91 -0.29
CA ASP A 6 6.43 -14.98 -1.27
C ASP A 6 5.09 -14.73 -0.59
N ILE A 7 4.88 -15.43 0.52
CA ILE A 7 3.65 -15.31 1.28
C ILE A 7 3.37 -13.82 1.53
N ALA A 8 4.38 -13.14 2.05
CA ALA A 8 4.26 -11.72 2.34
C ALA A 8 3.80 -10.99 1.09
N LYS A 9 4.49 -11.26 -0.01
CA LYS A 9 4.15 -10.62 -1.27
C LYS A 9 2.64 -10.65 -1.47
N ARG A 10 2.09 -11.86 -1.48
CA ARG A 10 0.66 -12.05 -1.65
C ARG A 10 -0.11 -11.09 -0.73
N LYS A 11 0.40 -10.94 0.48
CA LYS A 11 -0.22 -10.07 1.46
C LYS A 11 -0.43 -8.68 0.84
N ILE A 12 0.66 -8.14 0.31
CA ILE A 12 0.60 -6.82 -0.31
C ILE A 12 -0.68 -6.70 -1.12
N ARG A 13 -0.91 -7.70 -1.96
CA ARG A 13 -2.10 -7.71 -2.80
C ARG A 13 -3.33 -8.07 -1.98
N PHE A 14 -3.24 -9.22 -1.30
CA PHE A 14 -4.34 -9.68 -0.47
C PHE A 14 -4.84 -8.57 0.44
N GLN A 15 -3.97 -7.60 0.68
CA GLN A 15 -4.31 -6.48 1.55
C GLN A 15 -5.13 -5.45 0.77
N THR A 16 -4.55 -4.99 -0.33
CA THR A 16 -5.21 -3.99 -1.16
C THR A 16 -6.68 -4.38 -1.38
N ARG A 17 -6.87 -5.48 -2.10
CA ARG A 17 -8.21 -5.95 -2.39
C ARG A 17 -8.99 -4.90 -3.19
N ARG A 18 -9.73 -5.39 -4.18
CA ARG A 18 -10.52 -4.52 -5.01
C ARG A 18 -11.75 -4.02 -4.26
N GLY A 19 -11.49 -3.41 -3.11
CA GLY A 19 -12.57 -2.88 -2.29
C GLY A 19 -13.26 -1.70 -2.97
N LEU A 20 -12.51 -1.03 -3.82
CA LEU A 20 -13.04 0.12 -4.54
C LEU A 20 -12.60 0.04 -6.00
N LEU A 21 -13.57 0.23 -6.89
CA LEU A 21 -13.32 0.18 -8.32
C LEU A 21 -11.95 0.82 -8.60
N GLU A 22 -11.95 2.13 -8.66
CA GLU A 22 -10.73 2.88 -8.92
C GLU A 22 -9.54 2.21 -8.22
N LEU A 23 -9.71 1.99 -6.92
CA LEU A 23 -8.67 1.35 -6.13
C LEU A 23 -8.22 0.07 -6.83
N ASP A 24 -9.17 -0.81 -7.07
CA ASP A 24 -8.89 -2.08 -7.72
C ASP A 24 -8.01 -1.82 -8.95
N LEU A 25 -8.37 -0.78 -9.68
CA LEU A 25 -7.63 -0.41 -10.88
C LEU A 25 -6.25 0.13 -10.48
N ILE A 26 -6.27 1.12 -9.60
CA ILE A 26 -5.05 1.74 -9.13
C ILE A 26 -4.03 0.65 -8.83
N PHE A 27 -4.37 -0.20 -7.87
CA PHE A 27 -3.49 -1.29 -7.48
C PHE A 27 -2.95 -2.02 -8.70
N GLY A 28 -3.69 -1.91 -9.79
CA GLY A 28 -3.29 -2.57 -11.03
C GLY A 28 -1.96 -2.03 -11.53
N ARG A 29 -1.93 -0.72 -11.72
CA ARG A 29 -0.72 -0.06 -12.19
C ARG A 29 0.22 0.22 -11.03
N PHE A 30 -0.37 0.43 -9.86
CA PHE A 30 0.40 0.72 -8.66
C PHE A 30 1.29 -0.48 -8.28
N MET A 31 0.72 -1.66 -8.42
CA MET A 31 1.44 -2.88 -8.09
C MET A 31 2.56 -3.13 -9.10
N GLU A 32 2.18 -3.18 -10.37
CA GLU A 32 3.14 -3.42 -11.43
C GLU A 32 4.37 -2.53 -11.25
N LYS A 33 4.15 -1.42 -10.55
CA LYS A 33 5.23 -0.48 -10.30
C LYS A 33 5.85 -0.79 -8.93
N GLU A 34 5.01 -0.73 -7.91
CA GLU A 34 5.47 -1.00 -6.55
C GLU A 34 5.68 -2.49 -6.35
N PHE A 35 4.57 -3.20 -6.20
CA PHE A 35 4.61 -4.64 -5.99
C PHE A 35 5.66 -5.29 -6.91
N GLU A 36 5.96 -4.59 -8.00
CA GLU A 36 6.93 -5.09 -8.95
C GLU A 36 8.03 -5.88 -8.23
N HIS A 37 8.86 -5.14 -7.51
CA HIS A 37 9.94 -5.76 -6.77
C HIS A 37 10.18 -5.01 -5.47
N LEU A 38 9.11 -4.93 -4.68
CA LEU A 38 9.18 -4.24 -3.39
C LEU A 38 10.29 -4.87 -2.54
N SER A 39 11.08 -3.99 -1.94
CA SER A 39 12.18 -4.43 -1.10
C SER A 39 11.65 -5.01 0.21
N ASP A 40 12.54 -5.65 0.95
CA ASP A 40 12.17 -6.26 2.22
C ASP A 40 11.79 -5.16 3.21
N LYS A 41 12.69 -4.20 3.36
CA LYS A 41 12.46 -3.10 4.27
C LYS A 41 11.28 -2.26 3.77
N GLU A 42 11.22 -2.10 2.46
CA GLU A 42 10.15 -1.34 1.85
C GLU A 42 8.81 -2.04 2.07
N LEU A 43 8.83 -3.36 1.93
CA LEU A 43 7.64 -4.14 2.11
C LEU A 43 7.04 -3.87 3.49
N SER A 44 7.92 -3.86 4.48
CA SER A 44 7.50 -3.61 5.86
C SER A 44 6.63 -2.35 5.91
N GLU A 45 7.11 -1.32 5.23
CA GLU A 45 6.39 -0.05 5.19
C GLU A 45 4.98 -0.26 4.64
N PHE A 46 4.93 -0.73 3.40
CA PHE A 46 3.65 -0.98 2.74
C PHE A 46 2.68 -1.70 3.68
N SER A 47 3.21 -2.71 4.36
CA SER A 47 2.40 -3.49 5.28
C SER A 47 1.75 -2.56 6.31
N GLU A 48 2.45 -1.49 6.63
CA GLU A 48 1.95 -0.52 7.59
C GLU A 48 0.89 0.37 6.95
N ILE A 49 1.14 0.72 5.70
CA ILE A 49 0.22 1.57 4.96
C ILE A 49 -0.99 0.75 4.52
N LEU A 50 -0.71 -0.39 3.90
CA LEU A 50 -1.76 -1.27 3.43
C LEU A 50 -2.79 -1.46 4.55
N GLU A 51 -2.32 -1.30 5.78
CA GLU A 51 -3.17 -1.45 6.94
C GLU A 51 -4.57 -0.90 6.65
N PHE A 52 -4.60 0.20 5.91
CA PHE A 52 -5.86 0.83 5.55
C PHE A 52 -6.46 0.17 4.30
N GLN A 53 -7.78 0.21 4.23
CA GLN A 53 -8.48 -0.37 3.10
C GLN A 53 -8.58 0.64 1.95
N ASP A 54 -9.15 0.18 0.85
CA ASP A 54 -9.30 1.03 -0.33
C ASP A 54 -9.95 2.36 0.10
N GLN A 55 -11.10 2.25 0.73
CA GLN A 55 -11.82 3.43 1.19
C GLN A 55 -10.87 4.39 1.89
N GLU A 56 -10.27 3.90 2.97
CA GLU A 56 -9.34 4.70 3.74
C GLU A 56 -8.17 5.15 2.86
N LEU A 57 -7.58 4.18 2.18
CA LEU A 57 -6.45 4.47 1.30
C LEU A 57 -6.80 5.64 0.40
N LEU A 58 -7.83 5.44 -0.41
CA LEU A 58 -8.28 6.47 -1.33
C LEU A 58 -8.40 7.81 -0.58
N ALA A 59 -9.25 7.80 0.43
CA ALA A 59 -9.46 9.00 1.22
C ALA A 59 -8.10 9.56 1.67
N LEU A 60 -7.27 8.67 2.18
CA LEU A 60 -5.95 9.07 2.64
C LEU A 60 -5.26 9.87 1.53
N ILE A 61 -5.03 9.21 0.41
CA ILE A 61 -4.37 9.85 -0.71
C ILE A 61 -5.07 11.18 -1.01
N ASN A 62 -6.39 11.13 -1.07
CA ASN A 62 -7.19 12.31 -1.34
C ASN A 62 -6.89 13.37 -0.27
N GLY A 63 -6.69 12.89 0.94
CA GLY A 63 -6.39 13.79 2.05
C GLY A 63 -7.50 13.73 3.11
N HIS A 64 -8.20 12.60 3.12
CA HIS A 64 -9.28 12.41 4.07
C HIS A 64 -8.73 11.88 5.39
N SER A 65 -8.41 10.59 5.40
CA SER A 65 -7.87 9.96 6.59
C SER A 65 -6.44 10.44 6.83
N GLU A 66 -5.99 10.25 8.06
CA GLU A 66 -4.65 10.66 8.44
C GLU A 66 -3.79 9.43 8.75
N THR A 67 -2.50 9.67 8.90
CA THR A 67 -1.56 8.60 9.19
C THR A 67 -0.94 8.80 10.57
N ASP A 68 -1.10 7.79 11.41
CA ASP A 68 -0.56 7.84 12.76
C ASP A 68 0.86 7.28 12.76
N LYS A 69 1.58 7.58 11.67
CA LYS A 69 2.95 7.11 11.54
C LYS A 69 3.67 7.97 10.50
N GLY A 70 4.80 8.52 10.91
CA GLY A 70 5.60 9.36 10.04
C GLY A 70 6.40 8.52 9.03
N HIS A 71 6.34 7.21 9.24
CA HIS A 71 7.04 6.29 8.36
C HIS A 71 6.19 6.02 7.11
N LEU A 72 5.02 6.62 7.09
CA LEU A 72 4.11 6.46 5.97
C LEU A 72 4.12 7.73 5.13
N ILE A 73 4.29 8.86 5.81
CA ILE A 73 4.33 10.14 5.14
C ILE A 73 5.14 10.03 3.86
N PRO A 74 6.35 9.42 3.99
CA PRO A 74 7.24 9.24 2.86
C PRO A 74 6.73 8.11 1.95
N MET A 75 6.23 7.07 2.59
CA MET A 75 5.72 5.92 1.86
C MET A 75 4.45 6.29 1.09
N LEU A 76 3.81 7.35 1.52
CA LEU A 76 2.59 7.82 0.88
C LEU A 76 2.95 8.53 -0.42
N GLU A 77 3.93 9.40 -0.33
CA GLU A 77 4.37 10.16 -1.50
C GLU A 77 4.69 9.21 -2.65
N LYS A 78 5.47 8.19 -2.33
CA LYS A 78 5.87 7.21 -3.33
C LYS A 78 4.63 6.43 -3.78
N ILE A 79 4.00 5.79 -2.81
CA ILE A 79 2.81 5.00 -3.09
C ILE A 79 1.76 5.89 -3.77
N ARG A 80 1.24 6.83 -2.99
CA ARG A 80 0.23 7.74 -3.51
C ARG A 80 0.56 8.14 -4.94
N ARG A 81 1.85 8.15 -5.25
CA ARG A 81 2.30 8.50 -6.58
C ARG A 81 1.64 7.60 -7.62
N ALA A 82 1.91 6.31 -7.49
CA ALA A 82 1.36 5.32 -8.39
C ALA A 82 -0.16 5.43 -8.39
N MET A 1 13.48 -15.09 11.85
CA MET A 1 14.01 -13.92 12.53
C MET A 1 13.27 -12.65 12.10
N MET A 2 13.28 -12.42 10.80
CA MET A 2 12.62 -11.25 10.24
C MET A 2 12.83 -11.16 8.72
N VAL A 3 12.14 -12.05 8.02
CA VAL A 3 12.23 -12.08 6.57
C VAL A 3 10.85 -12.41 5.98
N PHE A 4 10.71 -12.11 4.70
CA PHE A 4 9.46 -12.36 4.01
C PHE A 4 9.66 -13.35 2.86
N ASP A 5 8.55 -13.93 2.42
CA ASP A 5 8.58 -14.90 1.34
C ASP A 5 7.36 -14.70 0.44
N ASP A 6 7.24 -15.57 -0.55
CA ASP A 6 6.12 -15.51 -1.47
C ASP A 6 4.83 -15.26 -0.69
N ILE A 7 4.73 -15.92 0.45
CA ILE A 7 3.56 -15.78 1.30
C ILE A 7 3.34 -14.30 1.62
N ALA A 8 4.43 -13.64 1.99
CA ALA A 8 4.37 -12.22 2.32
C ALA A 8 3.87 -11.43 1.10
N LYS A 9 4.30 -11.89 -0.07
CA LYS A 9 3.90 -11.25 -1.31
C LYS A 9 2.38 -11.24 -1.42
N ARG A 10 1.81 -12.43 -1.41
CA ARG A 10 0.37 -12.58 -1.50
C ARG A 10 -0.33 -11.57 -0.57
N LYS A 11 0.25 -11.41 0.61
CA LYS A 11 -0.30 -10.48 1.58
C LYS A 11 -0.47 -9.10 0.94
N ILE A 12 0.59 -8.66 0.28
CA ILE A 12 0.57 -7.37 -0.37
C ILE A 12 -0.78 -7.18 -1.07
N ARG A 13 -1.14 -8.17 -1.87
CA ARG A 13 -2.39 -8.12 -2.60
C ARG A 13 -3.56 -8.42 -1.67
N PHE A 14 -3.43 -9.53 -0.95
CA PHE A 14 -4.46 -9.95 -0.02
C PHE A 14 -4.94 -8.77 0.83
N GLN A 15 -4.04 -7.80 0.99
CA GLN A 15 -4.35 -6.61 1.78
C GLN A 15 -5.14 -5.61 0.95
N THR A 16 -4.67 -5.40 -0.28
CA THR A 16 -5.32 -4.47 -1.18
C THR A 16 -6.67 -5.02 -1.63
N ARG A 17 -7.30 -4.29 -2.54
CA ARG A 17 -8.59 -4.70 -3.07
C ARG A 17 -9.60 -4.81 -1.93
N ARG A 18 -10.87 -4.63 -2.29
CA ARG A 18 -11.94 -4.72 -1.31
C ARG A 18 -12.05 -3.41 -0.52
N GLY A 19 -12.73 -2.44 -1.12
CA GLY A 19 -12.91 -1.15 -0.49
C GLY A 19 -13.41 -0.11 -1.51
N LEU A 20 -12.69 -0.03 -2.61
CA LEU A 20 -13.03 0.92 -3.66
C LEU A 20 -12.74 0.29 -5.03
N LEU A 21 -13.57 0.65 -6.00
CA LEU A 21 -13.40 0.13 -7.35
C LEU A 21 -12.07 0.61 -7.92
N GLU A 22 -12.03 1.91 -8.22
CA GLU A 22 -10.83 2.50 -8.77
C GLU A 22 -9.59 1.97 -8.04
N LEU A 23 -9.72 1.83 -6.73
CA LEU A 23 -8.63 1.33 -5.92
C LEU A 23 -8.14 0.00 -6.47
N ASP A 24 -9.08 -0.94 -6.59
CA ASP A 24 -8.76 -2.25 -7.10
C ASP A 24 -7.91 -2.11 -8.37
N LEU A 25 -8.24 -1.09 -9.15
CA LEU A 25 -7.51 -0.83 -10.38
C LEU A 25 -6.13 -0.25 -10.05
N ILE A 26 -6.14 0.82 -9.29
CA ILE A 26 -4.91 1.48 -8.89
C ILE A 26 -3.87 0.42 -8.55
N PHE A 27 -4.18 -0.37 -7.53
CA PHE A 27 -3.29 -1.43 -7.08
C PHE A 27 -2.69 -2.17 -8.29
N GLY A 28 -3.56 -2.47 -9.25
CA GLY A 28 -3.13 -3.17 -10.45
C GLY A 28 -1.79 -2.64 -10.94
N ARG A 29 -1.76 -1.34 -11.23
CA ARG A 29 -0.55 -0.71 -11.73
C ARG A 29 0.31 -0.26 -10.54
N PHE A 30 -0.32 0.44 -9.62
CA PHE A 30 0.37 0.94 -8.45
C PHE A 30 1.43 -0.06 -7.97
N MET A 31 1.02 -1.32 -7.90
CA MET A 31 1.91 -2.38 -7.46
C MET A 31 2.88 -2.78 -8.59
N GLU A 32 2.30 -3.19 -9.70
CA GLU A 32 3.09 -3.60 -10.85
C GLU A 32 4.23 -2.61 -11.09
N LYS A 33 4.00 -1.37 -10.64
CA LYS A 33 4.99 -0.32 -10.80
C LYS A 33 5.81 -0.20 -9.51
N GLU A 34 5.14 -0.47 -8.40
CA GLU A 34 5.79 -0.39 -7.10
C GLU A 34 6.24 -1.78 -6.64
N PHE A 35 5.24 -2.61 -6.35
CA PHE A 35 5.52 -3.96 -5.91
C PHE A 35 6.72 -4.56 -6.66
N GLU A 36 6.88 -4.12 -7.90
CA GLU A 36 7.97 -4.59 -8.73
C GLU A 36 9.31 -4.12 -8.16
N HIS A 37 9.34 -2.85 -7.79
CA HIS A 37 10.55 -2.26 -7.23
C HIS A 37 10.58 -2.49 -5.72
N LEU A 38 9.39 -2.70 -5.16
CA LEU A 38 9.28 -2.94 -3.73
C LEU A 38 10.34 -3.95 -3.29
N SER A 39 10.42 -4.13 -1.98
CA SER A 39 11.38 -5.07 -1.42
C SER A 39 11.02 -5.39 0.03
N ASP A 40 11.55 -6.51 0.50
CA ASP A 40 11.28 -6.94 1.87
C ASP A 40 11.21 -5.71 2.78
N LYS A 41 12.32 -4.98 2.82
CA LYS A 41 12.39 -3.79 3.65
C LYS A 41 11.19 -2.89 3.36
N GLU A 42 11.01 -2.59 2.07
CA GLU A 42 9.91 -1.75 1.65
C GLU A 42 8.58 -2.34 2.12
N LEU A 43 8.42 -3.63 1.84
CA LEU A 43 7.20 -4.32 2.22
C LEU A 43 6.80 -3.92 3.64
N SER A 44 7.79 -3.93 4.52
CA SER A 44 7.56 -3.57 5.91
C SER A 44 6.69 -2.31 5.98
N GLU A 45 6.93 -1.40 5.04
CA GLU A 45 6.18 -0.16 4.99
C GLU A 45 4.77 -0.42 4.45
N PHE A 46 4.71 -1.03 3.29
CA PHE A 46 3.44 -1.34 2.65
C PHE A 46 2.49 -2.01 3.65
N SER A 47 3.04 -2.91 4.44
CA SER A 47 2.25 -3.62 5.43
C SER A 47 1.65 -2.62 6.43
N GLU A 48 2.30 -1.47 6.53
CA GLU A 48 1.84 -0.43 7.44
C GLU A 48 0.78 0.43 6.76
N ILE A 49 1.06 0.82 5.54
CA ILE A 49 0.14 1.64 4.77
C ILE A 49 -1.07 0.81 4.37
N LEU A 50 -0.79 -0.39 3.88
CA LEU A 50 -1.85 -1.29 3.45
C LEU A 50 -2.89 -1.40 4.57
N GLU A 51 -2.42 -1.28 5.80
CA GLU A 51 -3.30 -1.36 6.95
C GLU A 51 -4.63 -0.70 6.65
N PHE A 52 -4.56 0.37 5.86
CA PHE A 52 -5.76 1.11 5.49
C PHE A 52 -6.47 0.45 4.32
N GLN A 53 -7.79 0.60 4.30
CA GLN A 53 -8.60 0.02 3.24
C GLN A 53 -8.59 0.93 2.01
N ASP A 54 -9.12 0.41 0.93
CA ASP A 54 -9.19 1.16 -0.32
C ASP A 54 -9.71 2.57 -0.04
N GLN A 55 -10.90 2.62 0.53
CA GLN A 55 -11.52 3.91 0.86
C GLN A 55 -10.51 4.80 1.58
N GLU A 56 -10.06 4.32 2.73
CA GLU A 56 -9.10 5.07 3.53
C GLU A 56 -7.89 5.45 2.68
N LEU A 57 -7.33 4.44 2.01
CA LEU A 57 -6.17 4.66 1.17
C LEU A 57 -6.45 5.81 0.21
N LEU A 58 -7.48 5.64 -0.60
CA LEU A 58 -7.86 6.65 -1.57
C LEU A 58 -8.04 7.99 -0.85
N ALA A 59 -8.96 8.00 0.09
CA ALA A 59 -9.24 9.22 0.86
C ALA A 59 -7.91 9.80 1.36
N LEU A 60 -7.06 8.92 1.86
CA LEU A 60 -5.77 9.34 2.38
C LEU A 60 -5.08 10.22 1.34
N ILE A 61 -4.79 9.63 0.19
CA ILE A 61 -4.13 10.35 -0.88
C ILE A 61 -4.86 11.68 -1.12
N ASN A 62 -6.18 11.59 -1.16
CA ASN A 62 -7.00 12.78 -1.38
C ASN A 62 -6.79 13.76 -0.22
N GLY A 63 -6.59 13.19 0.97
CA GLY A 63 -6.37 14.00 2.15
C GLY A 63 -7.55 13.86 3.13
N HIS A 64 -8.25 12.74 3.01
CA HIS A 64 -9.40 12.47 3.86
C HIS A 64 -8.91 11.92 5.21
N SER A 65 -8.67 10.61 5.22
CA SER A 65 -8.20 9.96 6.42
C SER A 65 -6.87 10.56 6.87
N GLU A 66 -6.41 10.10 8.02
CA GLU A 66 -5.16 10.59 8.58
C GLU A 66 -4.18 9.44 8.76
N THR A 67 -2.90 9.80 8.89
CA THR A 67 -1.86 8.80 9.07
C THR A 67 -0.86 9.27 10.13
N ASP A 68 -1.06 8.77 11.34
CA ASP A 68 -0.19 9.12 12.45
C ASP A 68 1.06 8.23 12.42
N LYS A 69 1.54 7.99 11.22
CA LYS A 69 2.71 7.14 11.04
C LYS A 69 3.70 7.85 10.10
N GLY A 70 4.80 8.30 10.67
CA GLY A 70 5.81 8.98 9.90
C GLY A 70 6.44 8.05 8.85
N HIS A 71 6.16 6.76 9.02
CA HIS A 71 6.68 5.76 8.10
C HIS A 71 5.72 5.59 6.93
N LEU A 72 4.65 6.38 6.96
CA LEU A 72 3.65 6.33 5.91
C LEU A 72 3.62 7.66 5.17
N ILE A 73 3.73 8.73 5.95
CA ILE A 73 3.71 10.08 5.38
C ILE A 73 4.50 10.08 4.06
N PRO A 74 5.73 9.51 4.13
CA PRO A 74 6.59 9.44 2.96
C PRO A 74 6.11 8.35 1.99
N MET A 75 6.05 7.13 2.51
CA MET A 75 5.61 6.00 1.71
C MET A 75 4.32 6.32 0.96
N LEU A 76 3.58 7.28 1.51
CA LEU A 76 2.32 7.69 0.92
C LEU A 76 2.61 8.52 -0.33
N GLU A 77 3.67 9.30 -0.26
CA GLU A 77 4.07 10.15 -1.38
C GLU A 77 4.41 9.29 -2.59
N LYS A 78 5.33 8.37 -2.39
CA LYS A 78 5.76 7.48 -3.45
C LYS A 78 4.56 6.67 -3.95
N ILE A 79 3.92 5.98 -3.00
CA ILE A 79 2.75 5.17 -3.32
C ILE A 79 1.71 6.04 -4.03
N ARG A 80 1.53 7.24 -3.49
CA ARG A 80 0.56 8.16 -4.06
C ARG A 80 0.86 8.42 -5.52
N ARG A 81 2.16 8.52 -5.82
CA ARG A 81 2.61 8.76 -7.18
C ARG A 81 1.95 7.76 -8.15
N ALA A 82 2.28 6.50 -7.93
CA ALA A 82 1.73 5.43 -8.76
C ALA A 82 0.21 5.43 -8.65
N MET A 1 17.35 -10.23 7.11
CA MET A 1 16.99 -10.43 8.50
C MET A 1 15.49 -10.13 8.73
N MET A 2 14.67 -10.83 7.96
CA MET A 2 13.23 -10.65 8.07
C MET A 2 12.48 -11.70 7.25
N VAL A 3 11.19 -11.77 7.47
CA VAL A 3 10.35 -12.72 6.76
C VAL A 3 10.05 -12.19 5.36
N PHE A 4 9.90 -13.11 4.43
CA PHE A 4 9.60 -12.75 3.05
C PHE A 4 9.46 -14.00 2.17
N ASP A 5 8.21 -14.41 1.99
CA ASP A 5 7.93 -15.58 1.18
C ASP A 5 6.80 -15.25 0.19
N ASP A 6 6.50 -16.22 -0.65
CA ASP A 6 5.44 -16.05 -1.65
C ASP A 6 4.26 -15.32 -1.00
N ILE A 7 4.07 -15.59 0.29
CA ILE A 7 2.99 -14.97 1.03
C ILE A 7 3.18 -13.45 1.04
N ALA A 8 4.37 -13.05 1.46
CA ALA A 8 4.71 -11.63 1.52
C ALA A 8 4.20 -10.94 0.25
N LYS A 9 4.28 -11.68 -0.86
CA LYS A 9 3.85 -11.14 -2.13
C LYS A 9 2.32 -11.13 -2.19
N ARG A 10 1.74 -12.30 -1.94
CA ARG A 10 0.30 -12.44 -1.96
C ARG A 10 -0.34 -11.43 -1.00
N LYS A 11 0.22 -11.35 0.19
CA LYS A 11 -0.28 -10.42 1.20
C LYS A 11 -0.46 -9.04 0.57
N ILE A 12 0.60 -8.60 -0.11
CA ILE A 12 0.57 -7.30 -0.75
C ILE A 12 -0.80 -7.07 -1.38
N ARG A 13 -1.20 -8.00 -2.23
CA ARG A 13 -2.48 -7.90 -2.89
C ARG A 13 -3.61 -8.27 -1.93
N PHE A 14 -3.46 -9.43 -1.30
CA PHE A 14 -4.45 -9.91 -0.35
C PHE A 14 -4.94 -8.77 0.54
N GLN A 15 -4.08 -7.79 0.74
CA GLN A 15 -4.41 -6.63 1.56
C GLN A 15 -5.30 -5.66 0.77
N THR A 16 -4.69 -5.07 -0.25
CA THR A 16 -5.40 -4.12 -1.09
C THR A 16 -6.80 -4.63 -1.41
N ARG A 17 -6.83 -5.79 -2.07
CA ARG A 17 -8.11 -6.40 -2.45
C ARG A 17 -9.17 -6.11 -1.38
N ARG A 18 -10.28 -5.59 -1.85
CA ARG A 18 -11.39 -5.26 -0.95
C ARG A 18 -12.67 -5.03 -1.75
N GLY A 19 -13.60 -4.33 -1.11
CA GLY A 19 -14.87 -4.02 -1.75
C GLY A 19 -14.78 -2.74 -2.57
N LEU A 20 -13.56 -2.37 -2.91
CA LEU A 20 -13.33 -1.16 -3.69
C LEU A 20 -12.80 -1.55 -5.08
N LEU A 21 -13.65 -1.32 -6.08
CA LEU A 21 -13.28 -1.63 -7.45
C LEU A 21 -12.11 -0.74 -7.88
N GLU A 22 -12.44 0.52 -8.17
CA GLU A 22 -11.44 1.48 -8.59
C GLU A 22 -10.11 1.22 -7.86
N LEU A 23 -10.20 1.18 -6.54
CA LEU A 23 -9.03 0.95 -5.72
C LEU A 23 -8.30 -0.30 -6.23
N ASP A 24 -9.04 -1.40 -6.28
CA ASP A 24 -8.48 -2.66 -6.74
C ASP A 24 -7.66 -2.41 -8.00
N LEU A 25 -8.14 -1.49 -8.82
CA LEU A 25 -7.46 -1.16 -10.06
C LEU A 25 -6.25 -0.29 -9.75
N ILE A 26 -6.49 0.77 -8.98
CA ILE A 26 -5.42 1.67 -8.60
C ILE A 26 -4.19 0.87 -8.19
N PHE A 27 -4.40 -0.04 -7.24
CA PHE A 27 -3.32 -0.88 -6.75
C PHE A 27 -2.58 -1.54 -7.91
N GLY A 28 -3.31 -1.76 -8.99
CA GLY A 28 -2.73 -2.38 -10.17
C GLY A 28 -1.51 -1.60 -10.67
N ARG A 29 -1.79 -0.46 -11.28
CA ARG A 29 -0.74 0.40 -11.80
C ARG A 29 0.24 0.78 -10.69
N PHE A 30 -0.27 0.72 -9.47
CA PHE A 30 0.54 1.06 -8.31
C PHE A 30 1.53 -0.06 -7.98
N MET A 31 1.02 -1.28 -7.97
CA MET A 31 1.84 -2.45 -7.69
C MET A 31 2.80 -2.75 -8.84
N GLU A 32 2.28 -2.62 -10.05
CA GLU A 32 3.07 -2.87 -11.23
C GLU A 32 4.41 -2.13 -11.15
N LYS A 33 4.39 -1.04 -10.41
CA LYS A 33 5.59 -0.23 -10.23
C LYS A 33 6.28 -0.63 -8.94
N GLU A 34 5.50 -0.69 -7.87
CA GLU A 34 6.03 -1.07 -6.57
C GLU A 34 6.17 -2.58 -6.47
N PHE A 35 5.05 -3.25 -6.26
CA PHE A 35 5.04 -4.70 -6.15
C PHE A 35 6.00 -5.33 -7.17
N GLU A 36 6.19 -4.62 -8.26
CA GLU A 36 7.08 -5.10 -9.32
C GLU A 36 8.28 -5.84 -8.70
N HIS A 37 9.09 -5.07 -7.99
CA HIS A 37 10.28 -5.64 -7.35
C HIS A 37 10.48 -4.99 -5.98
N LEU A 38 9.44 -5.09 -5.16
CA LEU A 38 9.48 -4.54 -3.82
C LEU A 38 10.68 -5.11 -3.07
N SER A 39 10.67 -4.91 -1.76
CA SER A 39 11.77 -5.40 -0.92
C SER A 39 11.31 -5.44 0.55
N ASP A 40 11.95 -6.32 1.30
CA ASP A 40 11.63 -6.45 2.71
C ASP A 40 11.47 -5.07 3.33
N LYS A 41 12.52 -4.27 3.20
CA LYS A 41 12.51 -2.93 3.74
C LYS A 41 11.35 -2.15 3.13
N GLU A 42 11.04 -2.48 1.89
CA GLU A 42 9.95 -1.81 1.19
C GLU A 42 8.62 -2.48 1.52
N LEU A 43 8.71 -3.66 2.13
CA LEU A 43 7.52 -4.41 2.50
C LEU A 43 6.90 -3.78 3.74
N SER A 44 7.73 -3.57 4.75
CA SER A 44 7.28 -2.98 5.99
C SER A 44 6.33 -1.81 5.70
N GLU A 45 6.87 -0.82 5.01
CA GLU A 45 6.09 0.36 4.66
C GLU A 45 4.75 -0.06 4.03
N PHE A 46 4.86 -0.90 3.01
CA PHE A 46 3.68 -1.39 2.31
C PHE A 46 2.69 -2.01 3.29
N SER A 47 3.20 -2.89 4.14
CA SER A 47 2.37 -3.56 5.12
C SER A 47 1.83 -2.55 6.14
N GLU A 48 2.70 -1.62 6.51
CA GLU A 48 2.32 -0.60 7.47
C GLU A 48 1.27 0.33 6.86
N ILE A 49 1.47 0.66 5.59
CA ILE A 49 0.56 1.54 4.89
C ILE A 49 -0.71 0.76 4.54
N LEU A 50 -0.52 -0.39 3.91
CA LEU A 50 -1.63 -1.24 3.51
C LEU A 50 -2.61 -1.36 4.69
N GLU A 51 -2.06 -1.22 5.88
CA GLU A 51 -2.87 -1.33 7.09
C GLU A 51 -4.23 -0.65 6.87
N PHE A 52 -4.21 0.40 6.07
CA PHE A 52 -5.43 1.13 5.78
C PHE A 52 -6.22 0.45 4.65
N GLN A 53 -7.53 0.65 4.69
CA GLN A 53 -8.41 0.07 3.69
C GLN A 53 -8.48 0.97 2.45
N ASP A 54 -9.19 0.48 1.45
CA ASP A 54 -9.36 1.24 0.22
C ASP A 54 -10.08 2.55 0.50
N GLN A 55 -11.30 2.41 1.02
CA GLN A 55 -12.10 3.57 1.35
C GLN A 55 -11.25 4.64 2.02
N GLU A 56 -10.53 4.22 3.06
CA GLU A 56 -9.68 5.12 3.80
C GLU A 56 -8.50 5.57 2.93
N LEU A 57 -7.96 4.61 2.19
CA LEU A 57 -6.83 4.89 1.32
C LEU A 57 -7.22 5.99 0.33
N LEU A 58 -8.23 5.69 -0.48
CA LEU A 58 -8.70 6.64 -1.47
C LEU A 58 -8.78 8.04 -0.83
N ALA A 59 -9.57 8.13 0.22
CA ALA A 59 -9.73 9.39 0.93
C ALA A 59 -8.36 9.95 1.29
N LEU A 60 -7.54 9.10 1.89
CA LEU A 60 -6.20 9.49 2.29
C LEU A 60 -5.49 10.14 1.11
N ILE A 61 -5.29 9.33 0.07
CA ILE A 61 -4.62 9.80 -1.12
C ILE A 61 -5.22 11.15 -1.54
N ASN A 62 -6.53 11.22 -1.48
CA ASN A 62 -7.23 12.44 -1.85
C ASN A 62 -6.91 13.54 -0.83
N GLY A 63 -6.70 13.11 0.40
CA GLY A 63 -6.38 14.04 1.48
C GLY A 63 -7.53 14.15 2.48
N HIS A 64 -8.31 13.08 2.54
CA HIS A 64 -9.45 13.04 3.45
C HIS A 64 -8.99 12.60 4.84
N SER A 65 -8.87 11.30 5.00
CA SER A 65 -8.44 10.73 6.27
C SER A 65 -7.01 11.18 6.57
N GLU A 66 -6.55 10.81 7.77
CA GLU A 66 -5.20 11.15 8.19
C GLU A 66 -4.44 9.90 8.60
N THR A 67 -3.15 10.08 8.84
CA THR A 67 -2.29 8.98 9.24
C THR A 67 -1.63 9.29 10.59
N ASP A 68 -1.90 8.41 11.55
CA ASP A 68 -1.35 8.57 12.89
C ASP A 68 0.09 8.07 12.89
N LYS A 69 0.54 7.63 11.73
CA LYS A 69 1.90 7.13 11.58
C LYS A 69 2.64 7.97 10.55
N GLY A 70 3.50 8.84 11.05
CA GLY A 70 4.28 9.71 10.18
C GLY A 70 5.29 8.90 9.36
N HIS A 71 5.39 7.62 9.69
CA HIS A 71 6.30 6.73 8.99
C HIS A 71 5.74 6.41 7.61
N LEU A 72 4.54 6.90 7.36
CA LEU A 72 3.89 6.66 6.08
C LEU A 72 3.94 7.95 5.25
N ILE A 73 4.13 9.06 5.94
CA ILE A 73 4.20 10.36 5.29
C ILE A 73 5.08 10.24 4.04
N PRO A 74 6.27 9.60 4.23
CA PRO A 74 7.20 9.43 3.13
C PRO A 74 6.72 8.33 2.18
N MET A 75 6.42 7.17 2.76
CA MET A 75 5.96 6.04 1.97
C MET A 75 4.72 6.42 1.15
N LEU A 76 4.03 7.45 1.61
CA LEU A 76 2.84 7.92 0.93
C LEU A 76 3.24 8.69 -0.33
N GLU A 77 4.39 9.34 -0.24
CA GLU A 77 4.90 10.11 -1.35
C GLU A 77 5.29 9.19 -2.51
N LYS A 78 6.16 8.25 -2.22
CA LYS A 78 6.63 7.30 -3.22
C LYS A 78 5.41 6.58 -3.82
N ILE A 79 4.56 6.09 -2.94
CA ILE A 79 3.36 5.38 -3.37
C ILE A 79 2.46 6.35 -4.15
N ARG A 80 1.93 7.32 -3.42
CA ARG A 80 1.05 8.31 -4.03
C ARG A 80 1.54 8.67 -5.42
N ARG A 81 2.85 8.60 -5.59
CA ARG A 81 3.46 8.92 -6.88
C ARG A 81 2.87 8.03 -7.98
N ALA A 82 3.14 6.74 -7.86
CA ALA A 82 2.64 5.78 -8.83
C ALA A 82 1.12 5.87 -8.90
N MET A 1 6.29 -7.89 14.74
CA MET A 1 7.44 -8.44 14.08
C MET A 1 7.65 -7.81 12.70
N MET A 2 8.84 -8.01 12.16
CA MET A 2 9.17 -7.46 10.84
C MET A 2 9.77 -8.54 9.94
N VAL A 3 8.94 -9.53 9.63
CA VAL A 3 9.37 -10.62 8.77
C VAL A 3 8.91 -10.36 7.34
N PHE A 4 9.53 -11.06 6.41
CA PHE A 4 9.19 -10.92 5.01
C PHE A 4 9.49 -12.20 4.22
N ASP A 5 8.50 -12.65 3.47
CA ASP A 5 8.66 -13.85 2.68
C ASP A 5 7.59 -13.88 1.59
N ASP A 6 7.66 -14.91 0.75
CA ASP A 6 6.70 -15.07 -0.32
C ASP A 6 5.30 -14.75 0.18
N ILE A 7 5.00 -15.28 1.36
CA ILE A 7 3.69 -15.06 1.97
C ILE A 7 3.44 -13.55 2.08
N ALA A 8 4.40 -12.86 2.67
CA ALA A 8 4.29 -11.42 2.84
C ALA A 8 3.74 -10.80 1.56
N LYS A 9 4.22 -11.32 0.44
CA LYS A 9 3.79 -10.82 -0.86
C LYS A 9 2.27 -10.87 -0.94
N ARG A 10 1.74 -12.08 -0.82
CA ARG A 10 0.30 -12.29 -0.87
C ARG A 10 -0.42 -11.22 -0.03
N LYS A 11 0.12 -10.99 1.16
CA LYS A 11 -0.47 -10.01 2.06
C LYS A 11 -0.68 -8.71 1.31
N ILE A 12 0.30 -8.36 0.48
CA ILE A 12 0.23 -7.13 -0.29
C ILE A 12 -1.12 -7.07 -1.01
N ARG A 13 -1.42 -8.14 -1.73
CA ARG A 13 -2.67 -8.22 -2.47
C ARG A 13 -3.84 -8.49 -1.51
N PHE A 14 -3.65 -9.53 -0.69
CA PHE A 14 -4.68 -9.89 0.28
C PHE A 14 -5.24 -8.67 0.99
N GLN A 15 -4.43 -7.62 1.04
CA GLN A 15 -4.83 -6.39 1.68
C GLN A 15 -5.61 -5.51 0.70
N THR A 16 -5.00 -5.27 -0.45
CA THR A 16 -5.63 -4.46 -1.47
C THR A 16 -6.99 -5.05 -1.87
N ARG A 17 -7.49 -4.59 -3.01
CA ARG A 17 -8.77 -5.07 -3.51
C ARG A 17 -9.91 -4.50 -2.66
N ARG A 18 -11.05 -4.33 -3.30
CA ARG A 18 -12.22 -3.80 -2.62
C ARG A 18 -12.05 -2.32 -2.34
N GLY A 19 -13.05 -1.74 -1.71
CA GLY A 19 -13.02 -0.32 -1.38
C GLY A 19 -12.62 0.52 -2.59
N LEU A 20 -13.62 1.06 -3.25
CA LEU A 20 -13.38 1.88 -4.43
C LEU A 20 -12.78 1.02 -5.54
N LEU A 21 -13.59 0.81 -6.58
CA LEU A 21 -13.15 0.01 -7.70
C LEU A 21 -11.88 0.62 -8.30
N GLU A 22 -11.90 1.93 -8.45
CA GLU A 22 -10.76 2.64 -9.00
C GLU A 22 -9.50 2.36 -8.17
N LEU A 23 -9.68 2.38 -6.85
CA LEU A 23 -8.58 2.13 -5.94
C LEU A 23 -8.00 0.75 -6.23
N ASP A 24 -8.89 -0.16 -6.62
CA ASP A 24 -8.49 -1.52 -6.92
C ASP A 24 -7.63 -1.53 -8.19
N LEU A 25 -8.04 -0.71 -9.15
CA LEU A 25 -7.34 -0.62 -10.41
C LEU A 25 -5.98 0.04 -10.17
N ILE A 26 -6.02 1.17 -9.47
CA ILE A 26 -4.80 1.91 -9.17
C ILE A 26 -3.69 0.92 -8.81
N PHE A 27 -4.00 0.04 -7.86
CA PHE A 27 -3.04 -0.95 -7.42
C PHE A 27 -2.48 -1.74 -8.60
N GLY A 28 -3.38 -2.08 -9.53
CA GLY A 28 -3.00 -2.83 -10.71
C GLY A 28 -1.67 -2.32 -11.28
N ARG A 29 -1.61 -1.01 -11.47
CA ARG A 29 -0.40 -0.39 -12.00
C ARG A 29 0.58 -0.09 -10.87
N PHE A 30 0.08 0.58 -9.85
CA PHE A 30 0.91 0.93 -8.70
C PHE A 30 1.80 -0.24 -8.29
N MET A 31 1.28 -1.45 -8.47
CA MET A 31 2.00 -2.65 -8.13
C MET A 31 2.94 -3.07 -9.27
N GLU A 32 2.35 -3.21 -10.45
CA GLU A 32 3.11 -3.60 -11.62
C GLU A 32 4.42 -2.81 -11.69
N LYS A 33 4.39 -1.61 -11.12
CA LYS A 33 5.55 -0.75 -11.12
C LYS A 33 6.33 -0.96 -9.81
N GLU A 34 5.62 -0.81 -8.71
CA GLU A 34 6.22 -0.98 -7.40
C GLU A 34 6.43 -2.46 -7.09
N PHE A 35 5.32 -3.12 -6.76
CA PHE A 35 5.37 -4.54 -6.45
C PHE A 35 6.30 -5.29 -7.41
N GLU A 36 6.48 -4.71 -8.59
CA GLU A 36 7.34 -5.30 -9.60
C GLU A 36 8.52 -6.01 -8.93
N HIS A 37 9.24 -5.25 -8.12
CA HIS A 37 10.40 -5.79 -7.42
C HIS A 37 10.64 -5.00 -6.14
N LEU A 38 9.59 -4.91 -5.33
CA LEU A 38 9.68 -4.19 -4.07
C LEU A 38 10.77 -4.81 -3.20
N SER A 39 11.47 -3.94 -2.50
CA SER A 39 12.55 -4.39 -1.63
C SER A 39 11.97 -5.01 -0.35
N ASP A 40 12.84 -5.69 0.38
CA ASP A 40 12.43 -6.34 1.61
C ASP A 40 11.98 -5.28 2.62
N LYS A 41 12.90 -4.36 2.92
CA LYS A 41 12.62 -3.29 3.85
C LYS A 41 11.43 -2.48 3.35
N GLU A 42 11.39 -2.28 2.04
CA GLU A 42 10.32 -1.52 1.42
C GLU A 42 8.98 -2.22 1.65
N LEU A 43 8.99 -3.53 1.46
CA LEU A 43 7.78 -4.31 1.65
C LEU A 43 7.11 -3.90 2.96
N SER A 44 7.92 -3.80 4.00
CA SER A 44 7.41 -3.42 5.31
C SER A 44 6.44 -2.25 5.18
N GLU A 45 6.93 -1.17 4.60
CA GLU A 45 6.12 0.02 4.41
C GLU A 45 4.78 -0.35 3.76
N PHE A 46 4.88 -0.98 2.60
CA PHE A 46 3.69 -1.39 1.87
C PHE A 46 2.71 -2.11 2.80
N SER A 47 3.20 -3.17 3.43
CA SER A 47 2.38 -3.94 4.34
C SER A 47 1.91 -3.06 5.51
N GLU A 48 2.69 -2.02 5.77
CA GLU A 48 2.35 -1.10 6.85
C GLU A 48 1.27 -0.13 6.40
N ILE A 49 1.41 0.36 5.18
CA ILE A 49 0.45 1.30 4.63
C ILE A 49 -0.80 0.54 4.21
N LEU A 50 -0.59 -0.57 3.52
CA LEU A 50 -1.70 -1.40 3.06
C LEU A 50 -2.62 -1.71 4.24
N GLU A 51 -2.02 -1.80 5.41
CA GLU A 51 -2.77 -2.10 6.62
C GLU A 51 -4.14 -1.44 6.55
N PHE A 52 -4.18 -0.26 5.97
CA PHE A 52 -5.43 0.48 5.83
C PHE A 52 -6.19 0.04 4.58
N GLN A 53 -7.51 0.09 4.68
CA GLN A 53 -8.36 -0.29 3.56
C GLN A 53 -8.34 0.79 2.48
N ASP A 54 -8.75 0.39 1.28
CA ASP A 54 -8.78 1.32 0.16
C ASP A 54 -9.55 2.58 0.57
N GLN A 55 -10.70 2.36 1.19
CA GLN A 55 -11.54 3.46 1.64
C GLN A 55 -10.69 4.52 2.32
N GLU A 56 -10.02 4.12 3.39
CA GLU A 56 -9.18 5.03 4.14
C GLU A 56 -8.01 5.50 3.28
N LEU A 57 -7.48 4.57 2.49
CA LEU A 57 -6.36 4.88 1.62
C LEU A 57 -6.74 6.05 0.71
N LEU A 58 -7.78 5.83 -0.09
CA LEU A 58 -8.25 6.86 -1.00
C LEU A 58 -8.44 8.17 -0.24
N ALA A 59 -9.32 8.12 0.75
CA ALA A 59 -9.60 9.28 1.56
C ALA A 59 -8.30 9.89 2.05
N LEU A 60 -7.41 9.02 2.53
CA LEU A 60 -6.12 9.45 3.04
C LEU A 60 -5.47 10.37 2.01
N ILE A 61 -5.23 9.81 0.83
CA ILE A 61 -4.61 10.58 -0.25
C ILE A 61 -5.39 11.88 -0.46
N ASN A 62 -6.71 11.74 -0.46
CA ASN A 62 -7.57 12.90 -0.66
C ASN A 62 -7.39 13.87 0.51
N GLY A 63 -6.91 13.33 1.62
CA GLY A 63 -6.68 14.14 2.81
C GLY A 63 -7.86 14.02 3.78
N HIS A 64 -8.48 12.85 3.76
CA HIS A 64 -9.61 12.59 4.63
C HIS A 64 -9.12 11.99 5.96
N SER A 65 -9.04 10.66 5.97
CA SER A 65 -8.59 9.96 7.16
C SER A 65 -7.17 10.38 7.51
N GLU A 66 -6.72 9.93 8.67
CA GLU A 66 -5.38 10.26 9.14
C GLU A 66 -4.55 8.98 9.28
N THR A 67 -3.27 9.19 9.55
CA THR A 67 -2.35 8.07 9.71
C THR A 67 -1.72 8.09 11.10
N ASP A 68 -1.94 7.01 11.84
CA ASP A 68 -1.40 6.91 13.19
C ASP A 68 0.09 6.59 13.10
N LYS A 69 0.56 6.45 11.88
CA LYS A 69 1.97 6.14 11.65
C LYS A 69 2.55 7.14 10.65
N GLY A 70 3.49 7.94 11.14
CA GLY A 70 4.13 8.95 10.30
C GLY A 70 5.02 8.28 9.25
N HIS A 71 5.13 6.97 9.35
CA HIS A 71 5.95 6.21 8.42
C HIS A 71 5.14 5.92 7.14
N LEU A 72 3.93 6.48 7.12
CA LEU A 72 3.06 6.29 5.97
C LEU A 72 2.96 7.61 5.19
N ILE A 73 2.90 8.69 5.94
CA ILE A 73 2.80 10.01 5.33
C ILE A 73 3.72 10.08 4.12
N PRO A 74 5.01 9.67 4.34
CA PRO A 74 6.00 9.68 3.28
C PRO A 74 5.76 8.53 2.31
N MET A 75 5.72 7.32 2.85
CA MET A 75 5.50 6.14 2.05
C MET A 75 4.27 6.30 1.15
N LEU A 76 3.38 7.20 1.57
CA LEU A 76 2.17 7.46 0.82
C LEU A 76 2.51 8.28 -0.43
N GLU A 77 3.48 9.18 -0.26
CA GLU A 77 3.92 10.03 -1.35
C GLU A 77 4.48 9.18 -2.49
N LYS A 78 5.47 8.37 -2.16
CA LYS A 78 6.09 7.51 -3.14
C LYS A 78 5.04 6.60 -3.77
N ILE A 79 4.09 6.18 -2.94
CA ILE A 79 3.03 5.31 -3.40
C ILE A 79 2.08 6.11 -4.30
N ARG A 80 1.57 7.20 -3.75
CA ARG A 80 0.65 8.05 -4.47
C ARG A 80 1.09 8.18 -5.93
N ARG A 81 2.36 8.52 -6.10
CA ARG A 81 2.92 8.68 -7.43
C ARG A 81 2.65 7.43 -8.28
N ALA A 82 3.00 6.29 -7.72
CA ALA A 82 2.79 5.02 -8.41
C ALA A 82 1.29 4.79 -8.60
N MET A 1 0.42 -6.46 10.25
CA MET A 1 1.11 -6.55 11.52
C MET A 1 2.03 -7.76 11.57
N MET A 2 3.00 -7.75 10.66
CA MET A 2 3.96 -8.84 10.58
C MET A 2 5.02 -8.56 9.50
N VAL A 3 6.07 -9.36 9.54
CA VAL A 3 7.15 -9.22 8.58
C VAL A 3 6.71 -9.80 7.23
N PHE A 4 7.44 -9.42 6.19
CA PHE A 4 7.14 -9.89 4.85
C PHE A 4 7.58 -11.34 4.67
N ASP A 5 6.74 -12.10 3.98
CA ASP A 5 7.02 -13.50 3.73
C ASP A 5 6.08 -14.03 2.65
N ASP A 6 6.21 -15.32 2.38
CA ASP A 6 5.38 -15.95 1.36
C ASP A 6 3.92 -15.56 1.59
N ILE A 7 3.57 -15.40 2.85
CA ILE A 7 2.21 -15.03 3.22
C ILE A 7 2.00 -13.54 2.92
N ALA A 8 2.81 -12.72 3.57
CA ALA A 8 2.72 -11.28 3.39
C ALA A 8 2.70 -10.97 1.89
N LYS A 9 3.41 -11.78 1.13
CA LYS A 9 3.48 -11.60 -0.31
C LYS A 9 2.08 -11.75 -0.90
N ARG A 10 1.51 -12.93 -0.71
CA ARG A 10 0.18 -13.20 -1.23
C ARG A 10 -0.86 -12.33 -0.52
N LYS A 11 -0.51 -11.92 0.70
CA LYS A 11 -1.40 -11.09 1.49
C LYS A 11 -1.36 -9.66 0.94
N ILE A 12 -0.16 -9.22 0.58
CA ILE A 12 0.03 -7.89 0.04
C ILE A 12 -1.09 -7.58 -0.95
N ARG A 13 -1.30 -8.51 -1.88
CA ARG A 13 -2.33 -8.36 -2.89
C ARG A 13 -3.71 -8.62 -2.27
N PHE A 14 -3.79 -9.69 -1.50
CA PHE A 14 -5.04 -10.05 -0.86
C PHE A 14 -5.53 -8.92 0.07
N GLN A 15 -4.62 -8.03 0.38
CA GLN A 15 -4.93 -6.91 1.26
C GLN A 15 -5.52 -5.75 0.44
N THR A 16 -4.74 -5.29 -0.52
CA THR A 16 -5.16 -4.20 -1.38
C THR A 16 -6.61 -4.41 -1.83
N ARG A 17 -6.84 -5.55 -2.46
CA ARG A 17 -8.16 -5.90 -2.95
C ARG A 17 -9.21 -5.68 -1.85
N ARG A 18 -10.28 -5.02 -2.22
CA ARG A 18 -11.36 -4.74 -1.29
C ARG A 18 -12.62 -4.30 -2.03
N GLY A 19 -13.42 -3.51 -1.33
CA GLY A 19 -14.66 -3.01 -1.92
C GLY A 19 -14.42 -1.71 -2.67
N LEU A 20 -13.34 -1.69 -3.44
CA LEU A 20 -13.00 -0.51 -4.21
C LEU A 20 -12.47 -0.94 -5.58
N LEU A 21 -13.29 -0.71 -6.60
CA LEU A 21 -12.93 -1.08 -7.96
C LEU A 21 -11.67 -0.31 -8.36
N GLU A 22 -11.84 1.01 -8.52
CA GLU A 22 -10.74 1.85 -8.90
C GLU A 22 -9.46 1.46 -8.13
N LEU A 23 -9.60 1.49 -6.81
CA LEU A 23 -8.48 1.15 -5.94
C LEU A 23 -7.87 -0.17 -6.40
N ASP A 24 -8.76 -1.11 -6.76
CA ASP A 24 -8.33 -2.41 -7.21
C ASP A 24 -7.48 -2.26 -8.48
N LEU A 25 -7.87 -1.29 -9.30
CA LEU A 25 -7.16 -1.03 -10.54
C LEU A 25 -5.85 -0.30 -10.23
N ILE A 26 -5.97 0.76 -9.44
CA ILE A 26 -4.81 1.55 -9.06
C ILE A 26 -3.64 0.61 -8.76
N PHE A 27 -3.84 -0.23 -7.76
CA PHE A 27 -2.82 -1.18 -7.37
C PHE A 27 -2.17 -1.83 -8.59
N GLY A 28 -3.02 -2.24 -9.53
CA GLY A 28 -2.55 -2.88 -10.74
C GLY A 28 -1.32 -2.16 -11.30
N ARG A 29 -1.45 -0.84 -11.43
CA ARG A 29 -0.36 -0.04 -11.95
C ARG A 29 0.59 0.35 -10.82
N PHE A 30 0.01 0.93 -9.77
CA PHE A 30 0.79 1.36 -8.62
C PHE A 30 1.76 0.27 -8.19
N MET A 31 1.23 -0.94 -8.05
CA MET A 31 2.05 -2.06 -7.64
C MET A 31 3.17 -2.33 -8.64
N GLU A 32 2.78 -2.42 -9.91
CA GLU A 32 3.74 -2.66 -10.97
C GLU A 32 4.72 -1.50 -11.08
N LYS A 33 4.28 -0.34 -10.60
CA LYS A 33 5.11 0.85 -10.64
C LYS A 33 5.83 1.00 -9.30
N GLU A 34 5.39 0.22 -8.33
CA GLU A 34 5.99 0.26 -7.00
C GLU A 34 6.37 -1.15 -6.55
N PHE A 35 5.36 -1.92 -6.17
CA PHE A 35 5.58 -3.28 -5.72
C PHE A 35 6.63 -3.98 -6.58
N GLU A 36 6.62 -3.64 -7.86
CA GLU A 36 7.57 -4.22 -8.79
C GLU A 36 9.00 -3.81 -8.44
N HIS A 37 9.13 -2.54 -8.03
CA HIS A 37 10.43 -2.01 -7.67
C HIS A 37 10.65 -2.19 -6.16
N LEU A 38 9.56 -2.48 -5.46
CA LEU A 38 9.62 -2.67 -4.03
C LEU A 38 10.66 -3.75 -3.71
N SER A 39 10.65 -4.18 -2.46
CA SER A 39 11.59 -5.20 -2.01
C SER A 39 11.12 -5.79 -0.68
N ASP A 40 11.88 -6.77 -0.21
CA ASP A 40 11.55 -7.43 1.05
C ASP A 40 11.37 -6.36 2.13
N LYS A 41 12.44 -5.64 2.40
CA LYS A 41 12.42 -4.60 3.40
C LYS A 41 11.46 -3.48 2.96
N GLU A 42 11.22 -3.45 1.66
CA GLU A 42 10.33 -2.45 1.09
C GLU A 42 8.88 -2.91 1.18
N LEU A 43 8.72 -4.19 1.49
CA LEU A 43 7.39 -4.78 1.62
C LEU A 43 6.72 -4.25 2.89
N SER A 44 7.53 -4.12 3.93
CA SER A 44 7.03 -3.63 5.21
C SER A 44 6.31 -2.29 5.02
N GLU A 45 7.04 -1.32 4.49
CA GLU A 45 6.48 -0.01 4.25
C GLU A 45 5.13 -0.12 3.53
N PHE A 46 5.10 -1.00 2.54
CA PHE A 46 3.89 -1.22 1.77
C PHE A 46 2.76 -1.72 2.67
N SER A 47 3.02 -2.85 3.33
CA SER A 47 2.03 -3.44 4.22
C SER A 47 1.70 -2.46 5.35
N GLU A 48 2.65 -1.60 5.65
CA GLU A 48 2.47 -0.61 6.70
C GLU A 48 1.53 0.50 6.22
N ILE A 49 1.72 0.90 4.98
CA ILE A 49 0.89 1.96 4.40
C ILE A 49 -0.48 1.38 4.06
N LEU A 50 -0.47 0.17 3.53
CA LEU A 50 -1.71 -0.49 3.15
C LEU A 50 -2.54 -0.75 4.41
N GLU A 51 -1.89 -0.63 5.55
CA GLU A 51 -2.55 -0.84 6.82
C GLU A 51 -3.99 -0.34 6.76
N PHE A 52 -4.17 0.77 6.04
CA PHE A 52 -5.49 1.36 5.89
C PHE A 52 -6.32 0.60 4.86
N GLN A 53 -7.62 0.55 5.13
CA GLN A 53 -8.54 -0.14 4.24
C GLN A 53 -8.61 0.58 2.88
N ASP A 54 -9.34 -0.03 1.97
CA ASP A 54 -9.50 0.54 0.63
C ASP A 54 -10.24 1.87 0.74
N GLN A 55 -11.33 1.85 1.47
CA GLN A 55 -12.13 3.06 1.66
C GLN A 55 -11.30 4.15 2.33
N GLU A 56 -10.68 3.79 3.44
CA GLU A 56 -9.85 4.73 4.17
C GLU A 56 -8.62 5.13 3.34
N LEU A 57 -7.93 4.11 2.86
CA LEU A 57 -6.74 4.33 2.05
C LEU A 57 -7.03 5.42 1.02
N LEU A 58 -8.00 5.12 0.15
CA LEU A 58 -8.39 6.06 -0.89
C LEU A 58 -8.45 7.47 -0.29
N ALA A 59 -9.27 7.62 0.73
CA ALA A 59 -9.43 8.90 1.39
C ALA A 59 -8.04 9.48 1.71
N LEU A 60 -7.21 8.64 2.32
CA LEU A 60 -5.87 9.06 2.68
C LEU A 60 -5.20 9.71 1.47
N ILE A 61 -5.01 8.90 0.43
CA ILE A 61 -4.38 9.38 -0.79
C ILE A 61 -5.03 10.71 -1.20
N ASN A 62 -6.35 10.73 -1.12
CA ASN A 62 -7.09 11.92 -1.49
C ASN A 62 -6.77 13.05 -0.50
N GLY A 63 -6.46 12.64 0.73
CA GLY A 63 -6.13 13.60 1.77
C GLY A 63 -7.23 13.66 2.82
N HIS A 64 -7.92 12.54 2.99
CA HIS A 64 -9.00 12.45 3.95
C HIS A 64 -8.45 11.97 5.30
N SER A 65 -8.37 10.66 5.43
CA SER A 65 -7.87 10.05 6.66
C SER A 65 -6.48 10.62 6.97
N GLU A 66 -6.06 10.39 8.21
CA GLU A 66 -4.75 10.86 8.66
C GLU A 66 -3.81 9.68 8.87
N THR A 67 -2.52 9.99 8.93
CA THR A 67 -1.51 8.97 9.13
C THR A 67 -0.45 9.45 10.12
N ASP A 68 -0.61 9.04 11.37
CA ASP A 68 0.31 9.42 12.42
C ASP A 68 1.53 8.49 12.39
N LYS A 69 1.92 8.11 11.18
CA LYS A 69 3.05 7.23 11.00
C LYS A 69 4.02 7.85 9.99
N GLY A 70 5.13 8.35 10.53
CA GLY A 70 6.14 8.97 9.70
C GLY A 70 6.71 7.97 8.68
N HIS A 71 6.39 6.70 8.91
CA HIS A 71 6.86 5.65 8.02
C HIS A 71 5.90 5.50 6.85
N LEU A 72 4.88 6.35 6.84
CA LEU A 72 3.88 6.33 5.78
C LEU A 72 3.82 7.71 5.12
N ILE A 73 3.89 8.73 5.96
CA ILE A 73 3.83 10.10 5.47
C ILE A 73 4.64 10.21 4.17
N PRO A 74 5.90 9.69 4.23
CA PRO A 74 6.77 9.72 3.08
C PRO A 74 6.35 8.68 2.03
N MET A 75 6.42 7.42 2.45
CA MET A 75 6.05 6.32 1.57
C MET A 75 4.72 6.59 0.89
N LEU A 76 3.93 7.47 1.51
CA LEU A 76 2.63 7.82 0.97
C LEU A 76 2.82 8.69 -0.27
N GLU A 77 3.68 9.69 -0.14
CA GLU A 77 3.96 10.60 -1.24
C GLU A 77 4.40 9.81 -2.47
N LYS A 78 5.47 9.03 -2.28
CA LYS A 78 6.00 8.23 -3.37
C LYS A 78 4.90 7.33 -3.92
N ILE A 79 4.44 6.42 -3.08
CA ILE A 79 3.39 5.49 -3.47
C ILE A 79 2.25 6.27 -4.13
N ARG A 80 1.81 7.31 -3.45
CA ARG A 80 0.73 8.14 -3.96
C ARG A 80 1.00 8.52 -5.43
N ARG A 81 2.22 8.97 -5.67
CA ARG A 81 2.62 9.36 -7.01
C ARG A 81 2.15 8.32 -8.03
N ALA A 82 2.60 7.09 -7.82
CA ALA A 82 2.25 6.00 -8.70
C ALA A 82 0.74 5.77 -8.65
N MET A 1 2.43 -8.61 11.57
CA MET A 1 3.65 -9.17 12.09
C MET A 1 4.82 -8.96 11.12
N MET A 2 6.00 -9.39 11.54
CA MET A 2 7.19 -9.26 10.72
C MET A 2 7.49 -10.56 9.99
N VAL A 3 6.70 -10.82 8.95
CA VAL A 3 6.88 -12.03 8.17
C VAL A 3 7.22 -11.64 6.72
N PHE A 4 7.89 -12.55 6.05
CA PHE A 4 8.29 -12.33 4.66
C PHE A 4 8.50 -13.65 3.93
N ASP A 5 7.78 -13.79 2.82
CA ASP A 5 7.87 -15.00 2.02
C ASP A 5 7.10 -14.81 0.72
N ASP A 6 7.32 -15.72 -0.22
CA ASP A 6 6.65 -15.67 -1.50
C ASP A 6 5.17 -15.33 -1.28
N ILE A 7 4.68 -15.71 -0.11
CA ILE A 7 3.28 -15.45 0.23
C ILE A 7 3.11 -13.96 0.52
N ALA A 8 3.99 -13.45 1.37
CA ALA A 8 3.94 -12.04 1.75
C ALA A 8 3.74 -11.19 0.48
N LYS A 9 4.33 -11.66 -0.61
CA LYS A 9 4.24 -10.95 -1.87
C LYS A 9 2.79 -10.99 -2.36
N ARG A 10 2.31 -12.21 -2.58
CA ARG A 10 0.95 -12.41 -3.05
C ARG A 10 -0.05 -11.86 -2.03
N LYS A 11 0.41 -11.79 -0.79
CA LYS A 11 -0.43 -11.30 0.29
C LYS A 11 -0.54 -9.78 0.19
N ILE A 12 0.62 -9.13 0.21
CA ILE A 12 0.67 -7.68 0.12
C ILE A 12 -0.29 -7.21 -0.99
N ARG A 13 -0.17 -7.86 -2.14
CA ARG A 13 -1.01 -7.53 -3.27
C ARG A 13 -2.48 -7.75 -2.93
N PHE A 14 -2.79 -8.98 -2.55
CA PHE A 14 -4.15 -9.34 -2.19
C PHE A 14 -4.61 -8.58 -0.93
N GLN A 15 -3.65 -7.92 -0.31
CA GLN A 15 -3.95 -7.16 0.90
C GLN A 15 -4.69 -5.87 0.54
N THR A 16 -4.60 -5.50 -0.72
CA THR A 16 -5.26 -4.30 -1.20
C THR A 16 -6.71 -4.59 -1.58
N ARG A 17 -6.89 -5.71 -2.28
CA ARG A 17 -8.22 -6.12 -2.71
C ARG A 17 -9.24 -5.81 -1.61
N ARG A 18 -10.42 -5.38 -2.05
CA ARG A 18 -11.49 -5.05 -1.14
C ARG A 18 -11.32 -3.61 -0.62
N GLY A 19 -12.44 -2.93 -0.49
CA GLY A 19 -12.43 -1.55 -0.01
C GLY A 19 -13.12 -0.62 -1.00
N LEU A 20 -12.52 -0.53 -2.18
CA LEU A 20 -13.07 0.32 -3.23
C LEU A 20 -12.69 -0.25 -4.60
N LEU A 21 -13.66 -0.23 -5.50
CA LEU A 21 -13.43 -0.74 -6.85
C LEU A 21 -12.19 -0.06 -7.45
N GLU A 22 -12.36 1.21 -7.77
CA GLU A 22 -11.27 1.98 -8.36
C GLU A 22 -9.95 1.62 -7.68
N LEU A 23 -9.99 1.54 -6.36
CA LEU A 23 -8.81 1.19 -5.59
C LEU A 23 -8.21 -0.10 -6.11
N ASP A 24 -9.06 -1.13 -6.16
CA ASP A 24 -8.62 -2.43 -6.64
C ASP A 24 -7.86 -2.25 -7.96
N LEU A 25 -8.35 -1.31 -8.77
CA LEU A 25 -7.74 -1.04 -10.06
C LEU A 25 -6.44 -0.28 -9.84
N ILE A 26 -6.53 0.79 -9.06
CA ILE A 26 -5.38 1.62 -8.77
C ILE A 26 -4.19 0.72 -8.43
N PHE A 27 -4.43 -0.21 -7.52
CA PHE A 27 -3.40 -1.15 -7.10
C PHE A 27 -2.83 -1.91 -8.31
N GLY A 28 -3.73 -2.31 -9.18
CA GLY A 28 -3.33 -3.05 -10.37
C GLY A 28 -2.07 -2.46 -10.99
N ARG A 29 -2.03 -1.13 -11.04
CA ARG A 29 -0.89 -0.43 -11.60
C ARG A 29 0.16 -0.17 -10.52
N PHE A 30 -0.30 0.40 -9.42
CA PHE A 30 0.58 0.71 -8.30
C PHE A 30 1.45 -0.50 -7.95
N MET A 31 0.83 -1.67 -8.00
CA MET A 31 1.54 -2.90 -7.68
C MET A 31 2.62 -3.19 -8.72
N GLU A 32 2.26 -2.95 -9.98
CA GLU A 32 3.18 -3.18 -11.08
C GLU A 32 4.45 -2.33 -10.91
N LYS A 33 4.28 -1.23 -10.18
CA LYS A 33 5.39 -0.32 -9.94
C LYS A 33 6.01 -0.64 -8.58
N GLU A 34 5.16 -0.65 -7.56
CA GLU A 34 5.62 -0.94 -6.21
C GLU A 34 5.88 -2.44 -6.05
N PHE A 35 4.80 -3.19 -5.89
CA PHE A 35 4.90 -4.63 -5.73
C PHE A 35 5.90 -5.22 -6.73
N GLU A 36 6.13 -4.48 -7.80
CA GLU A 36 7.05 -4.92 -8.83
C GLU A 36 8.21 -5.69 -8.20
N HIS A 37 9.03 -4.96 -7.45
CA HIS A 37 10.17 -5.56 -6.79
C HIS A 37 10.36 -4.94 -5.41
N LEU A 38 9.31 -5.02 -4.61
CA LEU A 38 9.35 -4.47 -3.27
C LEU A 38 10.53 -5.05 -2.50
N SER A 39 10.53 -4.83 -1.20
CA SER A 39 11.60 -5.32 -0.35
C SER A 39 11.15 -5.32 1.11
N ASP A 40 11.81 -6.16 1.91
CA ASP A 40 11.49 -6.26 3.31
C ASP A 40 11.19 -4.87 3.86
N LYS A 41 12.20 -4.02 3.84
CA LYS A 41 12.07 -2.67 4.33
C LYS A 41 10.74 -2.08 3.83
N GLU A 42 10.51 -2.24 2.53
CA GLU A 42 9.30 -1.73 1.91
C GLU A 42 8.07 -2.36 2.59
N LEU A 43 8.05 -3.69 2.58
CA LEU A 43 6.94 -4.41 3.19
C LEU A 43 6.54 -3.75 4.50
N SER A 44 7.54 -3.53 5.34
CA SER A 44 7.32 -2.89 6.62
C SER A 44 6.38 -1.70 6.47
N GLU A 45 6.81 -0.74 5.65
CA GLU A 45 6.03 0.45 5.41
C GLU A 45 4.77 0.10 4.62
N PHE A 46 4.98 -0.51 3.46
CA PHE A 46 3.87 -0.89 2.60
C PHE A 46 2.73 -1.50 3.43
N SER A 47 3.09 -2.42 4.31
CA SER A 47 2.12 -3.07 5.16
C SER A 47 1.45 -2.03 6.08
N GLU A 48 2.25 -1.08 6.51
CA GLU A 48 1.75 -0.03 7.40
C GLU A 48 0.71 0.81 6.67
N ILE A 49 1.01 1.15 5.43
CA ILE A 49 0.11 1.95 4.62
C ILE A 49 -1.06 1.08 4.15
N LEU A 50 -0.72 -0.13 3.71
CA LEU A 50 -1.72 -1.06 3.24
C LEU A 50 -2.71 -1.36 4.37
N GLU A 51 -2.17 -1.41 5.58
CA GLU A 51 -2.99 -1.69 6.75
C GLU A 51 -4.34 -1.00 6.62
N PHE A 52 -4.32 0.17 6.00
CA PHE A 52 -5.53 0.94 5.81
C PHE A 52 -6.37 0.37 4.66
N GLN A 53 -7.68 0.60 4.75
CA GLN A 53 -8.59 0.12 3.73
C GLN A 53 -8.55 1.05 2.52
N ASP A 54 -9.10 0.56 1.41
CA ASP A 54 -9.14 1.32 0.19
C ASP A 54 -9.80 2.68 0.45
N GLN A 55 -11.03 2.61 0.94
CA GLN A 55 -11.78 3.81 1.25
C GLN A 55 -10.88 4.84 1.96
N GLU A 56 -10.28 4.40 3.04
CA GLU A 56 -9.39 5.26 3.82
C GLU A 56 -8.16 5.63 2.98
N LEU A 57 -7.66 4.64 2.26
CA LEU A 57 -6.48 4.85 1.43
C LEU A 57 -6.76 5.99 0.44
N LEU A 58 -7.76 5.78 -0.39
CA LEU A 58 -8.14 6.77 -1.38
C LEU A 58 -8.25 8.14 -0.70
N ALA A 59 -9.10 8.20 0.31
CA ALA A 59 -9.30 9.43 1.05
C ALA A 59 -7.94 9.99 1.48
N LEU A 60 -7.12 9.11 2.03
CA LEU A 60 -5.80 9.50 2.48
C LEU A 60 -5.09 10.29 1.38
N ILE A 61 -4.92 9.63 0.25
CA ILE A 61 -4.27 10.26 -0.89
C ILE A 61 -4.99 11.56 -1.24
N ASN A 62 -6.31 11.48 -1.26
CA ASN A 62 -7.12 12.64 -1.58
C ASN A 62 -6.86 13.74 -0.54
N GLY A 63 -6.53 13.31 0.66
CA GLY A 63 -6.24 14.23 1.74
C GLY A 63 -7.37 14.23 2.78
N HIS A 64 -8.04 13.09 2.87
CA HIS A 64 -9.14 12.95 3.80
C HIS A 64 -8.61 12.47 5.15
N SER A 65 -8.50 11.15 5.27
CA SER A 65 -8.00 10.56 6.51
C SER A 65 -6.60 11.06 6.80
N GLU A 66 -6.09 10.66 7.96
CA GLU A 66 -4.75 11.07 8.36
C GLU A 66 -3.87 9.84 8.61
N THR A 67 -2.59 10.09 8.82
CA THR A 67 -1.64 9.03 9.06
C THR A 67 -0.98 9.20 10.43
N ASP A 68 -1.15 8.19 11.27
CA ASP A 68 -0.58 8.23 12.61
C ASP A 68 0.81 7.60 12.58
N LYS A 69 1.38 7.55 11.39
CA LYS A 69 2.70 6.97 11.20
C LYS A 69 3.49 7.82 10.21
N GLY A 70 4.59 8.37 10.69
CA GLY A 70 5.44 9.21 9.86
C GLY A 70 6.18 8.36 8.82
N HIS A 71 6.08 7.05 8.98
CA HIS A 71 6.73 6.13 8.07
C HIS A 71 5.91 6.01 6.79
N LEU A 72 4.77 6.67 6.80
CA LEU A 72 3.88 6.65 5.63
C LEU A 72 3.98 7.98 4.89
N ILE A 73 4.12 9.05 5.65
CA ILE A 73 4.23 10.38 5.08
C ILE A 73 5.03 10.29 3.78
N PRO A 74 6.22 9.65 3.87
CA PRO A 74 7.08 9.49 2.71
C PRO A 74 6.54 8.42 1.76
N MET A 75 6.41 7.22 2.30
CA MET A 75 5.90 6.11 1.51
C MET A 75 4.65 6.50 0.74
N LEU A 76 3.91 7.45 1.30
CA LEU A 76 2.69 7.94 0.69
C LEU A 76 3.04 8.68 -0.60
N GLU A 77 4.09 9.49 -0.52
CA GLU A 77 4.53 10.26 -1.67
C GLU A 77 4.88 9.33 -2.83
N LYS A 78 5.76 8.38 -2.55
CA LYS A 78 6.18 7.43 -3.56
C LYS A 78 4.98 6.55 -3.96
N ILE A 79 4.33 6.00 -2.95
CA ILE A 79 3.18 5.15 -3.19
C ILE A 79 2.11 5.94 -3.95
N ARG A 80 1.54 6.93 -3.27
CA ARG A 80 0.51 7.75 -3.87
C ARG A 80 0.93 8.17 -5.29
N ARG A 81 2.23 8.28 -5.48
CA ARG A 81 2.78 8.66 -6.77
C ARG A 81 2.11 7.86 -7.89
N ALA A 82 2.20 6.54 -7.76
CA ALA A 82 1.61 5.66 -8.75
C ALA A 82 0.08 5.70 -8.62
#